data_2WW6
# 
_entry.id   2WW6 
# 
_audit_conform.dict_name       mmcif_pdbx.dic 
_audit_conform.dict_version    5.398 
_audit_conform.dict_location   http://mmcif.pdb.org/dictionaries/ascii/mmcif_pdbx.dic 
# 
loop_
_database_2.database_id 
_database_2.database_code 
_database_2.pdbx_database_accession 
_database_2.pdbx_DOI 
PDB   2WW6         pdb_00002ww6 10.2210/pdb2ww6/pdb 
PDBE  EBI-41370    ?            ?                   
WWPDB D_1290041370 ?            ?                   
# 
loop_
_pdbx_audit_revision_history.ordinal 
_pdbx_audit_revision_history.data_content_type 
_pdbx_audit_revision_history.major_revision 
_pdbx_audit_revision_history.minor_revision 
_pdbx_audit_revision_history.revision_date 
1 'Structure model' 1 0 2010-09-29 
2 'Structure model' 1 1 2011-05-08 
3 'Structure model' 1 2 2011-07-13 
4 'Structure model' 1 3 2023-12-20 
5 'Structure model' 1 4 2024-11-06 
# 
_pdbx_audit_revision_details.ordinal             1 
_pdbx_audit_revision_details.revision_ordinal    1 
_pdbx_audit_revision_details.data_content_type   'Structure model' 
_pdbx_audit_revision_details.provider            repository 
_pdbx_audit_revision_details.type                'Initial release' 
_pdbx_audit_revision_details.description         ? 
_pdbx_audit_revision_details.details             ? 
# 
loop_
_pdbx_audit_revision_group.ordinal 
_pdbx_audit_revision_group.revision_ordinal 
_pdbx_audit_revision_group.data_content_type 
_pdbx_audit_revision_group.group 
1 2 'Structure model' 'Version format compliance' 
2 3 'Structure model' 'Version format compliance' 
3 4 'Structure model' 'Data collection'           
4 4 'Structure model' 'Database references'       
5 4 'Structure model' 'Derived calculations'      
6 4 'Structure model' Other                       
7 4 'Structure model' 'Refinement description'    
8 5 'Structure model' 'Structure summary'         
# 
loop_
_pdbx_audit_revision_category.ordinal 
_pdbx_audit_revision_category.revision_ordinal 
_pdbx_audit_revision_category.data_content_type 
_pdbx_audit_revision_category.category 
1 4 'Structure model' chem_comp_atom                
2 4 'Structure model' chem_comp_bond                
3 4 'Structure model' database_2                    
4 4 'Structure model' pdbx_database_status          
5 4 'Structure model' pdbx_initial_refinement_model 
6 4 'Structure model' struct_conn                   
7 4 'Structure model' struct_site                   
8 5 'Structure model' pdbx_entry_details            
# 
loop_
_pdbx_audit_revision_item.ordinal 
_pdbx_audit_revision_item.revision_ordinal 
_pdbx_audit_revision_item.data_content_type 
_pdbx_audit_revision_item.item 
1 4 'Structure model' '_database_2.pdbx_DOI'                         
2 4 'Structure model' '_database_2.pdbx_database_accession'          
3 4 'Structure model' '_pdbx_database_status.status_code_sf'         
4 4 'Structure model' '_struct_conn.pdbx_leaving_atom_flag'          
5 4 'Structure model' '_struct_site.pdbx_auth_asym_id'               
6 4 'Structure model' '_struct_site.pdbx_auth_comp_id'               
7 4 'Structure model' '_struct_site.pdbx_auth_seq_id'                
8 5 'Structure model' '_pdbx_entry_details.has_protein_modification' 
# 
_pdbx_database_status.status_code                     REL 
_pdbx_database_status.entry_id                        2WW6 
_pdbx_database_status.deposit_site                    PDBE 
_pdbx_database_status.process_site                    PDBE 
_pdbx_database_status.SG_entry                        . 
_pdbx_database_status.recvd_initial_deposition_date   2009-10-22 
_pdbx_database_status.pdb_format_compatible           Y 
_pdbx_database_status.status_code_sf                  REL 
_pdbx_database_status.status_code_mr                  ? 
_pdbx_database_status.status_code_cs                  ? 
_pdbx_database_status.methods_development_category    ? 
_pdbx_database_status.status_code_nmr_data            ? 
# 
_pdbx_database_related.db_name        PDB 
_pdbx_database_related.db_id          2WW7 
_pdbx_database_related.content_type   unspecified 
_pdbx_database_related.details        'FOLDON CONTAINING BETA-TURN MIMIC' 
# 
loop_
_audit_author.name 
_audit_author.pdbx_ordinal 
'Eckhardt, B.' 1 
'Grosse, W.'   2 
'Essen, L.-O.' 3 
'Geyer, A.'    4 
# 
_citation.id                        primary 
_citation.title                     'Structural Characterization of a Beta-Turn Mimic within a Protein-Protein Interface.' 
_citation.journal_abbrev            Proc.Natl.Acad.Sci.USA 
_citation.journal_volume            107 
_citation.page_first                18336 
_citation.page_last                 ? 
_citation.year                      2010 
_citation.journal_id_ASTM           PNASA6 
_citation.country                   US 
_citation.journal_id_ISSN           0027-8424 
_citation.journal_id_CSD            0040 
_citation.book_publisher            ? 
_citation.pdbx_database_id_PubMed   20937907 
_citation.pdbx_database_id_DOI      10.1073/PNAS.1004187107 
# 
loop_
_citation_author.citation_id 
_citation_author.name 
_citation_author.ordinal 
_citation_author.identifier_ORCID 
primary 'Eckhardt, B.' 1 ? 
primary 'Grosse, W.'   2 ? 
primary 'Essen, L.'    3 ? 
primary 'Geyer, A.'    4 ? 
# 
loop_
_entity.id 
_entity.type 
_entity.src_method 
_entity.pdbx_description 
_entity.formula_weight 
_entity.pdbx_number_of_molecules 
_entity.pdbx_ec 
_entity.pdbx_mutation 
_entity.pdbx_fragment 
_entity.details 
1 polymer     syn FIBRITIN               3130.573 3   ? ? 'FOLDON, RESIDUES 458-484' ? 
2 non-polymer syn 'TETRAETHYLENE GLYCOL' 194.226  1   ? ? ?                          ? 
3 water       nat water                  18.015   179 ? ? ?                          ? 
# 
_entity_name_com.entity_id   1 
_entity_name_com.name        'T4 FIBRITIN' 
# 
_entity_poly.entity_id                      1 
_entity_poly.type                           'polypeptide(L)' 
_entity_poly.nstd_linkage                   no 
_entity_poly.nstd_monomer                   yes 
_entity_poly.pdbx_seq_one_letter_code       'GYIPEAPRD(DAL)QAYVRK(DPN)GEWVLLSTFL' 
_entity_poly.pdbx_seq_one_letter_code_can   GYIPEAPRDAQAYVRKFGEWVLLSTFL 
_entity_poly.pdbx_strand_id                 A,B,C 
_entity_poly.pdbx_target_identifier         ? 
# 
loop_
_pdbx_entity_nonpoly.entity_id 
_pdbx_entity_nonpoly.name 
_pdbx_entity_nonpoly.comp_id 
2 'TETRAETHYLENE GLYCOL' PG4 
3 water                  HOH 
# 
loop_
_entity_poly_seq.entity_id 
_entity_poly_seq.num 
_entity_poly_seq.mon_id 
_entity_poly_seq.hetero 
1 1  GLY n 
1 2  TYR n 
1 3  ILE n 
1 4  PRO n 
1 5  GLU n 
1 6  ALA n 
1 7  PRO n 
1 8  ARG n 
1 9  ASP n 
1 10 DAL n 
1 11 GLN n 
1 12 ALA n 
1 13 TYR n 
1 14 VAL n 
1 15 ARG n 
1 16 LYS n 
1 17 DPN n 
1 18 GLY n 
1 19 GLU n 
1 20 TRP n 
1 21 VAL n 
1 22 LEU n 
1 23 LEU n 
1 24 SER n 
1 25 THR n 
1 26 PHE n 
1 27 LEU n 
# 
_pdbx_entity_src_syn.entity_id              1 
_pdbx_entity_src_syn.pdbx_src_id            1 
_pdbx_entity_src_syn.pdbx_alt_source_flag   sample 
_pdbx_entity_src_syn.pdbx_beg_seq_num       ? 
_pdbx_entity_src_syn.pdbx_end_seq_num       ? 
_pdbx_entity_src_syn.organism_scientific    'ENTEROBACTERIA PHAGE T4' 
_pdbx_entity_src_syn.organism_common_name   ? 
_pdbx_entity_src_syn.ncbi_taxonomy_id       10665 
_pdbx_entity_src_syn.details                ? 
# 
loop_
_chem_comp.id 
_chem_comp.type 
_chem_comp.mon_nstd_flag 
_chem_comp.name 
_chem_comp.pdbx_synonyms 
_chem_comp.formula 
_chem_comp.formula_weight 
ALA 'L-peptide linking' y ALANINE                ? 'C3 H7 N O2'     89.093  
ARG 'L-peptide linking' y ARGININE               ? 'C6 H15 N4 O2 1' 175.209 
ASP 'L-peptide linking' y 'ASPARTIC ACID'        ? 'C4 H7 N O4'     133.103 
DAL 'D-peptide linking' . D-ALANINE              ? 'C3 H7 N O2'     89.093  
DPN 'D-peptide linking' . D-PHENYLALANINE        ? 'C9 H11 N O2'    165.189 
GLN 'L-peptide linking' y GLUTAMINE              ? 'C5 H10 N2 O3'   146.144 
GLU 'L-peptide linking' y 'GLUTAMIC ACID'        ? 'C5 H9 N O4'     147.129 
GLY 'peptide linking'   y GLYCINE                ? 'C2 H5 N O2'     75.067  
HOH non-polymer         . WATER                  ? 'H2 O'           18.015  
ILE 'L-peptide linking' y ISOLEUCINE             ? 'C6 H13 N O2'    131.173 
LEU 'L-peptide linking' y LEUCINE                ? 'C6 H13 N O2'    131.173 
LYS 'L-peptide linking' y LYSINE                 ? 'C6 H15 N2 O2 1' 147.195 
PG4 non-polymer         . 'TETRAETHYLENE GLYCOL' ? 'C8 H18 O5'      194.226 
PHE 'L-peptide linking' y PHENYLALANINE          ? 'C9 H11 N O2'    165.189 
PRO 'L-peptide linking' y PROLINE                ? 'C5 H9 N O2'     115.130 
SER 'L-peptide linking' y SERINE                 ? 'C3 H7 N O3'     105.093 
THR 'L-peptide linking' y THREONINE              ? 'C4 H9 N O3'     119.119 
TRP 'L-peptide linking' y TRYPTOPHAN             ? 'C11 H12 N2 O2'  204.225 
TYR 'L-peptide linking' y TYROSINE               ? 'C9 H11 N O3'    181.189 
VAL 'L-peptide linking' y VALINE                 ? 'C5 H11 N O2'    117.146 
# 
loop_
_pdbx_poly_seq_scheme.asym_id 
_pdbx_poly_seq_scheme.entity_id 
_pdbx_poly_seq_scheme.seq_id 
_pdbx_poly_seq_scheme.mon_id 
_pdbx_poly_seq_scheme.ndb_seq_num 
_pdbx_poly_seq_scheme.pdb_seq_num 
_pdbx_poly_seq_scheme.auth_seq_num 
_pdbx_poly_seq_scheme.pdb_mon_id 
_pdbx_poly_seq_scheme.auth_mon_id 
_pdbx_poly_seq_scheme.pdb_strand_id 
_pdbx_poly_seq_scheme.pdb_ins_code 
_pdbx_poly_seq_scheme.hetero 
A 1 1  GLY 1  1  1  GLY GLY A . n 
A 1 2  TYR 2  2  2  TYR TYR A . n 
A 1 3  ILE 3  3  3  ILE ILE A . n 
A 1 4  PRO 4  4  4  PRO PRO A . n 
A 1 5  GLU 5  5  5  GLU GLU A . n 
A 1 6  ALA 6  6  6  ALA ALA A . n 
A 1 7  PRO 7  7  7  PRO PRO A . n 
A 1 8  ARG 8  8  8  ARG ARG A . n 
A 1 9  ASP 9  9  9  ASP ASP A . n 
A 1 10 DAL 10 10 10 DAL DAL A . n 
A 1 11 GLN 11 11 11 GLN GLN A . n 
A 1 12 ALA 12 12 12 ALA ALA A . n 
A 1 13 TYR 13 13 13 TYR TYR A . n 
A 1 14 VAL 14 14 14 VAL VAL A . n 
A 1 15 ARG 15 15 15 ARG ARG A . n 
A 1 16 LYS 16 16 16 LYS LYS A . n 
A 1 17 DPN 17 17 17 DPN DPN A . n 
A 1 18 GLY 18 18 18 GLY GLY A . n 
A 1 19 GLU 19 19 19 GLU GLU A . n 
A 1 20 TRP 20 20 20 TRP TRP A . n 
A 1 21 VAL 21 21 21 VAL VAL A . n 
A 1 22 LEU 22 22 22 LEU LEU A . n 
A 1 23 LEU 23 23 23 LEU LEU A . n 
A 1 24 SER 24 24 24 SER SER A . n 
A 1 25 THR 25 25 25 THR THR A . n 
A 1 26 PHE 26 26 26 PHE PHE A . n 
A 1 27 LEU 27 27 27 LEU LEU A . n 
B 1 1  GLY 1  1  1  GLY GLY B . n 
B 1 2  TYR 2  2  2  TYR TYR B . n 
B 1 3  ILE 3  3  3  ILE ILE B . n 
B 1 4  PRO 4  4  4  PRO PRO B . n 
B 1 5  GLU 5  5  5  GLU GLU B . n 
B 1 6  ALA 6  6  6  ALA ALA B . n 
B 1 7  PRO 7  7  7  PRO PRO B . n 
B 1 8  ARG 8  8  8  ARG ARG B . n 
B 1 9  ASP 9  9  9  ASP ASP B . n 
B 1 10 DAL 10 10 10 DAL DAL B . n 
B 1 11 GLN 11 11 11 GLN GLN B . n 
B 1 12 ALA 12 12 12 ALA ALA B . n 
B 1 13 TYR 13 13 13 TYR TYR B . n 
B 1 14 VAL 14 14 14 VAL VAL B . n 
B 1 15 ARG 15 15 15 ARG ARG B . n 
B 1 16 LYS 16 16 16 LYS LYS B . n 
B 1 17 DPN 17 17 17 DPN DPN B . n 
B 1 18 GLY 18 18 18 GLY GLY B . n 
B 1 19 GLU 19 19 19 GLU GLU B . n 
B 1 20 TRP 20 20 20 TRP TRP B . n 
B 1 21 VAL 21 21 21 VAL VAL B . n 
B 1 22 LEU 22 22 22 LEU LEU B . n 
B 1 23 LEU 23 23 23 LEU LEU B . n 
B 1 24 SER 24 24 24 SER SER B . n 
B 1 25 THR 25 25 25 THR THR B . n 
B 1 26 PHE 26 26 26 PHE PHE B . n 
B 1 27 LEU 27 27 27 LEU LEU B . n 
C 1 1  GLY 1  1  1  GLY GLY C . n 
C 1 2  TYR 2  2  2  TYR TYR C . n 
C 1 3  ILE 3  3  3  ILE ILE C . n 
C 1 4  PRO 4  4  4  PRO PRO C . n 
C 1 5  GLU 5  5  5  GLU GLU C . n 
C 1 6  ALA 6  6  6  ALA ALA C . n 
C 1 7  PRO 7  7  7  PRO PRO C . n 
C 1 8  ARG 8  8  8  ARG ARG C . n 
C 1 9  ASP 9  9  9  ASP ASP C . n 
C 1 10 DAL 10 10 10 DAL DAL C . n 
C 1 11 GLN 11 11 11 GLN GLN C . n 
C 1 12 ALA 12 12 12 ALA ALA C . n 
C 1 13 TYR 13 13 13 TYR TYR C . n 
C 1 14 VAL 14 14 14 VAL VAL C . n 
C 1 15 ARG 15 15 15 ARG ARG C . n 
C 1 16 LYS 16 16 16 LYS LYS C . n 
C 1 17 DPN 17 17 17 DPN DPN C . n 
C 1 18 GLY 18 18 18 GLY GLY C . n 
C 1 19 GLU 19 19 19 GLU GLU C . n 
C 1 20 TRP 20 20 20 TRP TRP C . n 
C 1 21 VAL 21 21 21 VAL VAL C . n 
C 1 22 LEU 22 22 22 LEU LEU C . n 
C 1 23 LEU 23 23 23 LEU LEU C . n 
C 1 24 SER 24 24 24 SER SER C . n 
C 1 25 THR 25 25 25 THR THR C . n 
C 1 26 PHE 26 26 26 PHE PHE C . n 
C 1 27 LEU 27 27 27 LEU LEU C . n 
# 
loop_
_pdbx_nonpoly_scheme.asym_id 
_pdbx_nonpoly_scheme.entity_id 
_pdbx_nonpoly_scheme.mon_id 
_pdbx_nonpoly_scheme.ndb_seq_num 
_pdbx_nonpoly_scheme.pdb_seq_num 
_pdbx_nonpoly_scheme.auth_seq_num 
_pdbx_nonpoly_scheme.pdb_mon_id 
_pdbx_nonpoly_scheme.auth_mon_id 
_pdbx_nonpoly_scheme.pdb_strand_id 
_pdbx_nonpoly_scheme.pdb_ins_code 
D 2 PG4 1  1028 1028 PG4 PG4 C . 
E 3 HOH 1  2001 2001 HOH HOH A . 
E 3 HOH 2  2002 2002 HOH HOH A . 
E 3 HOH 3  2003 2003 HOH HOH A . 
E 3 HOH 4  2004 2004 HOH HOH A . 
E 3 HOH 5  2005 2005 HOH HOH A . 
E 3 HOH 6  2006 2006 HOH HOH A . 
E 3 HOH 7  2007 2007 HOH HOH A . 
E 3 HOH 8  2008 2008 HOH HOH A . 
E 3 HOH 9  2009 2009 HOH HOH A . 
E 3 HOH 10 2010 2010 HOH HOH A . 
E 3 HOH 11 2011 2011 HOH HOH A . 
E 3 HOH 12 2012 2012 HOH HOH A . 
E 3 HOH 13 2013 2013 HOH HOH A . 
E 3 HOH 14 2014 2014 HOH HOH A . 
E 3 HOH 15 2015 2015 HOH HOH A . 
E 3 HOH 16 2016 2016 HOH HOH A . 
E 3 HOH 17 2017 2017 HOH HOH A . 
E 3 HOH 18 2018 2018 HOH HOH A . 
E 3 HOH 19 2019 2019 HOH HOH A . 
E 3 HOH 20 2020 2020 HOH HOH A . 
E 3 HOH 21 2021 2021 HOH HOH A . 
E 3 HOH 22 2022 2022 HOH HOH A . 
E 3 HOH 23 2023 2023 HOH HOH A . 
E 3 HOH 24 2024 2024 HOH HOH A . 
E 3 HOH 25 2025 2025 HOH HOH A . 
E 3 HOH 26 2026 2026 HOH HOH A . 
E 3 HOH 27 2027 2027 HOH HOH A . 
E 3 HOH 28 2028 2028 HOH HOH A . 
E 3 HOH 29 2029 2029 HOH HOH A . 
E 3 HOH 30 2030 2030 HOH HOH A . 
E 3 HOH 31 2031 2031 HOH HOH A . 
E 3 HOH 32 2032 2032 HOH HOH A . 
E 3 HOH 33 2033 2033 HOH HOH A . 
E 3 HOH 34 2034 2034 HOH HOH A . 
E 3 HOH 35 2035 2035 HOH HOH A . 
E 3 HOH 36 2036 2036 HOH HOH A . 
E 3 HOH 37 2037 2037 HOH HOH A . 
E 3 HOH 38 2038 2038 HOH HOH A . 
E 3 HOH 39 2039 2039 HOH HOH A . 
E 3 HOH 40 2040 2040 HOH HOH A . 
E 3 HOH 41 2041 2041 HOH HOH A . 
E 3 HOH 42 2042 2042 HOH HOH A . 
E 3 HOH 43 2043 2043 HOH HOH A . 
E 3 HOH 44 2044 2044 HOH HOH A . 
E 3 HOH 45 2045 2045 HOH HOH A . 
E 3 HOH 46 2046 2046 HOH HOH A . 
E 3 HOH 47 2047 2047 HOH HOH A . 
E 3 HOH 48 2048 2048 HOH HOH A . 
E 3 HOH 49 2049 2049 HOH HOH A . 
E 3 HOH 50 2050 2050 HOH HOH A . 
E 3 HOH 51 2051 2051 HOH HOH A . 
E 3 HOH 52 2052 2052 HOH HOH A . 
E 3 HOH 53 2053 2053 HOH HOH A . 
E 3 HOH 54 2054 2054 HOH HOH A . 
E 3 HOH 55 2055 2055 HOH HOH A . 
E 3 HOH 56 2056 2056 HOH HOH A . 
E 3 HOH 57 2057 2057 HOH HOH A . 
E 3 HOH 58 2058 2058 HOH HOH A . 
F 3 HOH 1  2001 2001 HOH HOH B . 
F 3 HOH 2  2002 2002 HOH HOH B . 
F 3 HOH 3  2003 2003 HOH HOH B . 
F 3 HOH 4  2004 2004 HOH HOH B . 
F 3 HOH 5  2005 2005 HOH HOH B . 
F 3 HOH 6  2006 2006 HOH HOH B . 
F 3 HOH 7  2007 2007 HOH HOH B . 
F 3 HOH 8  2008 2008 HOH HOH B . 
F 3 HOH 9  2009 2009 HOH HOH B . 
F 3 HOH 10 2010 2010 HOH HOH B . 
F 3 HOH 11 2011 2011 HOH HOH B . 
F 3 HOH 12 2012 2012 HOH HOH B . 
F 3 HOH 13 2013 2013 HOH HOH B . 
F 3 HOH 14 2014 2014 HOH HOH B . 
F 3 HOH 15 2015 2015 HOH HOH B . 
F 3 HOH 16 2016 2016 HOH HOH B . 
F 3 HOH 17 2017 2017 HOH HOH B . 
F 3 HOH 18 2018 2018 HOH HOH B . 
F 3 HOH 19 2019 2019 HOH HOH B . 
F 3 HOH 20 2020 2020 HOH HOH B . 
F 3 HOH 21 2021 2021 HOH HOH B . 
F 3 HOH 22 2022 2022 HOH HOH B . 
F 3 HOH 23 2023 2023 HOH HOH B . 
F 3 HOH 24 2024 2024 HOH HOH B . 
F 3 HOH 25 2025 2025 HOH HOH B . 
F 3 HOH 26 2026 2026 HOH HOH B . 
F 3 HOH 27 2027 2027 HOH HOH B . 
F 3 HOH 28 2028 2028 HOH HOH B . 
F 3 HOH 29 2029 2029 HOH HOH B . 
F 3 HOH 30 2030 2030 HOH HOH B . 
F 3 HOH 31 2031 2031 HOH HOH B . 
F 3 HOH 32 2032 2032 HOH HOH B . 
F 3 HOH 33 2033 2033 HOH HOH B . 
F 3 HOH 34 2034 2034 HOH HOH B . 
F 3 HOH 35 2035 2035 HOH HOH B . 
F 3 HOH 36 2036 2036 HOH HOH B . 
F 3 HOH 37 2037 2037 HOH HOH B . 
F 3 HOH 38 2038 2038 HOH HOH B . 
F 3 HOH 39 2039 2039 HOH HOH B . 
F 3 HOH 40 2040 2040 HOH HOH B . 
F 3 HOH 41 2041 2041 HOH HOH B . 
F 3 HOH 42 2042 2042 HOH HOH B . 
F 3 HOH 43 2043 2043 HOH HOH B . 
F 3 HOH 44 2044 2044 HOH HOH B . 
F 3 HOH 45 2045 2045 HOH HOH B . 
F 3 HOH 46 2046 2046 HOH HOH B . 
F 3 HOH 47 2047 2047 HOH HOH B . 
F 3 HOH 48 2048 2048 HOH HOH B . 
F 3 HOH 49 2049 2049 HOH HOH B . 
F 3 HOH 50 2050 2050 HOH HOH B . 
F 3 HOH 51 2051 2051 HOH HOH B . 
F 3 HOH 52 2052 2052 HOH HOH B . 
F 3 HOH 53 2053 2053 HOH HOH B . 
F 3 HOH 54 2054 2054 HOH HOH B . 
F 3 HOH 55 2055 2055 HOH HOH B . 
F 3 HOH 56 2056 2056 HOH HOH B . 
F 3 HOH 57 2057 2057 HOH HOH B . 
F 3 HOH 58 2058 2058 HOH HOH B . 
F 3 HOH 59 2059 2059 HOH HOH B . 
F 3 HOH 60 2060 2060 HOH HOH B . 
G 3 HOH 1  2001 2001 HOH HOH C . 
G 3 HOH 2  2002 2002 HOH HOH C . 
G 3 HOH 3  2003 2003 HOH HOH C . 
G 3 HOH 4  2004 2004 HOH HOH C . 
G 3 HOH 5  2005 2005 HOH HOH C . 
G 3 HOH 6  2006 2006 HOH HOH C . 
G 3 HOH 7  2007 2007 HOH HOH C . 
G 3 HOH 8  2008 2008 HOH HOH C . 
G 3 HOH 9  2009 2009 HOH HOH C . 
G 3 HOH 10 2010 2010 HOH HOH C . 
G 3 HOH 11 2011 2011 HOH HOH C . 
G 3 HOH 12 2012 2012 HOH HOH C . 
G 3 HOH 13 2013 2013 HOH HOH C . 
G 3 HOH 14 2014 2014 HOH HOH C . 
G 3 HOH 15 2015 2015 HOH HOH C . 
G 3 HOH 16 2016 2016 HOH HOH C . 
G 3 HOH 17 2017 2017 HOH HOH C . 
G 3 HOH 18 2018 2018 HOH HOH C . 
G 3 HOH 19 2019 2019 HOH HOH C . 
G 3 HOH 20 2020 2020 HOH HOH C . 
G 3 HOH 21 2021 2021 HOH HOH C . 
G 3 HOH 22 2022 2022 HOH HOH C . 
G 3 HOH 23 2023 2023 HOH HOH C . 
G 3 HOH 24 2024 2024 HOH HOH C . 
G 3 HOH 25 2025 2025 HOH HOH C . 
G 3 HOH 26 2026 2026 HOH HOH C . 
G 3 HOH 27 2027 2027 HOH HOH C . 
G 3 HOH 28 2028 2028 HOH HOH C . 
G 3 HOH 29 2029 2029 HOH HOH C . 
G 3 HOH 30 2030 2030 HOH HOH C . 
G 3 HOH 31 2031 2031 HOH HOH C . 
G 3 HOH 32 2032 2032 HOH HOH C . 
G 3 HOH 33 2033 2033 HOH HOH C . 
G 3 HOH 34 2034 2034 HOH HOH C . 
G 3 HOH 35 2035 2035 HOH HOH C . 
G 3 HOH 36 2036 2036 HOH HOH C . 
G 3 HOH 37 2037 2037 HOH HOH C . 
G 3 HOH 38 2038 2038 HOH HOH C . 
G 3 HOH 39 2039 2039 HOH HOH C . 
G 3 HOH 40 2040 2040 HOH HOH C . 
G 3 HOH 41 2041 2041 HOH HOH C . 
G 3 HOH 42 2042 2042 HOH HOH C . 
G 3 HOH 43 2043 2043 HOH HOH C . 
G 3 HOH 44 2044 2044 HOH HOH C . 
G 3 HOH 45 2045 2045 HOH HOH C . 
G 3 HOH 46 2046 2046 HOH HOH C . 
G 3 HOH 47 2047 2047 HOH HOH C . 
G 3 HOH 48 2048 2048 HOH HOH C . 
G 3 HOH 49 2049 2049 HOH HOH C . 
G 3 HOH 50 2050 2050 HOH HOH C . 
G 3 HOH 51 2051 2051 HOH HOH C . 
G 3 HOH 52 2052 2052 HOH HOH C . 
G 3 HOH 53 2053 2053 HOH HOH C . 
G 3 HOH 54 2054 2054 HOH HOH C . 
G 3 HOH 55 2055 2055 HOH HOH C . 
G 3 HOH 56 2056 2056 HOH HOH C . 
G 3 HOH 57 2057 2057 HOH HOH C . 
G 3 HOH 58 2058 2058 HOH HOH C . 
G 3 HOH 59 2059 2059 HOH HOH C . 
G 3 HOH 60 2060 2060 HOH HOH C . 
G 3 HOH 61 2061 2061 HOH HOH C . 
# 
loop_
_pdbx_unobs_or_zero_occ_atoms.id 
_pdbx_unobs_or_zero_occ_atoms.PDB_model_num 
_pdbx_unobs_or_zero_occ_atoms.polymer_flag 
_pdbx_unobs_or_zero_occ_atoms.occupancy_flag 
_pdbx_unobs_or_zero_occ_atoms.auth_asym_id 
_pdbx_unobs_or_zero_occ_atoms.auth_comp_id 
_pdbx_unobs_or_zero_occ_atoms.auth_seq_id 
_pdbx_unobs_or_zero_occ_atoms.PDB_ins_code 
_pdbx_unobs_or_zero_occ_atoms.auth_atom_id 
_pdbx_unobs_or_zero_occ_atoms.label_alt_id 
_pdbx_unobs_or_zero_occ_atoms.label_asym_id 
_pdbx_unobs_or_zero_occ_atoms.label_comp_id 
_pdbx_unobs_or_zero_occ_atoms.label_seq_id 
_pdbx_unobs_or_zero_occ_atoms.label_atom_id 
1 1 N 1 C PG4 1028 ? C8 ? D PG4 1 C8 
2 1 N 1 C PG4 1028 ? O5 ? D PG4 1 O5 
# 
loop_
_software.name 
_software.classification 
_software.version 
_software.citation_id 
_software.pdbx_ordinal 
REFMAC refinement       5.5.0102 ? 1 
MOSFLM 'data reduction' .        ? 2 
SCALA  'data scaling'   .        ? 3 
PHASER phasing          .        ? 4 
# 
_cell.entry_id           2WW6 
_cell.length_a           29.830 
_cell.length_b           29.830 
_cell.length_c           75.080 
_cell.angle_alpha        90.00 
_cell.angle_beta         90.00 
_cell.angle_gamma        120.00 
_cell.Z_PDB              9 
_cell.pdbx_unique_axis   ? 
# 
_symmetry.entry_id                         2WW6 
_symmetry.space_group_name_H-M             'P 32' 
_symmetry.pdbx_full_space_group_name_H-M   ? 
_symmetry.cell_setting                     ? 
_symmetry.Int_Tables_number                145 
# 
_exptl.entry_id          2WW6 
_exptl.method            'X-RAY DIFFRACTION' 
_exptl.crystals_number   1 
# 
_exptl_crystal.id                    1 
_exptl_crystal.density_meas          ? 
_exptl_crystal.density_Matthews      2.21 
_exptl_crystal.density_percent_sol   41.92 
_exptl_crystal.description           'ONLY FOLDON PART OF STRUCTURE WAS USED AS A MODEL' 
# 
_exptl_crystal_grow.crystal_id      1 
_exptl_crystal_grow.method          ? 
_exptl_crystal_grow.temp            ? 
_exptl_crystal_grow.temp_details    ? 
_exptl_crystal_grow.pH              7 
_exptl_crystal_grow.pdbx_pH_range   ? 
_exptl_crystal_grow.pdbx_details    '9 MM POTASSIUM PHOSPHATE, PH 7.0, 10% D2O' 
# 
_diffrn.id                     1 
_diffrn.ambient_temp           100 
_diffrn.ambient_temp_details   ? 
_diffrn.crystal_id             1 
# 
_diffrn_detector.diffrn_id              1 
_diffrn_detector.detector               CCD 
_diffrn_detector.type                   'ADSC CCD' 
_diffrn_detector.pdbx_collection_date   2009-02-02 
_diffrn_detector.details                ? 
# 
_diffrn_radiation.diffrn_id                        1 
_diffrn_radiation.wavelength_id                    1 
_diffrn_radiation.pdbx_monochromatic_or_laue_m_l   M 
_diffrn_radiation.monochromator                    ? 
_diffrn_radiation.pdbx_diffrn_protocol             'SINGLE WAVELENGTH' 
_diffrn_radiation.pdbx_scattering_type             x-ray 
# 
_diffrn_radiation_wavelength.id           1 
_diffrn_radiation_wavelength.wavelength   0.76990 
_diffrn_radiation_wavelength.wt           1.0 
# 
_diffrn_source.diffrn_id                   1 
_diffrn_source.source                      SYNCHROTRON 
_diffrn_source.type                        'ESRF BEAMLINE ID23-1' 
_diffrn_source.pdbx_synchrotron_site       ESRF 
_diffrn_source.pdbx_synchrotron_beamline   ID23-1 
_diffrn_source.pdbx_wavelength             0.76990 
_diffrn_source.pdbx_wavelength_list        ? 
# 
_reflns.pdbx_diffrn_id               1 
_reflns.pdbx_ordinal                 1 
_reflns.entry_id                     2WW6 
_reflns.observed_criterion_sigma_I   -3.0 
_reflns.observed_criterion_sigma_F   ? 
_reflns.d_resolution_low             20.00 
_reflns.d_resolution_high            0.98 
_reflns.number_obs                   42623 
_reflns.number_all                   ? 
_reflns.percent_possible_obs         99.2 
_reflns.pdbx_Rmerge_I_obs            0.05 
_reflns.pdbx_Rsym_value              ? 
_reflns.pdbx_netI_over_sigmaI        10.40 
_reflns.B_iso_Wilson_estimate        7.139 
_reflns.pdbx_redundancy              2.3 
# 
_reflns_shell.pdbx_diffrn_id         1 
_reflns_shell.pdbx_ordinal           1 
_reflns_shell.d_res_high             0.98 
_reflns_shell.d_res_low              1.03 
_reflns_shell.percent_possible_all   98.4 
_reflns_shell.Rmerge_I_obs           0.28 
_reflns_shell.pdbx_Rsym_value        ? 
_reflns_shell.meanI_over_sigI_obs    2.80 
_reflns_shell.pdbx_redundancy        2.2 
# 
_refine.pdbx_refine_id                           'X-RAY DIFFRACTION' 
_refine.entry_id                                 2WW6 
_refine.pdbx_diffrn_id                           1 
_refine.pdbx_TLS_residual_ADP_flag               ? 
_refine.ls_number_reflns_obs                     41289 
_refine.ls_number_reflns_all                     ? 
_refine.pdbx_ls_sigma_I                          ? 
_refine.pdbx_ls_sigma_F                          . 
_refine.pdbx_data_cutoff_high_absF               ? 
_refine.pdbx_data_cutoff_low_absF                ? 
_refine.pdbx_data_cutoff_high_rms_absF           ? 
_refine.ls_d_res_low                             17.98 
_refine.ls_d_res_high                            0.98 
_refine.ls_percent_reflns_obs                    99.23 
_refine.ls_R_factor_obs                          0.12979 
_refine.ls_R_factor_all                          ? 
_refine.ls_R_factor_R_work                       0.12922 
_refine.ls_R_factor_R_free                       0.14710 
_refine.ls_R_factor_R_free_error                 ? 
_refine.ls_R_factor_R_free_error_details         ? 
_refine.ls_percent_reflns_R_free                 3.1 
_refine.ls_number_reflns_R_free                  1300 
_refine.ls_number_parameters                     ? 
_refine.ls_number_restraints                     ? 
_refine.occupancy_min                            ? 
_refine.occupancy_max                            ? 
_refine.correlation_coeff_Fo_to_Fc               0.981 
_refine.correlation_coeff_Fo_to_Fc_free          0.977 
_refine.B_iso_mean                               7.614 
_refine.aniso_B[1][1]                            0.42 
_refine.aniso_B[2][2]                            0.42 
_refine.aniso_B[3][3]                            -0.63 
_refine.aniso_B[1][2]                            0.21 
_refine.aniso_B[1][3]                            0.00 
_refine.aniso_B[2][3]                            0.00 
_refine.solvent_model_details                    'SIMPLE SCALING' 
_refine.solvent_model_param_ksol                 ? 
_refine.solvent_model_param_bsol                 ? 
_refine.pdbx_solvent_vdw_probe_radii             1.20 
_refine.pdbx_solvent_ion_probe_radii             0.80 
_refine.pdbx_solvent_shrinkage_radii             0.80 
_refine.pdbx_ls_cross_valid_method               THROUGHOUT 
_refine.details                                  
'HYDROGENS HAVE BEEN ADDED IN THE RIDING POSITIONS. U VALUES HAVE BEEN REFINED INDIVIDUALLY.' 
_refine.pdbx_starting_model                      'PDB ENTRY 1NAY' 
_refine.pdbx_method_to_determine_struct          'MOLECULAR REPLACEMENT' 
_refine.pdbx_isotropic_thermal_model             ? 
_refine.pdbx_stereochemistry_target_values       'MAXIMUM LIKELIHOOD' 
_refine.pdbx_stereochem_target_val_spec_case     ? 
_refine.pdbx_R_Free_selection_details            RANDOM 
_refine.pdbx_overall_ESU_R                       0.021 
_refine.pdbx_overall_ESU_R_Free                  0.022 
_refine.overall_SU_ML                            0.015 
_refine.pdbx_overall_phase_error                 ? 
_refine.overall_SU_B                             0.609 
_refine.overall_SU_R_Cruickshank_DPI             ? 
_refine.pdbx_overall_SU_R_free_Cruickshank_DPI   ? 
_refine.pdbx_overall_SU_R_Blow_DPI               ? 
_refine.pdbx_overall_SU_R_free_Blow_DPI          ? 
# 
_refine_hist.pdbx_refine_id                   'X-RAY DIFFRACTION' 
_refine_hist.cycle_id                         LAST 
_refine_hist.pdbx_number_atoms_protein        669 
_refine_hist.pdbx_number_atoms_nucleic_acid   0 
_refine_hist.pdbx_number_atoms_ligand         11 
_refine_hist.number_atoms_solvent             179 
_refine_hist.number_atoms_total               859 
_refine_hist.d_res_high                       0.98 
_refine_hist.d_res_low                        17.98 
# 
loop_
_refine_ls_restr.type 
_refine_ls_restr.dev_ideal 
_refine_ls_restr.dev_ideal_target 
_refine_ls_restr.weight 
_refine_ls_restr.number 
_refine_ls_restr.pdbx_refine_id 
_refine_ls_restr.pdbx_restraint_function 
r_bond_refined_d             0.010  0.022  ? 770  'X-RAY DIFFRACTION' ? 
r_bond_other_d               0.001  0.020  ? 541  'X-RAY DIFFRACTION' ? 
r_angle_refined_deg          1.246  1.974  ? 1064 'X-RAY DIFFRACTION' ? 
r_angle_other_deg            0.820  3.000  ? 1312 'X-RAY DIFFRACTION' ? 
r_dihedral_angle_1_deg       5.682  5.000  ? 96   'X-RAY DIFFRACTION' ? 
r_dihedral_angle_2_deg       37.669 21.875 ? 32   'X-RAY DIFFRACTION' ? 
r_dihedral_angle_3_deg       8.640  15.000 ? 113  'X-RAY DIFFRACTION' ? 
r_dihedral_angle_4_deg       7.854  15.000 ? 6    'X-RAY DIFFRACTION' ? 
r_chiral_restr               0.101  0.200  ? 112  'X-RAY DIFFRACTION' ? 
r_gen_planes_refined         0.008  0.021  ? 851  'X-RAY DIFFRACTION' ? 
r_gen_planes_other           0.001  0.020  ? 183  'X-RAY DIFFRACTION' ? 
r_nbd_refined                ?      ?      ? ?    'X-RAY DIFFRACTION' ? 
r_nbd_other                  ?      ?      ? ?    'X-RAY DIFFRACTION' ? 
r_nbtor_refined              ?      ?      ? ?    'X-RAY DIFFRACTION' ? 
r_nbtor_other                ?      ?      ? ?    'X-RAY DIFFRACTION' ? 
r_xyhbond_nbd_refined        ?      ?      ? ?    'X-RAY DIFFRACTION' ? 
r_xyhbond_nbd_other          ?      ?      ? ?    'X-RAY DIFFRACTION' ? 
r_metal_ion_refined          ?      ?      ? ?    'X-RAY DIFFRACTION' ? 
r_metal_ion_other            ?      ?      ? ?    'X-RAY DIFFRACTION' ? 
r_symmetry_vdw_refined       ?      ?      ? ?    'X-RAY DIFFRACTION' ? 
r_symmetry_vdw_other         ?      ?      ? ?    'X-RAY DIFFRACTION' ? 
r_symmetry_hbond_refined     ?      ?      ? ?    'X-RAY DIFFRACTION' ? 
r_symmetry_hbond_other       ?      ?      ? ?    'X-RAY DIFFRACTION' ? 
r_symmetry_metal_ion_refined ?      ?      ? ?    'X-RAY DIFFRACTION' ? 
r_symmetry_metal_ion_other   ?      ?      ? ?    'X-RAY DIFFRACTION' ? 
r_mcbond_it                  1.417  2.000  ? 436  'X-RAY DIFFRACTION' ? 
r_mcbond_other               0.331  2.000  ? 169  'X-RAY DIFFRACTION' ? 
r_mcangle_it                 2.113  3.000  ? 717  'X-RAY DIFFRACTION' ? 
r_mcangle_other              ?      ?      ? ?    'X-RAY DIFFRACTION' ? 
r_scbond_it                  1.676  2.000  ? 334  'X-RAY DIFFRACTION' ? 
r_scbond_other               ?      ?      ? ?    'X-RAY DIFFRACTION' ? 
r_scangle_it                 2.541  3.000  ? 337  'X-RAY DIFFRACTION' ? 
r_scangle_other              ?      ?      ? ?    'X-RAY DIFFRACTION' ? 
r_long_range_B_refined       ?      ?      ? ?    'X-RAY DIFFRACTION' ? 
r_long_range_B_other         ?      ?      ? ?    'X-RAY DIFFRACTION' ? 
r_rigid_bond_restr           0.702  3.000  ? 1311 'X-RAY DIFFRACTION' ? 
r_sphericity_free            ?      ?      ? ?    'X-RAY DIFFRACTION' ? 
r_sphericity_bonded          ?      ?      ? ?    'X-RAY DIFFRACTION' ? 
# 
_refine_ls_shell.pdbx_refine_id                   'X-RAY DIFFRACTION' 
_refine_ls_shell.pdbx_total_number_of_bins_used   20 
_refine_ls_shell.d_res_high                       0.980 
_refine_ls_shell.d_res_low                        1.005 
_refine_ls_shell.number_reflns_R_work             3042 
_refine_ls_shell.R_factor_R_work                  0.203 
_refine_ls_shell.percent_reflns_obs               98.17 
_refine_ls_shell.R_factor_R_free                  0.225 
_refine_ls_shell.R_factor_R_free_error            ? 
_refine_ls_shell.percent_reflns_R_free            ? 
_refine_ls_shell.number_reflns_R_free             65 
_refine_ls_shell.number_reflns_all                ? 
_refine_ls_shell.R_factor_all                     ? 
# 
_struct.entry_id                  2WW6 
_struct.title                     'foldon containing D-amino acids in turn positions' 
_struct.pdbx_model_details        ? 
_struct.pdbx_CASP_flag            ? 
_struct.pdbx_model_type_details   ? 
# 
_struct_keywords.entry_id        2WW6 
_struct_keywords.pdbx_keywords   CHAPERONE 
_struct_keywords.text            'D-AMINO ACIDS, CHAPERONE, VIRAL PROTEIN' 
# 
loop_
_struct_asym.id 
_struct_asym.pdbx_blank_PDB_chainid_flag 
_struct_asym.pdbx_modified 
_struct_asym.entity_id 
_struct_asym.details 
A N N 1 ? 
B N N 1 ? 
C N N 1 ? 
D N N 2 ? 
E N N 3 ? 
F N N 3 ? 
G N N 3 ? 
# 
_struct_ref.id                         1 
_struct_ref.db_name                    UNP 
_struct_ref.db_code                    Q76VI8_BPT2 
_struct_ref.entity_id                  1 
_struct_ref.pdbx_seq_one_letter_code   ? 
_struct_ref.pdbx_align_begin           ? 
_struct_ref.pdbx_db_accession          Q76VI8 
_struct_ref.pdbx_db_isoform            ? 
# 
loop_
_struct_ref_seq.align_id 
_struct_ref_seq.ref_id 
_struct_ref_seq.pdbx_PDB_id_code 
_struct_ref_seq.pdbx_strand_id 
_struct_ref_seq.seq_align_beg 
_struct_ref_seq.pdbx_seq_align_beg_ins_code 
_struct_ref_seq.seq_align_end 
_struct_ref_seq.pdbx_seq_align_end_ins_code 
_struct_ref_seq.pdbx_db_accession 
_struct_ref_seq.db_align_beg 
_struct_ref_seq.pdbx_db_align_beg_ins_code 
_struct_ref_seq.db_align_end 
_struct_ref_seq.pdbx_db_align_end_ins_code 
_struct_ref_seq.pdbx_auth_seq_align_beg 
_struct_ref_seq.pdbx_auth_seq_align_end 
1 1 2WW6 A 1 ? 27 ? Q76VI8 458 ? 484 ? 1 27 
2 1 2WW6 B 1 ? 27 ? Q76VI8 458 ? 484 ? 1 27 
3 1 2WW6 C 1 ? 27 ? Q76VI8 458 ? 484 ? 1 27 
# 
loop_
_struct_ref_seq_dif.align_id 
_struct_ref_seq_dif.pdbx_pdb_id_code 
_struct_ref_seq_dif.mon_id 
_struct_ref_seq_dif.pdbx_pdb_strand_id 
_struct_ref_seq_dif.seq_num 
_struct_ref_seq_dif.pdbx_pdb_ins_code 
_struct_ref_seq_dif.pdbx_seq_db_name 
_struct_ref_seq_dif.pdbx_seq_db_accession_code 
_struct_ref_seq_dif.db_mon_id 
_struct_ref_seq_dif.pdbx_seq_db_seq_num 
_struct_ref_seq_dif.details 
_struct_ref_seq_dif.pdbx_auth_seq_num 
_struct_ref_seq_dif.pdbx_ordinal 
1 2WW6 DAL A 10 ? UNP Q76VI8 GLY 467 'SEE REMARK 999' 10 1 
1 2WW6 DPN A 17 ? UNP Q76VI8 ASP 474 'SEE REMARK 999' 17 2 
2 2WW6 DAL B 10 ? UNP Q76VI8 GLY 467 'SEE REMARK 999' 10 3 
2 2WW6 DPN B 17 ? UNP Q76VI8 ASP 474 'SEE REMARK 999' 17 4 
3 2WW6 DAL C 10 ? UNP Q76VI8 GLY 467 'SEE REMARK 999' 10 5 
3 2WW6 DPN C 17 ? UNP Q76VI8 ASP 474 'SEE REMARK 999' 17 6 
# 
_pdbx_struct_assembly.id                   1 
_pdbx_struct_assembly.details              author_and_software_defined_assembly 
_pdbx_struct_assembly.method_details       PISA 
_pdbx_struct_assembly.oligomeric_details   trimeric 
_pdbx_struct_assembly.oligomeric_count     3 
# 
loop_
_pdbx_struct_assembly_prop.biol_id 
_pdbx_struct_assembly_prop.type 
_pdbx_struct_assembly_prop.value 
_pdbx_struct_assembly_prop.details 
1 'ABSA (A^2)' 3580  ? 
1 MORE         -29.5 ? 
1 'SSA (A^2)'  4800  ? 
# 
_pdbx_struct_assembly_gen.assembly_id       1 
_pdbx_struct_assembly_gen.oper_expression   1 
_pdbx_struct_assembly_gen.asym_id_list      A,B,C,D,E,F,G 
# 
_pdbx_struct_oper_list.id                   1 
_pdbx_struct_oper_list.type                 'identity operation' 
_pdbx_struct_oper_list.name                 1_555 
_pdbx_struct_oper_list.symmetry_operation   x,y,z 
_pdbx_struct_oper_list.matrix[1][1]         1.0000000000 
_pdbx_struct_oper_list.matrix[1][2]         0.0000000000 
_pdbx_struct_oper_list.matrix[1][3]         0.0000000000 
_pdbx_struct_oper_list.vector[1]            0.0000000000 
_pdbx_struct_oper_list.matrix[2][1]         0.0000000000 
_pdbx_struct_oper_list.matrix[2][2]         1.0000000000 
_pdbx_struct_oper_list.matrix[2][3]         0.0000000000 
_pdbx_struct_oper_list.vector[2]            0.0000000000 
_pdbx_struct_oper_list.matrix[3][1]         0.0000000000 
_pdbx_struct_oper_list.matrix[3][2]         0.0000000000 
_pdbx_struct_oper_list.matrix[3][3]         1.0000000000 
_pdbx_struct_oper_list.vector[3]            0.0000000000 
# 
_struct_biol.id   1 
# 
loop_
_struct_conf.conf_type_id 
_struct_conf.id 
_struct_conf.pdbx_PDB_helix_id 
_struct_conf.beg_label_comp_id 
_struct_conf.beg_label_asym_id 
_struct_conf.beg_label_seq_id 
_struct_conf.pdbx_beg_PDB_ins_code 
_struct_conf.end_label_comp_id 
_struct_conf.end_label_asym_id 
_struct_conf.end_label_seq_id 
_struct_conf.pdbx_end_PDB_ins_code 
_struct_conf.beg_auth_comp_id 
_struct_conf.beg_auth_asym_id 
_struct_conf.beg_auth_seq_id 
_struct_conf.end_auth_comp_id 
_struct_conf.end_auth_asym_id 
_struct_conf.end_auth_seq_id 
_struct_conf.pdbx_PDB_helix_class 
_struct_conf.details 
_struct_conf.pdbx_PDB_helix_length 
HELX_P HELX_P1 1 SER A 24 ? LEU A 27 ? SER A 24 LEU A 27 5 ? 4 
HELX_P HELX_P2 2 SER B 24 ? LEU B 27 ? SER B 24 LEU B 27 5 ? 4 
HELX_P HELX_P3 3 SER C 24 ? LEU C 27 ? SER C 24 LEU C 27 5 ? 4 
# 
_struct_conf_type.id          HELX_P 
_struct_conf_type.criteria    ? 
_struct_conf_type.reference   ? 
# 
loop_
_struct_conn.id 
_struct_conn.conn_type_id 
_struct_conn.pdbx_leaving_atom_flag 
_struct_conn.pdbx_PDB_id 
_struct_conn.ptnr1_label_asym_id 
_struct_conn.ptnr1_label_comp_id 
_struct_conn.ptnr1_label_seq_id 
_struct_conn.ptnr1_label_atom_id 
_struct_conn.pdbx_ptnr1_label_alt_id 
_struct_conn.pdbx_ptnr1_PDB_ins_code 
_struct_conn.pdbx_ptnr1_standard_comp_id 
_struct_conn.ptnr1_symmetry 
_struct_conn.ptnr2_label_asym_id 
_struct_conn.ptnr2_label_comp_id 
_struct_conn.ptnr2_label_seq_id 
_struct_conn.ptnr2_label_atom_id 
_struct_conn.pdbx_ptnr2_label_alt_id 
_struct_conn.pdbx_ptnr2_PDB_ins_code 
_struct_conn.ptnr1_auth_asym_id 
_struct_conn.ptnr1_auth_comp_id 
_struct_conn.ptnr1_auth_seq_id 
_struct_conn.ptnr2_auth_asym_id 
_struct_conn.ptnr2_auth_comp_id 
_struct_conn.ptnr2_auth_seq_id 
_struct_conn.ptnr2_symmetry 
_struct_conn.pdbx_ptnr3_label_atom_id 
_struct_conn.pdbx_ptnr3_label_seq_id 
_struct_conn.pdbx_ptnr3_label_comp_id 
_struct_conn.pdbx_ptnr3_label_asym_id 
_struct_conn.pdbx_ptnr3_label_alt_id 
_struct_conn.pdbx_ptnr3_PDB_ins_code 
_struct_conn.details 
_struct_conn.pdbx_dist_value 
_struct_conn.pdbx_value_order 
_struct_conn.pdbx_role 
covale1  covale both ? A ASP 9  C ? ? ? 1_555 A DAL 10 N ? ? A ASP 9  A DAL 10 1_555 ? ? ? ? ? ? ? 1.331 ? ? 
covale2  covale both ? A DAL 10 C ? ? ? 1_555 A GLN 11 N ? ? A DAL 10 A GLN 11 1_555 ? ? ? ? ? ? ? 1.328 ? ? 
covale3  covale both ? A LYS 16 C ? ? ? 1_555 A DPN 17 N ? ? A LYS 16 A DPN 17 1_555 ? ? ? ? ? ? ? 1.328 ? ? 
covale4  covale both ? A DPN 17 C ? ? ? 1_555 A GLY 18 N ? ? A DPN 17 A GLY 18 1_555 ? ? ? ? ? ? ? 1.329 ? ? 
covale5  covale both ? B ASP 9  C ? ? ? 1_555 B DAL 10 N ? ? B ASP 9  B DAL 10 1_555 ? ? ? ? ? ? ? 1.330 ? ? 
covale6  covale both ? B DAL 10 C ? ? ? 1_555 B GLN 11 N ? ? B DAL 10 B GLN 11 1_555 ? ? ? ? ? ? ? 1.339 ? ? 
covale7  covale both ? B LYS 16 C ? ? ? 1_555 B DPN 17 N ? ? B LYS 16 B DPN 17 1_555 ? ? ? ? ? ? ? 1.327 ? ? 
covale8  covale both ? B DPN 17 C ? ? ? 1_555 B GLY 18 N ? ? B DPN 17 B GLY 18 1_555 ? ? ? ? ? ? ? 1.328 ? ? 
covale9  covale both ? C ASP 9  C ? ? ? 1_555 C DAL 10 N ? ? C ASP 9  C DAL 10 1_555 ? ? ? ? ? ? ? 1.332 ? ? 
covale10 covale both ? C DAL 10 C ? ? ? 1_555 C GLN 11 N ? ? C DAL 10 C GLN 11 1_555 ? ? ? ? ? ? ? 1.329 ? ? 
covale11 covale both ? C LYS 16 C ? ? ? 1_555 C DPN 17 N ? ? C LYS 16 C DPN 17 1_555 ? ? ? ? ? ? ? 1.329 ? ? 
covale12 covale both ? C DPN 17 C ? ? ? 1_555 C GLY 18 N ? ? C DPN 17 C GLY 18 1_555 ? ? ? ? ? ? ? 1.325 ? ? 
# 
_struct_conn_type.id          covale 
_struct_conn_type.criteria    ? 
_struct_conn_type.reference   ? 
# 
_struct_sheet.id               AA 
_struct_sheet.type             ? 
_struct_sheet.number_strands   9 
_struct_sheet.details          ? 
# 
loop_
_struct_sheet_order.sheet_id 
_struct_sheet_order.range_id_1 
_struct_sheet_order.range_id_2 
_struct_sheet_order.offset 
_struct_sheet_order.sense 
AA 1 2 ? anti-parallel 
AA 2 3 ? anti-parallel 
AA 4 5 ? anti-parallel 
AA 5 6 ? anti-parallel 
AA 7 8 ? anti-parallel 
AA 8 9 ? anti-parallel 
# 
loop_
_struct_sheet_range.sheet_id 
_struct_sheet_range.id 
_struct_sheet_range.beg_label_comp_id 
_struct_sheet_range.beg_label_asym_id 
_struct_sheet_range.beg_label_seq_id 
_struct_sheet_range.pdbx_beg_PDB_ins_code 
_struct_sheet_range.end_label_comp_id 
_struct_sheet_range.end_label_asym_id 
_struct_sheet_range.end_label_seq_id 
_struct_sheet_range.pdbx_end_PDB_ins_code 
_struct_sheet_range.beg_auth_comp_id 
_struct_sheet_range.beg_auth_asym_id 
_struct_sheet_range.beg_auth_seq_id 
_struct_sheet_range.end_auth_comp_id 
_struct_sheet_range.end_auth_asym_id 
_struct_sheet_range.end_auth_seq_id 
AA 1 GLU A 19 ? LEU A 22 ? GLU A 19 LEU A 22 
AA 2 ALA A 12 ? LYS A 16 ? ALA A 12 LYS A 16 
AA 3 GLU C 19 ? LEU C 22 ? GLU C 19 LEU C 22 
AA 4 GLU B 19 ? LEU B 22 ? GLU B 19 LEU B 22 
AA 5 ALA B 12 ? LYS B 16 ? ALA B 12 LYS B 16 
AA 6 GLU A 19 ? LEU A 22 ? GLU A 19 LEU A 22 
AA 7 GLU C 19 ? LEU C 22 ? GLU C 19 LEU C 22 
AA 8 ALA C 12 ? LYS C 16 ? ALA C 12 LYS C 16 
AA 9 GLU B 19 ? LEU B 22 ? GLU B 19 LEU B 22 
# 
loop_
_pdbx_struct_sheet_hbond.sheet_id 
_pdbx_struct_sheet_hbond.range_id_1 
_pdbx_struct_sheet_hbond.range_id_2 
_pdbx_struct_sheet_hbond.range_1_label_atom_id 
_pdbx_struct_sheet_hbond.range_1_label_comp_id 
_pdbx_struct_sheet_hbond.range_1_label_asym_id 
_pdbx_struct_sheet_hbond.range_1_label_seq_id 
_pdbx_struct_sheet_hbond.range_1_PDB_ins_code 
_pdbx_struct_sheet_hbond.range_1_auth_atom_id 
_pdbx_struct_sheet_hbond.range_1_auth_comp_id 
_pdbx_struct_sheet_hbond.range_1_auth_asym_id 
_pdbx_struct_sheet_hbond.range_1_auth_seq_id 
_pdbx_struct_sheet_hbond.range_2_label_atom_id 
_pdbx_struct_sheet_hbond.range_2_label_comp_id 
_pdbx_struct_sheet_hbond.range_2_label_asym_id 
_pdbx_struct_sheet_hbond.range_2_label_seq_id 
_pdbx_struct_sheet_hbond.range_2_PDB_ins_code 
_pdbx_struct_sheet_hbond.range_2_auth_atom_id 
_pdbx_struct_sheet_hbond.range_2_auth_comp_id 
_pdbx_struct_sheet_hbond.range_2_auth_asym_id 
_pdbx_struct_sheet_hbond.range_2_auth_seq_id 
AA 1 2 N VAL A 21 ? N VAL A 21 O VAL A 14 ? O VAL A 14 
AA 2 3 N TYR A 13 ? N TYR A 13 O ARG C 15 ? O ARG C 15 
AA 4 5 N VAL B 21 ? N VAL B 21 O VAL B 14 ? O VAL B 14 
AA 5 6 N TYR B 13 ? N TYR B 13 O ARG A 15 ? O ARG A 15 
AA 7 8 N VAL C 21 ? N VAL C 21 O VAL C 14 ? O VAL C 14 
AA 8 9 N TYR C 13 ? N TYR C 13 O ARG B 15 ? O ARG B 15 
# 
_struct_site.id                   AC1 
_struct_site.pdbx_evidence_code   Software 
_struct_site.pdbx_auth_asym_id    C 
_struct_site.pdbx_auth_comp_id    PG4 
_struct_site.pdbx_auth_seq_id     1028 
_struct_site.pdbx_auth_ins_code   ? 
_struct_site.pdbx_num_residues    8 
_struct_site.details              'BINDING SITE FOR RESIDUE PG4 C 1028' 
# 
loop_
_struct_site_gen.id 
_struct_site_gen.site_id 
_struct_site_gen.pdbx_num_res 
_struct_site_gen.label_comp_id 
_struct_site_gen.label_asym_id 
_struct_site_gen.label_seq_id 
_struct_site_gen.pdbx_auth_ins_code 
_struct_site_gen.auth_comp_id 
_struct_site_gen.auth_asym_id 
_struct_site_gen.auth_seq_id 
_struct_site_gen.label_atom_id 
_struct_site_gen.label_alt_id 
_struct_site_gen.symmetry 
_struct_site_gen.details 
1 AC1 8 THR A 25 ? THR A 25   . ? 1_655 ? 
2 AC1 8 GLY B 1  ? GLY B 1    . ? 3_765 ? 
3 AC1 8 TYR B 2  ? TYR B 2    . ? 3_765 ? 
4 AC1 8 HOH F .  ? HOH B 2001 . ? 3_765 ? 
5 AC1 8 LEU C 22 ? LEU C 22   . ? 1_555 ? 
6 AC1 8 SER C 24 ? SER C 24   . ? 1_555 ? 
7 AC1 8 THR C 25 ? THR C 25   . ? 1_555 ? 
8 AC1 8 HOH G .  ? HOH C 2061 . ? 1_555 ? 
# 
_pdbx_entry_details.entry_id                   2WW6 
_pdbx_entry_details.compound_details           ? 
_pdbx_entry_details.source_details             ? 
_pdbx_entry_details.nonpolymer_details         ? 
_pdbx_entry_details.sequence_details           
;TWO D-AMINO ACIDS WERE INTRODUCED. FOR G10 A
 D-ALA WAS INTRODUCED, FOR D17 A D-PHE WAS INTRODUCED.
;
_pdbx_entry_details.has_ligand_of_interest     ? 
_pdbx_entry_details.has_protein_modification   N 
# 
_pdbx_validate_close_contact.id               1 
_pdbx_validate_close_contact.PDB_model_num    1 
_pdbx_validate_close_contact.auth_atom_id_1   OE2 
_pdbx_validate_close_contact.auth_asym_id_1   C 
_pdbx_validate_close_contact.auth_comp_id_1   GLU 
_pdbx_validate_close_contact.auth_seq_id_1    19 
_pdbx_validate_close_contact.PDB_ins_code_1   ? 
_pdbx_validate_close_contact.label_alt_id_1   ? 
_pdbx_validate_close_contact.auth_atom_id_2   O 
_pdbx_validate_close_contact.auth_asym_id_2   C 
_pdbx_validate_close_contact.auth_comp_id_2   HOH 
_pdbx_validate_close_contact.auth_seq_id_2    2052 
_pdbx_validate_close_contact.PDB_ins_code_2   ? 
_pdbx_validate_close_contact.label_alt_id_2   ? 
_pdbx_validate_close_contact.dist             2.13 
# 
_pdbx_validate_torsion.id              1 
_pdbx_validate_torsion.PDB_model_num   1 
_pdbx_validate_torsion.auth_comp_id    ARG 
_pdbx_validate_torsion.auth_asym_id    B 
_pdbx_validate_torsion.auth_seq_id     8 
_pdbx_validate_torsion.PDB_ins_code    ? 
_pdbx_validate_torsion.label_alt_id    ? 
_pdbx_validate_torsion.phi             -103.42 
_pdbx_validate_torsion.psi             40.69 
# 
loop_
_pdbx_database_remark.id 
_pdbx_database_remark.text 
650 
;
HELIX
DETERMINATION METHOD: AUTHOR PROVIDED.
;
700 
;
SHEET
DETERMINATION METHOD: AUTHOR PROVIDED.

THE SHEET STRUCTURE OF THIS MOLECULE IS BIFURCATED. IN
ORDER TO REPRESENT THIS FEATURE IN THE SHEET RECORDS BELOW,
TWO SHEETS ARE DEFINED.
;
# 
loop_
_chem_comp_atom.comp_id 
_chem_comp_atom.atom_id 
_chem_comp_atom.type_symbol 
_chem_comp_atom.pdbx_aromatic_flag 
_chem_comp_atom.pdbx_stereo_config 
_chem_comp_atom.pdbx_ordinal 
ALA N    N N N 1   
ALA CA   C N S 2   
ALA C    C N N 3   
ALA O    O N N 4   
ALA CB   C N N 5   
ALA OXT  O N N 6   
ALA H    H N N 7   
ALA H2   H N N 8   
ALA HA   H N N 9   
ALA HB1  H N N 10  
ALA HB2  H N N 11  
ALA HB3  H N N 12  
ALA HXT  H N N 13  
ARG N    N N N 14  
ARG CA   C N S 15  
ARG C    C N N 16  
ARG O    O N N 17  
ARG CB   C N N 18  
ARG CG   C N N 19  
ARG CD   C N N 20  
ARG NE   N N N 21  
ARG CZ   C N N 22  
ARG NH1  N N N 23  
ARG NH2  N N N 24  
ARG OXT  O N N 25  
ARG H    H N N 26  
ARG H2   H N N 27  
ARG HA   H N N 28  
ARG HB2  H N N 29  
ARG HB3  H N N 30  
ARG HG2  H N N 31  
ARG HG3  H N N 32  
ARG HD2  H N N 33  
ARG HD3  H N N 34  
ARG HE   H N N 35  
ARG HH11 H N N 36  
ARG HH12 H N N 37  
ARG HH21 H N N 38  
ARG HH22 H N N 39  
ARG HXT  H N N 40  
ASP N    N N N 41  
ASP CA   C N S 42  
ASP C    C N N 43  
ASP O    O N N 44  
ASP CB   C N N 45  
ASP CG   C N N 46  
ASP OD1  O N N 47  
ASP OD2  O N N 48  
ASP OXT  O N N 49  
ASP H    H N N 50  
ASP H2   H N N 51  
ASP HA   H N N 52  
ASP HB2  H N N 53  
ASP HB3  H N N 54  
ASP HD2  H N N 55  
ASP HXT  H N N 56  
DAL N    N N N 57  
DAL CA   C N R 58  
DAL CB   C N N 59  
DAL C    C N N 60  
DAL O    O N N 61  
DAL OXT  O N N 62  
DAL H    H N N 63  
DAL H2   H N N 64  
DAL HA   H N N 65  
DAL HB1  H N N 66  
DAL HB2  H N N 67  
DAL HB3  H N N 68  
DAL HXT  H N N 69  
DPN N    N N N 70  
DPN CA   C N R 71  
DPN C    C N N 72  
DPN O    O N N 73  
DPN OXT  O N N 74  
DPN CB   C N N 75  
DPN CG   C Y N 76  
DPN CD1  C Y N 77  
DPN CD2  C Y N 78  
DPN CE1  C Y N 79  
DPN CE2  C Y N 80  
DPN CZ   C Y N 81  
DPN H    H N N 82  
DPN H2   H N N 83  
DPN HA   H N N 84  
DPN HXT  H N N 85  
DPN HB2  H N N 86  
DPN HB3  H N N 87  
DPN HD1  H N N 88  
DPN HD2  H N N 89  
DPN HE1  H N N 90  
DPN HE2  H N N 91  
DPN HZ   H N N 92  
GLN N    N N N 93  
GLN CA   C N S 94  
GLN C    C N N 95  
GLN O    O N N 96  
GLN CB   C N N 97  
GLN CG   C N N 98  
GLN CD   C N N 99  
GLN OE1  O N N 100 
GLN NE2  N N N 101 
GLN OXT  O N N 102 
GLN H    H N N 103 
GLN H2   H N N 104 
GLN HA   H N N 105 
GLN HB2  H N N 106 
GLN HB3  H N N 107 
GLN HG2  H N N 108 
GLN HG3  H N N 109 
GLN HE21 H N N 110 
GLN HE22 H N N 111 
GLN HXT  H N N 112 
GLU N    N N N 113 
GLU CA   C N S 114 
GLU C    C N N 115 
GLU O    O N N 116 
GLU CB   C N N 117 
GLU CG   C N N 118 
GLU CD   C N N 119 
GLU OE1  O N N 120 
GLU OE2  O N N 121 
GLU OXT  O N N 122 
GLU H    H N N 123 
GLU H2   H N N 124 
GLU HA   H N N 125 
GLU HB2  H N N 126 
GLU HB3  H N N 127 
GLU HG2  H N N 128 
GLU HG3  H N N 129 
GLU HE2  H N N 130 
GLU HXT  H N N 131 
GLY N    N N N 132 
GLY CA   C N N 133 
GLY C    C N N 134 
GLY O    O N N 135 
GLY OXT  O N N 136 
GLY H    H N N 137 
GLY H2   H N N 138 
GLY HA2  H N N 139 
GLY HA3  H N N 140 
GLY HXT  H N N 141 
HOH O    O N N 142 
HOH H1   H N N 143 
HOH H2   H N N 144 
ILE N    N N N 145 
ILE CA   C N S 146 
ILE C    C N N 147 
ILE O    O N N 148 
ILE CB   C N S 149 
ILE CG1  C N N 150 
ILE CG2  C N N 151 
ILE CD1  C N N 152 
ILE OXT  O N N 153 
ILE H    H N N 154 
ILE H2   H N N 155 
ILE HA   H N N 156 
ILE HB   H N N 157 
ILE HG12 H N N 158 
ILE HG13 H N N 159 
ILE HG21 H N N 160 
ILE HG22 H N N 161 
ILE HG23 H N N 162 
ILE HD11 H N N 163 
ILE HD12 H N N 164 
ILE HD13 H N N 165 
ILE HXT  H N N 166 
LEU N    N N N 167 
LEU CA   C N S 168 
LEU C    C N N 169 
LEU O    O N N 170 
LEU CB   C N N 171 
LEU CG   C N N 172 
LEU CD1  C N N 173 
LEU CD2  C N N 174 
LEU OXT  O N N 175 
LEU H    H N N 176 
LEU H2   H N N 177 
LEU HA   H N N 178 
LEU HB2  H N N 179 
LEU HB3  H N N 180 
LEU HG   H N N 181 
LEU HD11 H N N 182 
LEU HD12 H N N 183 
LEU HD13 H N N 184 
LEU HD21 H N N 185 
LEU HD22 H N N 186 
LEU HD23 H N N 187 
LEU HXT  H N N 188 
LYS N    N N N 189 
LYS CA   C N S 190 
LYS C    C N N 191 
LYS O    O N N 192 
LYS CB   C N N 193 
LYS CG   C N N 194 
LYS CD   C N N 195 
LYS CE   C N N 196 
LYS NZ   N N N 197 
LYS OXT  O N N 198 
LYS H    H N N 199 
LYS H2   H N N 200 
LYS HA   H N N 201 
LYS HB2  H N N 202 
LYS HB3  H N N 203 
LYS HG2  H N N 204 
LYS HG3  H N N 205 
LYS HD2  H N N 206 
LYS HD3  H N N 207 
LYS HE2  H N N 208 
LYS HE3  H N N 209 
LYS HZ1  H N N 210 
LYS HZ2  H N N 211 
LYS HZ3  H N N 212 
LYS HXT  H N N 213 
PG4 O1   O N N 214 
PG4 C1   C N N 215 
PG4 C2   C N N 216 
PG4 O2   O N N 217 
PG4 C3   C N N 218 
PG4 C4   C N N 219 
PG4 O3   O N N 220 
PG4 C5   C N N 221 
PG4 C6   C N N 222 
PG4 O4   O N N 223 
PG4 C7   C N N 224 
PG4 C8   C N N 225 
PG4 O5   O N N 226 
PG4 HO1  H N N 227 
PG4 H11  H N N 228 
PG4 H12  H N N 229 
PG4 H21  H N N 230 
PG4 H22  H N N 231 
PG4 H31  H N N 232 
PG4 H32  H N N 233 
PG4 H41  H N N 234 
PG4 H42  H N N 235 
PG4 H51  H N N 236 
PG4 H52  H N N 237 
PG4 H61  H N N 238 
PG4 H62  H N N 239 
PG4 H71  H N N 240 
PG4 H72  H N N 241 
PG4 H81  H N N 242 
PG4 H82  H N N 243 
PG4 HO5  H N N 244 
PHE N    N N N 245 
PHE CA   C N S 246 
PHE C    C N N 247 
PHE O    O N N 248 
PHE CB   C N N 249 
PHE CG   C Y N 250 
PHE CD1  C Y N 251 
PHE CD2  C Y N 252 
PHE CE1  C Y N 253 
PHE CE2  C Y N 254 
PHE CZ   C Y N 255 
PHE OXT  O N N 256 
PHE H    H N N 257 
PHE H2   H N N 258 
PHE HA   H N N 259 
PHE HB2  H N N 260 
PHE HB3  H N N 261 
PHE HD1  H N N 262 
PHE HD2  H N N 263 
PHE HE1  H N N 264 
PHE HE2  H N N 265 
PHE HZ   H N N 266 
PHE HXT  H N N 267 
PRO N    N N N 268 
PRO CA   C N S 269 
PRO C    C N N 270 
PRO O    O N N 271 
PRO CB   C N N 272 
PRO CG   C N N 273 
PRO CD   C N N 274 
PRO OXT  O N N 275 
PRO H    H N N 276 
PRO HA   H N N 277 
PRO HB2  H N N 278 
PRO HB3  H N N 279 
PRO HG2  H N N 280 
PRO HG3  H N N 281 
PRO HD2  H N N 282 
PRO HD3  H N N 283 
PRO HXT  H N N 284 
SER N    N N N 285 
SER CA   C N S 286 
SER C    C N N 287 
SER O    O N N 288 
SER CB   C N N 289 
SER OG   O N N 290 
SER OXT  O N N 291 
SER H    H N N 292 
SER H2   H N N 293 
SER HA   H N N 294 
SER HB2  H N N 295 
SER HB3  H N N 296 
SER HG   H N N 297 
SER HXT  H N N 298 
THR N    N N N 299 
THR CA   C N S 300 
THR C    C N N 301 
THR O    O N N 302 
THR CB   C N R 303 
THR OG1  O N N 304 
THR CG2  C N N 305 
THR OXT  O N N 306 
THR H    H N N 307 
THR H2   H N N 308 
THR HA   H N N 309 
THR HB   H N N 310 
THR HG1  H N N 311 
THR HG21 H N N 312 
THR HG22 H N N 313 
THR HG23 H N N 314 
THR HXT  H N N 315 
TRP N    N N N 316 
TRP CA   C N S 317 
TRP C    C N N 318 
TRP O    O N N 319 
TRP CB   C N N 320 
TRP CG   C Y N 321 
TRP CD1  C Y N 322 
TRP CD2  C Y N 323 
TRP NE1  N Y N 324 
TRP CE2  C Y N 325 
TRP CE3  C Y N 326 
TRP CZ2  C Y N 327 
TRP CZ3  C Y N 328 
TRP CH2  C Y N 329 
TRP OXT  O N N 330 
TRP H    H N N 331 
TRP H2   H N N 332 
TRP HA   H N N 333 
TRP HB2  H N N 334 
TRP HB3  H N N 335 
TRP HD1  H N N 336 
TRP HE1  H N N 337 
TRP HE3  H N N 338 
TRP HZ2  H N N 339 
TRP HZ3  H N N 340 
TRP HH2  H N N 341 
TRP HXT  H N N 342 
TYR N    N N N 343 
TYR CA   C N S 344 
TYR C    C N N 345 
TYR O    O N N 346 
TYR CB   C N N 347 
TYR CG   C Y N 348 
TYR CD1  C Y N 349 
TYR CD2  C Y N 350 
TYR CE1  C Y N 351 
TYR CE2  C Y N 352 
TYR CZ   C Y N 353 
TYR OH   O N N 354 
TYR OXT  O N N 355 
TYR H    H N N 356 
TYR H2   H N N 357 
TYR HA   H N N 358 
TYR HB2  H N N 359 
TYR HB3  H N N 360 
TYR HD1  H N N 361 
TYR HD2  H N N 362 
TYR HE1  H N N 363 
TYR HE2  H N N 364 
TYR HH   H N N 365 
TYR HXT  H N N 366 
VAL N    N N N 367 
VAL CA   C N S 368 
VAL C    C N N 369 
VAL O    O N N 370 
VAL CB   C N N 371 
VAL CG1  C N N 372 
VAL CG2  C N N 373 
VAL OXT  O N N 374 
VAL H    H N N 375 
VAL H2   H N N 376 
VAL HA   H N N 377 
VAL HB   H N N 378 
VAL HG11 H N N 379 
VAL HG12 H N N 380 
VAL HG13 H N N 381 
VAL HG21 H N N 382 
VAL HG22 H N N 383 
VAL HG23 H N N 384 
VAL HXT  H N N 385 
# 
loop_
_chem_comp_bond.comp_id 
_chem_comp_bond.atom_id_1 
_chem_comp_bond.atom_id_2 
_chem_comp_bond.value_order 
_chem_comp_bond.pdbx_aromatic_flag 
_chem_comp_bond.pdbx_stereo_config 
_chem_comp_bond.pdbx_ordinal 
ALA N   CA   sing N N 1   
ALA N   H    sing N N 2   
ALA N   H2   sing N N 3   
ALA CA  C    sing N N 4   
ALA CA  CB   sing N N 5   
ALA CA  HA   sing N N 6   
ALA C   O    doub N N 7   
ALA C   OXT  sing N N 8   
ALA CB  HB1  sing N N 9   
ALA CB  HB2  sing N N 10  
ALA CB  HB3  sing N N 11  
ALA OXT HXT  sing N N 12  
ARG N   CA   sing N N 13  
ARG N   H    sing N N 14  
ARG N   H2   sing N N 15  
ARG CA  C    sing N N 16  
ARG CA  CB   sing N N 17  
ARG CA  HA   sing N N 18  
ARG C   O    doub N N 19  
ARG C   OXT  sing N N 20  
ARG CB  CG   sing N N 21  
ARG CB  HB2  sing N N 22  
ARG CB  HB3  sing N N 23  
ARG CG  CD   sing N N 24  
ARG CG  HG2  sing N N 25  
ARG CG  HG3  sing N N 26  
ARG CD  NE   sing N N 27  
ARG CD  HD2  sing N N 28  
ARG CD  HD3  sing N N 29  
ARG NE  CZ   sing N N 30  
ARG NE  HE   sing N N 31  
ARG CZ  NH1  sing N N 32  
ARG CZ  NH2  doub N N 33  
ARG NH1 HH11 sing N N 34  
ARG NH1 HH12 sing N N 35  
ARG NH2 HH21 sing N N 36  
ARG NH2 HH22 sing N N 37  
ARG OXT HXT  sing N N 38  
ASP N   CA   sing N N 39  
ASP N   H    sing N N 40  
ASP N   H2   sing N N 41  
ASP CA  C    sing N N 42  
ASP CA  CB   sing N N 43  
ASP CA  HA   sing N N 44  
ASP C   O    doub N N 45  
ASP C   OXT  sing N N 46  
ASP CB  CG   sing N N 47  
ASP CB  HB2  sing N N 48  
ASP CB  HB3  sing N N 49  
ASP CG  OD1  doub N N 50  
ASP CG  OD2  sing N N 51  
ASP OD2 HD2  sing N N 52  
ASP OXT HXT  sing N N 53  
DAL N   CA   sing N N 54  
DAL N   H    sing N N 55  
DAL N   H2   sing N N 56  
DAL CA  CB   sing N N 57  
DAL CA  C    sing N N 58  
DAL CA  HA   sing N N 59  
DAL CB  HB1  sing N N 60  
DAL CB  HB2  sing N N 61  
DAL CB  HB3  sing N N 62  
DAL C   O    doub N N 63  
DAL C   OXT  sing N N 64  
DAL OXT HXT  sing N N 65  
DPN N   CA   sing N N 66  
DPN N   H    sing N N 67  
DPN N   H2   sing N N 68  
DPN CA  C    sing N N 69  
DPN CA  CB   sing N N 70  
DPN CA  HA   sing N N 71  
DPN C   O    doub N N 72  
DPN C   OXT  sing N N 73  
DPN OXT HXT  sing N N 74  
DPN CB  CG   sing N N 75  
DPN CB  HB2  sing N N 76  
DPN CB  HB3  sing N N 77  
DPN CG  CD1  doub Y N 78  
DPN CG  CD2  sing Y N 79  
DPN CD1 CE1  sing Y N 80  
DPN CD1 HD1  sing N N 81  
DPN CD2 CE2  doub Y N 82  
DPN CD2 HD2  sing N N 83  
DPN CE1 CZ   doub Y N 84  
DPN CE1 HE1  sing N N 85  
DPN CE2 CZ   sing Y N 86  
DPN CE2 HE2  sing N N 87  
DPN CZ  HZ   sing N N 88  
GLN N   CA   sing N N 89  
GLN N   H    sing N N 90  
GLN N   H2   sing N N 91  
GLN CA  C    sing N N 92  
GLN CA  CB   sing N N 93  
GLN CA  HA   sing N N 94  
GLN C   O    doub N N 95  
GLN C   OXT  sing N N 96  
GLN CB  CG   sing N N 97  
GLN CB  HB2  sing N N 98  
GLN CB  HB3  sing N N 99  
GLN CG  CD   sing N N 100 
GLN CG  HG2  sing N N 101 
GLN CG  HG3  sing N N 102 
GLN CD  OE1  doub N N 103 
GLN CD  NE2  sing N N 104 
GLN NE2 HE21 sing N N 105 
GLN NE2 HE22 sing N N 106 
GLN OXT HXT  sing N N 107 
GLU N   CA   sing N N 108 
GLU N   H    sing N N 109 
GLU N   H2   sing N N 110 
GLU CA  C    sing N N 111 
GLU CA  CB   sing N N 112 
GLU CA  HA   sing N N 113 
GLU C   O    doub N N 114 
GLU C   OXT  sing N N 115 
GLU CB  CG   sing N N 116 
GLU CB  HB2  sing N N 117 
GLU CB  HB3  sing N N 118 
GLU CG  CD   sing N N 119 
GLU CG  HG2  sing N N 120 
GLU CG  HG3  sing N N 121 
GLU CD  OE1  doub N N 122 
GLU CD  OE2  sing N N 123 
GLU OE2 HE2  sing N N 124 
GLU OXT HXT  sing N N 125 
GLY N   CA   sing N N 126 
GLY N   H    sing N N 127 
GLY N   H2   sing N N 128 
GLY CA  C    sing N N 129 
GLY CA  HA2  sing N N 130 
GLY CA  HA3  sing N N 131 
GLY C   O    doub N N 132 
GLY C   OXT  sing N N 133 
GLY OXT HXT  sing N N 134 
HOH O   H1   sing N N 135 
HOH O   H2   sing N N 136 
ILE N   CA   sing N N 137 
ILE N   H    sing N N 138 
ILE N   H2   sing N N 139 
ILE CA  C    sing N N 140 
ILE CA  CB   sing N N 141 
ILE CA  HA   sing N N 142 
ILE C   O    doub N N 143 
ILE C   OXT  sing N N 144 
ILE CB  CG1  sing N N 145 
ILE CB  CG2  sing N N 146 
ILE CB  HB   sing N N 147 
ILE CG1 CD1  sing N N 148 
ILE CG1 HG12 sing N N 149 
ILE CG1 HG13 sing N N 150 
ILE CG2 HG21 sing N N 151 
ILE CG2 HG22 sing N N 152 
ILE CG2 HG23 sing N N 153 
ILE CD1 HD11 sing N N 154 
ILE CD1 HD12 sing N N 155 
ILE CD1 HD13 sing N N 156 
ILE OXT HXT  sing N N 157 
LEU N   CA   sing N N 158 
LEU N   H    sing N N 159 
LEU N   H2   sing N N 160 
LEU CA  C    sing N N 161 
LEU CA  CB   sing N N 162 
LEU CA  HA   sing N N 163 
LEU C   O    doub N N 164 
LEU C   OXT  sing N N 165 
LEU CB  CG   sing N N 166 
LEU CB  HB2  sing N N 167 
LEU CB  HB3  sing N N 168 
LEU CG  CD1  sing N N 169 
LEU CG  CD2  sing N N 170 
LEU CG  HG   sing N N 171 
LEU CD1 HD11 sing N N 172 
LEU CD1 HD12 sing N N 173 
LEU CD1 HD13 sing N N 174 
LEU CD2 HD21 sing N N 175 
LEU CD2 HD22 sing N N 176 
LEU CD2 HD23 sing N N 177 
LEU OXT HXT  sing N N 178 
LYS N   CA   sing N N 179 
LYS N   H    sing N N 180 
LYS N   H2   sing N N 181 
LYS CA  C    sing N N 182 
LYS CA  CB   sing N N 183 
LYS CA  HA   sing N N 184 
LYS C   O    doub N N 185 
LYS C   OXT  sing N N 186 
LYS CB  CG   sing N N 187 
LYS CB  HB2  sing N N 188 
LYS CB  HB3  sing N N 189 
LYS CG  CD   sing N N 190 
LYS CG  HG2  sing N N 191 
LYS CG  HG3  sing N N 192 
LYS CD  CE   sing N N 193 
LYS CD  HD2  sing N N 194 
LYS CD  HD3  sing N N 195 
LYS CE  NZ   sing N N 196 
LYS CE  HE2  sing N N 197 
LYS CE  HE3  sing N N 198 
LYS NZ  HZ1  sing N N 199 
LYS NZ  HZ2  sing N N 200 
LYS NZ  HZ3  sing N N 201 
LYS OXT HXT  sing N N 202 
PG4 O1  C1   sing N N 203 
PG4 O1  HO1  sing N N 204 
PG4 C1  C2   sing N N 205 
PG4 C1  H11  sing N N 206 
PG4 C1  H12  sing N N 207 
PG4 C2  O2   sing N N 208 
PG4 C2  H21  sing N N 209 
PG4 C2  H22  sing N N 210 
PG4 O2  C3   sing N N 211 
PG4 C3  C4   sing N N 212 
PG4 C3  H31  sing N N 213 
PG4 C3  H32  sing N N 214 
PG4 C4  O3   sing N N 215 
PG4 C4  H41  sing N N 216 
PG4 C4  H42  sing N N 217 
PG4 O3  C5   sing N N 218 
PG4 C5  C6   sing N N 219 
PG4 C5  H51  sing N N 220 
PG4 C5  H52  sing N N 221 
PG4 C6  O4   sing N N 222 
PG4 C6  H61  sing N N 223 
PG4 C6  H62  sing N N 224 
PG4 O4  C7   sing N N 225 
PG4 C7  C8   sing N N 226 
PG4 C7  H71  sing N N 227 
PG4 C7  H72  sing N N 228 
PG4 C8  O5   sing N N 229 
PG4 C8  H81  sing N N 230 
PG4 C8  H82  sing N N 231 
PG4 O5  HO5  sing N N 232 
PHE N   CA   sing N N 233 
PHE N   H    sing N N 234 
PHE N   H2   sing N N 235 
PHE CA  C    sing N N 236 
PHE CA  CB   sing N N 237 
PHE CA  HA   sing N N 238 
PHE C   O    doub N N 239 
PHE C   OXT  sing N N 240 
PHE CB  CG   sing N N 241 
PHE CB  HB2  sing N N 242 
PHE CB  HB3  sing N N 243 
PHE CG  CD1  doub Y N 244 
PHE CG  CD2  sing Y N 245 
PHE CD1 CE1  sing Y N 246 
PHE CD1 HD1  sing N N 247 
PHE CD2 CE2  doub Y N 248 
PHE CD2 HD2  sing N N 249 
PHE CE1 CZ   doub Y N 250 
PHE CE1 HE1  sing N N 251 
PHE CE2 CZ   sing Y N 252 
PHE CE2 HE2  sing N N 253 
PHE CZ  HZ   sing N N 254 
PHE OXT HXT  sing N N 255 
PRO N   CA   sing N N 256 
PRO N   CD   sing N N 257 
PRO N   H    sing N N 258 
PRO CA  C    sing N N 259 
PRO CA  CB   sing N N 260 
PRO CA  HA   sing N N 261 
PRO C   O    doub N N 262 
PRO C   OXT  sing N N 263 
PRO CB  CG   sing N N 264 
PRO CB  HB2  sing N N 265 
PRO CB  HB3  sing N N 266 
PRO CG  CD   sing N N 267 
PRO CG  HG2  sing N N 268 
PRO CG  HG3  sing N N 269 
PRO CD  HD2  sing N N 270 
PRO CD  HD3  sing N N 271 
PRO OXT HXT  sing N N 272 
SER N   CA   sing N N 273 
SER N   H    sing N N 274 
SER N   H2   sing N N 275 
SER CA  C    sing N N 276 
SER CA  CB   sing N N 277 
SER CA  HA   sing N N 278 
SER C   O    doub N N 279 
SER C   OXT  sing N N 280 
SER CB  OG   sing N N 281 
SER CB  HB2  sing N N 282 
SER CB  HB3  sing N N 283 
SER OG  HG   sing N N 284 
SER OXT HXT  sing N N 285 
THR N   CA   sing N N 286 
THR N   H    sing N N 287 
THR N   H2   sing N N 288 
THR CA  C    sing N N 289 
THR CA  CB   sing N N 290 
THR CA  HA   sing N N 291 
THR C   O    doub N N 292 
THR C   OXT  sing N N 293 
THR CB  OG1  sing N N 294 
THR CB  CG2  sing N N 295 
THR CB  HB   sing N N 296 
THR OG1 HG1  sing N N 297 
THR CG2 HG21 sing N N 298 
THR CG2 HG22 sing N N 299 
THR CG2 HG23 sing N N 300 
THR OXT HXT  sing N N 301 
TRP N   CA   sing N N 302 
TRP N   H    sing N N 303 
TRP N   H2   sing N N 304 
TRP CA  C    sing N N 305 
TRP CA  CB   sing N N 306 
TRP CA  HA   sing N N 307 
TRP C   O    doub N N 308 
TRP C   OXT  sing N N 309 
TRP CB  CG   sing N N 310 
TRP CB  HB2  sing N N 311 
TRP CB  HB3  sing N N 312 
TRP CG  CD1  doub Y N 313 
TRP CG  CD2  sing Y N 314 
TRP CD1 NE1  sing Y N 315 
TRP CD1 HD1  sing N N 316 
TRP CD2 CE2  doub Y N 317 
TRP CD2 CE3  sing Y N 318 
TRP NE1 CE2  sing Y N 319 
TRP NE1 HE1  sing N N 320 
TRP CE2 CZ2  sing Y N 321 
TRP CE3 CZ3  doub Y N 322 
TRP CE3 HE3  sing N N 323 
TRP CZ2 CH2  doub Y N 324 
TRP CZ2 HZ2  sing N N 325 
TRP CZ3 CH2  sing Y N 326 
TRP CZ3 HZ3  sing N N 327 
TRP CH2 HH2  sing N N 328 
TRP OXT HXT  sing N N 329 
TYR N   CA   sing N N 330 
TYR N   H    sing N N 331 
TYR N   H2   sing N N 332 
TYR CA  C    sing N N 333 
TYR CA  CB   sing N N 334 
TYR CA  HA   sing N N 335 
TYR C   O    doub N N 336 
TYR C   OXT  sing N N 337 
TYR CB  CG   sing N N 338 
TYR CB  HB2  sing N N 339 
TYR CB  HB3  sing N N 340 
TYR CG  CD1  doub Y N 341 
TYR CG  CD2  sing Y N 342 
TYR CD1 CE1  sing Y N 343 
TYR CD1 HD1  sing N N 344 
TYR CD2 CE2  doub Y N 345 
TYR CD2 HD2  sing N N 346 
TYR CE1 CZ   doub Y N 347 
TYR CE1 HE1  sing N N 348 
TYR CE2 CZ   sing Y N 349 
TYR CE2 HE2  sing N N 350 
TYR CZ  OH   sing N N 351 
TYR OH  HH   sing N N 352 
TYR OXT HXT  sing N N 353 
VAL N   CA   sing N N 354 
VAL N   H    sing N N 355 
VAL N   H2   sing N N 356 
VAL CA  C    sing N N 357 
VAL CA  CB   sing N N 358 
VAL CA  HA   sing N N 359 
VAL C   O    doub N N 360 
VAL C   OXT  sing N N 361 
VAL CB  CG1  sing N N 362 
VAL CB  CG2  sing N N 363 
VAL CB  HB   sing N N 364 
VAL CG1 HG11 sing N N 365 
VAL CG1 HG12 sing N N 366 
VAL CG1 HG13 sing N N 367 
VAL CG2 HG21 sing N N 368 
VAL CG2 HG22 sing N N 369 
VAL CG2 HG23 sing N N 370 
VAL OXT HXT  sing N N 371 
# 
_pdbx_initial_refinement_model.id               1 
_pdbx_initial_refinement_model.entity_id_list   ? 
_pdbx_initial_refinement_model.type             'experimental model' 
_pdbx_initial_refinement_model.source_name      PDB 
_pdbx_initial_refinement_model.accession_code   1NAY 
_pdbx_initial_refinement_model.details          'PDB ENTRY 1NAY' 
# 
_atom_sites.entry_id                    2WW6 
_atom_sites.fract_transf_matrix[1][1]   -0.02834036 
_atom_sites.fract_transf_matrix[1][2]   0.00599317 
_atom_sites.fract_transf_matrix[1][3]   0.02567709 
_atom_sites.fract_transf_matrix[2][1]   -0.01145954 
_atom_sites.fract_transf_matrix[2][2]   -0.02875558 
_atom_sites.fract_transf_matrix[2][3]   0.02324182 
_atom_sites.fract_transf_matrix[3][1]   0.00900822 
_atom_sites.fract_transf_matrix[3][2]   0.00374055 
_atom_sites.fract_transf_matrix[3][3]   0.00906951 
_atom_sites.fract_transf_vector[1]      0.716610 
_atom_sites.fract_transf_vector[2]      -0.036869 
_atom_sites.fract_transf_vector[3]      0.242249 
# 
loop_
_atom_type.symbol 
C 
N 
O 
# 
loop_
_atom_site.group_PDB 
_atom_site.id 
_atom_site.type_symbol 
_atom_site.label_atom_id 
_atom_site.label_alt_id 
_atom_site.label_comp_id 
_atom_site.label_asym_id 
_atom_site.label_entity_id 
_atom_site.label_seq_id 
_atom_site.pdbx_PDB_ins_code 
_atom_site.Cartn_x 
_atom_site.Cartn_y 
_atom_site.Cartn_z 
_atom_site.occupancy 
_atom_site.B_iso_or_equiv 
_atom_site.pdbx_formal_charge 
_atom_site.auth_seq_id 
_atom_site.auth_comp_id 
_atom_site.auth_asym_id 
_atom_site.auth_atom_id 
_atom_site.pdbx_PDB_model_num 
ATOM   1   N N   . GLY A 1 1  ? -5.530  -10.050 -9.471  1.00 11.85  ? 1    GLY A N   1 
ATOM   2   C CA  . GLY A 1 1  ? -6.597  -10.419 -8.505  1.00 10.04  ? 1    GLY A CA  1 
ATOM   3   C C   . GLY A 1 1  ? -6.651  -9.401  -7.402  1.00 8.64   ? 1    GLY A C   1 
ATOM   4   O O   . GLY A 1 1  ? -5.925  -8.412  -7.442  1.00 10.96  ? 1    GLY A O   1 
ATOM   5   N N   . TYR A 1 2  ? -7.489  -9.649  -6.402  1.00 7.58   ? 2    TYR A N   1 
ATOM   6   C CA  . TYR A 1 2  ? -7.596  -8.756  -5.268  1.00 6.85   ? 2    TYR A CA  1 
ATOM   7   C C   . TYR A 1 2  ? -6.362  -8.853  -4.373  1.00 7.15   ? 2    TYR A C   1 
ATOM   8   O O   . TYR A 1 2  ? -5.631  -9.842  -4.374  1.00 8.36   ? 2    TYR A O   1 
ATOM   9   C CB  . TYR A 1 2  ? -8.856  -9.055  -4.480  1.00 7.06   ? 2    TYR A CB  1 
ATOM   10  C CG  . TYR A 1 2  ? -10.138 -8.746  -5.217  1.00 7.51   ? 2    TYR A CG  1 
ATOM   11  C CD1 . TYR A 1 2  ? -10.441 -7.459  -5.643  1.00 8.92   ? 2    TYR A CD1 1 
ATOM   12  C CD2 . TYR A 1 2  ? -11.078 -9.740  -5.443  1.00 8.71   ? 2    TYR A CD2 1 
ATOM   13  C CE1 . TYR A 1 2  ? -11.641 -7.176  -6.280  1.00 10.45  ? 2    TYR A CE1 1 
ATOM   14  C CE2 . TYR A 1 2  ? -12.274 -9.469  -6.072  1.00 10.26  ? 2    TYR A CE2 1 
ATOM   15  C CZ  . TYR A 1 2  ? -12.555 -8.193  -6.488  1.00 10.86  ? 2    TYR A CZ  1 
ATOM   16  O OH  . TYR A 1 2  ? -13.744 -7.926  -7.109  1.00 14.58  ? 2    TYR A OH  1 
ATOM   17  N N   . ILE A 1 3  ? -6.142  -7.798  -3.597  1.00 7.73   ? 3    ILE A N   1 
ATOM   18  C CA  A ILE A 1 3  ? -4.967  -7.646  -2.748  0.80 8.47   ? 3    ILE A CA  1 
ATOM   19  C CA  B ILE A 1 3  ? -4.938  -7.749  -2.796  0.20 8.48   ? 3    ILE A CA  1 
ATOM   20  C C   . ILE A 1 3  ? -5.105  -8.510  -1.484  1.00 7.71   ? 3    ILE A C   1 
ATOM   21  O O   . ILE A 1 3  ? -6.068  -8.332  -0.744  1.00 7.65   ? 3    ILE A O   1 
ATOM   22  C CB  A ILE A 1 3  ? -4.820  -6.118  -2.322  0.80 7.52   ? 3    ILE A CB  1 
ATOM   23  C CB  B ILE A 1 3  ? -4.396  -6.325  -2.617  0.20 9.13   ? 3    ILE A CB  1 
ATOM   24  C CG1 A ILE A 1 3  ? -4.565  -5.229  -3.554  0.80 7.35   ? 3    ILE A CG1 1 
ATOM   25  C CG1 B ILE A 1 3  ? -3.900  -5.809  -3.968  0.20 9.51   ? 3    ILE A CG1 1 
ATOM   26  C CG2 A ILE A 1 3  ? -3.731  -5.974  -1.313  0.80 8.02   ? 3    ILE A CG2 1 
ATOM   27  C CG2 B ILE A 1 3  ? -3.227  -6.310  -1.636  0.20 9.27   ? 3    ILE A CG2 1 
ATOM   28  C CD1 A ILE A 1 3  ? -3.236  -5.453  -4.259  0.80 8.03   ? 3    ILE A CD1 1 
ATOM   29  C CD1 B ILE A 1 3  ? -2.779  -4.814  -3.856  0.20 10.25  ? 3    ILE A CD1 1 
ATOM   30  N N   . PRO A 1 4  ? -4.152  -9.414  -1.205  1.00 8.46   ? 4    PRO A N   1 
ATOM   31  C CA  . PRO A 1 4  ? -4.187  -10.200 0.023   1.00 8.51   ? 4    PRO A CA  1 
ATOM   32  C C   . PRO A 1 4  ? -3.460  -9.472  1.170   1.00 7.67   ? 4    PRO A C   1 
ATOM   33  O O   . PRO A 1 4  ? -2.868  -8.418  0.962   1.00 7.74   ? 4    PRO A O   1 
ATOM   34  C CB  . PRO A 1 4  ? -3.418  -11.458 -0.370  1.00 10.51  ? 4    PRO A CB  1 
ATOM   35  C CG  . PRO A 1 4  ? -2.360  -10.929 -1.263  1.00 11.02  ? 4    PRO A CG  1 
ATOM   36  C CD  . PRO A 1 4  ? -3.001  -9.808  -2.042  1.00 10.17  ? 4    PRO A CD  1 
ATOM   37  N N   . GLU A 1 5  ? -3.480  -10.066 2.359   1.00 8.48   ? 5    GLU A N   1 
ATOM   38  C CA  . GLU A 1 5  ? -2.847  -9.468  3.534   1.00 8.27   ? 5    GLU A CA  1 
ATOM   39  C C   . GLU A 1 5  ? -1.315  -9.460  3.399   1.00 7.96   ? 5    GLU A C   1 
ATOM   40  O O   . GLU A 1 5  ? -0.727  -10.335 2.758   1.00 8.99   ? 5    GLU A O   1 
ATOM   41  C CB  . GLU A 1 5  ? -3.295  -10.230 4.792   1.00 8.93   ? 5    GLU A CB  1 
ATOM   42  C CG  . GLU A 1 5  ? -2.815  -9.652  6.130   1.00 8.75   ? 5    GLU A CG  1 
ATOM   43  C CD  . GLU A 1 5  ? -3.247  -8.214  6.346   1.00 8.36   ? 5    GLU A CD  1 
ATOM   44  O OE1 . GLU A 1 5  ? -4.320  -8.008  6.946   1.00 9.54   ? 5    GLU A OE1 1 
ATOM   45  O OE2 . GLU A 1 5  ? -2.516  -7.295  5.907   1.00 8.37   ? 5    GLU A OE2 1 
ATOM   46  N N   . ALA A 1 6  ? -0.693  -8.453  4.015   1.00 7.42   ? 6    ALA A N   1 
ATOM   47  C CA  . ALA A 1 6  ? 0.750   -8.324  4.115   1.00 7.48   ? 6    ALA A CA  1 
ATOM   48  C C   . ALA A 1 6  ? 1.280   -9.099  5.342   1.00 8.02   ? 6    ALA A C   1 
ATOM   49  O O   . ALA A 1 6  ? 0.505   -9.543  6.197   1.00 8.70   ? 6    ALA A O   1 
ATOM   50  C CB  . ALA A 1 6  ? 1.125   -6.852  4.200   1.00 7.26   ? 6    ALA A CB  1 
ATOM   51  N N   . PRO A 1 7  ? 2.601   -9.230  5.469   1.00 8.22   ? 7    PRO A N   1 
ATOM   52  C CA  . PRO A 1 7  ? 3.133   -9.942  6.629   1.00 9.43   ? 7    PRO A CA  1 
ATOM   53  C C   . PRO A 1 7  ? 2.744   -9.336  7.988   1.00 10.18  ? 7    PRO A C   1 
ATOM   54  O O   . PRO A 1 7  ? 2.376   -8.148  8.081   1.00 10.61  ? 7    PRO A O   1 
ATOM   55  C CB  . PRO A 1 7  ? 4.643   -9.896  6.396   1.00 9.98   ? 7    PRO A CB  1 
ATOM   56  C CG  . PRO A 1 7  ? 4.768   -9.865  4.896   1.00 9.34   ? 7    PRO A CG  1 
ATOM   57  C CD  . PRO A 1 7  ? 3.646   -8.954  4.471   1.00 8.77   ? 7    PRO A CD  1 
ATOM   58  N N   . ARG A 1 8  ? 2.845   -10.167 9.030   1.00 11.74  ? 8    ARG A N   1 
ATOM   59  C CA  . ARG A 1 8  ? 2.413   -9.797  10.390  1.00 12.41  ? 8    ARG A CA  1 
ATOM   60  C C   . ARG A 1 8  ? 3.524   -9.240  11.250  1.00 13.37  ? 8    ARG A C   1 
ATOM   61  O O   . ARG A 1 8  ? 3.364   -9.087  12.461  1.00 16.08  ? 8    ARG A O   1 
ATOM   62  C CB  . ARG A 1 8  ? 1.866   -11.014 11.119  1.00 13.43  ? 8    ARG A CB  1 
ATOM   63  C CG  . ARG A 1 8  ? 0.750   -11.691 10.421  1.00 13.20  ? 8    ARG A CG  1 
ATOM   64  C CD  . ARG A 1 8  ? 0.486   -13.028 11.045  1.00 13.36  ? 8    ARG A CD  1 
ATOM   65  N NE  . ARG A 1 8  ? 0.018   -12.934 12.429  1.00 13.61  ? 8    ARG A NE  1 
ATOM   66  C CZ  . ARG A 1 8  ? -1.254  -12.813 12.796  1.00 13.11  ? 8    ARG A CZ  1 
ATOM   67  N NH1 . ARG A 1 8  ? -2.232  -12.761 11.901  1.00 12.97  ? 8    ARG A NH1 1 
ATOM   68  N NH2 . ARG A 1 8  ? -1.559  -12.747 14.084  1.00 14.30  ? 8    ARG A NH2 1 
ATOM   69  N N   . ASP A 1 9  ? 4.644   -8.901  10.634  1.00 13.24  ? 9    ASP A N   1 
ATOM   70  C CA  . ASP A 1 9  ? 5.871   -8.652  11.378  1.00 14.01  ? 9    ASP A CA  1 
ATOM   71  C C   . ASP A 1 9  ? 5.955   -7.287  12.055  1.00 13.56  ? 9    ASP A C   1 
ATOM   72  O O   . ASP A 1 9  ? 6.897   -7.040  12.790  1.00 15.90  ? 9    ASP A O   1 
ATOM   73  C CB  . ASP A 1 9  ? 7.088   -8.890  10.476  1.00 15.14  ? 9    ASP A CB  1 
ATOM   74  C CG  . ASP A 1 9  ? 7.025   -8.091  9.194   1.00 15.74  ? 9    ASP A CG  1 
ATOM   75  O OD1 . ASP A 1 9  ? 6.349   -7.055  9.182   1.00 16.20  ? 9    ASP A OD1 1 
ATOM   76  O OD2 . ASP A 1 9  ? 7.652   -8.500  8.203   1.00 16.51  ? 9    ASP A OD2 1 
HETATM 77  N N   . DAL A 1 10 ? 4.994   -6.401  11.807  1.00 12.91  ? 10   DAL A N   1 
HETATM 78  C CA  . DAL A 1 10 ? 4.998   -5.068  12.415  1.00 12.29  ? 10   DAL A CA  1 
HETATM 79  C CB  . DAL A 1 10 ? 3.582   -4.656  12.776  1.00 12.91  ? 10   DAL A CB  1 
HETATM 80  C C   . DAL A 1 10 ? 5.634   -4.012  11.516  1.00 12.41  ? 10   DAL A C   1 
HETATM 81  O O   . DAL A 1 10 ? 5.650   -2.833  11.863  1.00 14.32  ? 10   DAL A O   1 
ATOM   82  N N   . GLN A 1 11 ? 6.154   -4.425  10.365  1.00 11.38  ? 11   GLN A N   1 
ATOM   83  C CA  . GLN A 1 11 ? 6.754   -3.487  9.407   1.00 11.03  ? 11   GLN A CA  1 
ATOM   84  C C   . GLN A 1 11 ? 5.719   -2.999  8.391   1.00 9.01   ? 11   GLN A C   1 
ATOM   85  O O   . GLN A 1 11 ? 4.718   -3.681  8.129   1.00 9.10   ? 11   GLN A O   1 
ATOM   86  C CB  . GLN A 1 11 ? 7.906   -4.159  8.660   1.00 13.06  ? 11   GLN A CB  1 
ATOM   87  C CG  . GLN A 1 11 ? 9.028   -4.643  9.563   1.00 15.50  ? 11   GLN A CG  1 
ATOM   88  C CD  . GLN A 1 11 ? 9.695   -3.507  10.331  1.00 17.45  ? 11   GLN A CD  1 
ATOM   89  O OE1 . GLN A 1 11 ? 10.000  -2.454  9.767   1.00 19.43  ? 11   GLN A OE1 1 
ATOM   90  N NE2 . GLN A 1 11 ? 9.900   -3.709  11.627  1.00 20.08  ? 11   GLN A NE2 1 
ATOM   91  N N   . ALA A 1 12 ? 5.981   -1.828  7.814   1.00 8.31   ? 12   ALA A N   1 
ATOM   92  C CA  . ALA A 1 12 ? 5.138   -1.270  6.766   1.00 7.49   ? 12   ALA A CA  1 
ATOM   93  C C   . ALA A 1 12 ? 5.525   -1.802  5.391   1.00 6.94   ? 12   ALA A C   1 
ATOM   94  O O   . ALA A 1 12 ? 6.722   -1.906  5.062   1.00 7.42   ? 12   ALA A O   1 
ATOM   95  C CB  . ALA A 1 12 ? 5.252   0.244   6.770   1.00 8.10   ? 12   ALA A CB  1 
ATOM   96  N N   . TYR A 1 13 ? 4.494   -2.096  4.599   1.00 6.55   ? 13   TYR A N   1 
ATOM   97  C CA  . TYR A 1 13 ? 4.630   -2.655  3.262   1.00 6.49   ? 13   TYR A CA  1 
ATOM   98  C C   . TYR A 1 13 ? 3.911   -1.809  2.211   1.00 6.31   ? 13   TYR A C   1 
ATOM   99  O O   . TYR A 1 13 ? 2.842   -1.229  2.470   1.00 6.25   ? 13   TYR A O   1 
ATOM   100 C CB  . TYR A 1 13 ? 4.062   -4.090  3.241   1.00 7.29   ? 13   TYR A CB  1 
ATOM   101 C CG  . TYR A 1 13 ? 4.939   -5.081  3.965   1.00 7.54   ? 13   TYR A CG  1 
ATOM   102 C CD1 . TYR A 1 13 ? 5.928   -5.780  3.287   1.00 8.16   ? 13   TYR A CD1 1 
ATOM   103 C CD2 . TYR A 1 13 ? 4.831   -5.283  5.335   1.00 8.20   ? 13   TYR A CD2 1 
ATOM   104 C CE1 . TYR A 1 13 ? 6.773   -6.668  3.941   1.00 9.11   ? 13   TYR A CE1 1 
ATOM   105 C CE2 . TYR A 1 13 ? 5.685   -6.179  5.991   1.00 9.09   ? 13   TYR A CE2 1 
ATOM   106 C CZ  . TYR A 1 13 ? 6.662   -6.857  5.280   1.00 9.44   ? 13   TYR A CZ  1 
ATOM   107 O OH  . TYR A 1 13 ? 7.520   -7.746  5.894   1.00 11.57  ? 13   TYR A OH  1 
ATOM   108 N N   . VAL A 1 14 ? 4.517   -1.787  1.021   1.00 6.31   ? 14   VAL A N   1 
ATOM   109 C CA  . VAL A 1 14 ? 3.930   -1.206  -0.180  1.00 6.26   ? 14   VAL A CA  1 
ATOM   110 C C   . VAL A 1 14 ? 3.741   -2.303  -1.229  1.00 6.23   ? 14   VAL A C   1 
ATOM   111 O O   . VAL A 1 14 ? 4.258   -3.408  -1.086  1.00 6.72   ? 14   VAL A O   1 
ATOM   112 C CB  . VAL A 1 14 ? 4.801   -0.060  -0.749  1.00 7.09   ? 14   VAL A CB  1 
ATOM   113 C CG1 . VAL A 1 14 ? 4.941   1.074   0.271   1.00 8.96   ? 14   VAL A CG1 1 
ATOM   114 C CG2 . VAL A 1 14 ? 6.190   -0.554  -1.183  1.00 8.68   ? 14   VAL A CG2 1 
ATOM   115 N N   . ARG A 1 15 ? 2.997   -1.987  -2.284  1.00 6.58   ? 15   ARG A N   1 
ATOM   116 C CA  . ARG A 1 15 ? 2.648   -2.989  -3.288  1.00 6.62   ? 15   ARG A CA  1 
ATOM   117 C C   . ARG A 1 15 ? 3.503   -2.809  -4.541  1.00 6.92   ? 15   ARG A C   1 
ATOM   118 O O   . ARG A 1 15 ? 3.587   -1.710  -5.085  1.00 7.69   ? 15   ARG A O   1 
ATOM   119 C CB  . ARG A 1 15 ? 1.150   -2.889  -3.619  1.00 6.78   ? 15   ARG A CB  1 
ATOM   120 C CG  . ARG A 1 15 ? 0.601   -4.085  -4.379  1.00 6.79   ? 15   ARG A CG  1 
ATOM   121 C CD  . ARG A 1 15 ? 0.536   -5.317  -3.520  1.00 6.85   ? 15   ARG A CD  1 
ATOM   122 N NE  . ARG A 1 15 ? -0.021  -6.441  -4.261  1.00 7.05   ? 15   ARG A NE  1 
ATOM   123 C CZ  . ARG A 1 15 ? -0.070  -7.684  -3.800  1.00 7.07   ? 15   ARG A CZ  1 
ATOM   124 N NH1 . ARG A 1 15 ? 0.428   -7.998  -2.612  1.00 7.48   ? 15   ARG A NH1 1 
ATOM   125 N NH2 . ARG A 1 15 ? -0.636  -8.630  -4.530  1.00 7.65   ? 15   ARG A NH2 1 
ATOM   126 N N   . LYS A 1 16 ? 4.146   -3.887  -4.983  1.00 7.45   ? 16   LYS A N   1 
ATOM   127 C CA  . LYS A 1 16 ? 5.041   -3.825  -6.130  1.00 8.16   ? 16   LYS A CA  1 
ATOM   128 C C   . LYS A 1 16 ? 5.052   -5.198  -6.800  1.00 7.62   ? 16   LYS A C   1 
ATOM   129 O O   . LYS A 1 16 ? 5.326   -6.200  -6.146  1.00 7.96   ? 16   LYS A O   1 
ATOM   130 C CB  . LYS A 1 16 ? 6.464   -3.478  -5.677  1.00 8.75   ? 16   LYS A CB  1 
ATOM   131 C CG  . LYS A 1 16 ? 7.484   -3.512  -6.824  1.00 9.84   ? 16   LYS A CG  1 
ATOM   132 C CD  . LYS A 1 16 ? 8.872   -3.090  -6.384  1.00 10.91  ? 16   LYS A CD  1 
ATOM   133 C CE  . LYS A 1 16 ? 9.914   -3.479  -7.410  1.00 11.73  ? 16   LYS A CE  1 
ATOM   134 N NZ  . LYS A 1 16 ? 11.263  -2.912  -7.120  1.00 14.13  ? 16   LYS A NZ  1 
HETATM 135 N N   . DPN A 1 17 ? 4.775   -5.239  -8.098  1.00 7.84   ? 17   DPN A N   1 
HETATM 136 C CA  . DPN A 1 17 ? 4.844   -6.483  -8.865  1.00 7.87   ? 17   DPN A CA  1 
HETATM 137 C C   . DPN A 1 17 ? 4.093   -7.625  -8.191  1.00 7.42   ? 17   DPN A C   1 
HETATM 138 O O   . DPN A 1 17 ? 4.604   -8.749  -8.101  1.00 7.85   ? 17   DPN A O   1 
HETATM 139 C CB  . DPN A 1 17 ? 4.261   -6.244  -10.257 1.00 7.96   ? 17   DPN A CB  1 
HETATM 140 C CG  . DPN A 1 17 ? 4.295   -7.450  -11.156 1.00 7.85   ? 17   DPN A CG  1 
HETATM 141 C CD1 . DPN A 1 17 ? 3.254   -8.373  -11.154 1.00 9.61   ? 17   DPN A CD1 1 
HETATM 142 C CD2 . DPN A 1 17 ? 5.355   -7.661  -12.021 1.00 8.31   ? 17   DPN A CD2 1 
HETATM 143 C CE1 . DPN A 1 17 ? 3.283   -9.484  -11.994 1.00 10.00  ? 17   DPN A CE1 1 
HETATM 144 C CE2 . DPN A 1 17 ? 5.386   -8.756  -12.851 1.00 9.08   ? 17   DPN A CE2 1 
HETATM 145 C CZ  . DPN A 1 17 ? 4.350   -9.667  -12.841 1.00 9.86   ? 17   DPN A CZ  1 
ATOM   146 N N   . GLY A 1 18 ? 2.866   -7.366  -7.750  1.00 7.47   ? 18   GLY A N   1 
ATOM   147 C CA  . GLY A 1 18 ? 2.029   -8.426  -7.207  1.00 7.84   ? 18   GLY A CA  1 
ATOM   148 C C   . GLY A 1 18 ? 2.494   -8.973  -5.867  1.00 7.62   ? 18   GLY A C   1 
ATOM   149 O O   . GLY A 1 18 ? 2.082   -10.062 -5.469  1.00 8.90   ? 18   GLY A O   1 
ATOM   150 N N   . GLU A 1 19 ? 3.314   -8.199  -5.159  1.00 7.33   ? 19   GLU A N   1 
ATOM   151 C CA  . GLU A 1 19 ? 3.827   -8.608  -3.853  1.00 7.46   ? 19   GLU A CA  1 
ATOM   152 C C   . GLU A 1 19 ? 3.827   -7.421  -2.909  1.00 7.31   ? 19   GLU A C   1 
ATOM   153 O O   . GLU A 1 19 ? 3.809   -6.254  -3.328  1.00 8.24   ? 19   GLU A O   1 
ATOM   154 C CB  . GLU A 1 19 ? 5.261   -9.144  -3.937  1.00 8.31   ? 19   GLU A CB  1 
ATOM   155 C CG  . GLU A 1 19 ? 5.470   -10.267 -4.933  1.00 9.29   ? 19   GLU A CG  1 
ATOM   156 C CD  . GLU A 1 19 ? 4.817   -11.587 -4.566  1.00 10.41  ? 19   GLU A CD  1 
ATOM   157 O OE1 . GLU A 1 19 ? 4.639   -11.857 -3.364  1.00 12.73  ? 19   GLU A OE1 1 
ATOM   158 O OE2 . GLU A 1 19 ? 4.537   -12.382 -5.493  1.00 11.85  ? 19   GLU A OE2 1 
ATOM   159 N N   . TRP A 1 20 ? 3.854   -7.738  -1.621  1.00 7.23   ? 20   TRP A N   1 
ATOM   160 C CA  . TRP A 1 20 ? 4.151   -6.763  -0.588  1.00 6.91   ? 20   TRP A CA  1 
ATOM   161 C C   . TRP A 1 20 ? 5.667   -6.693  -0.387  1.00 7.53   ? 20   TRP A C   1 
ATOM   162 O O   . TRP A 1 20 ? 6.321   -7.720  -0.187  1.00 8.75   ? 20   TRP A O   1 
ATOM   163 C CB  . TRP A 1 20 ? 3.473   -7.172  0.701   1.00 7.19   ? 20   TRP A CB  1 
ATOM   164 C CG  . TRP A 1 20 ? 1.989   -7.074  0.660   1.00 7.13   ? 20   TRP A CG  1 
ATOM   165 C CD1 . TRP A 1 20 ? 1.096   -8.108  0.715   1.00 8.11   ? 20   TRP A CD1 1 
ATOM   166 C CD2 . TRP A 1 20 ? 1.206   -5.869  0.628   1.00 7.44   ? 20   TRP A CD2 1 
ATOM   167 N NE1 . TRP A 1 20 ? -0.186  -7.625  0.727   1.00 8.32   ? 20   TRP A NE1 1 
ATOM   168 C CE2 . TRP A 1 20 ? -0.152  -6.255  0.667   1.00 8.15   ? 20   TRP A CE2 1 
ATOM   169 C CE3 . TRP A 1 20 ? 1.524   -4.505  0.578   1.00 7.28   ? 20   TRP A CE3 1 
ATOM   170 C CZ2 . TRP A 1 20 ? -1.193  -5.324  0.685   1.00 8.80   ? 20   TRP A CZ2 1 
ATOM   171 C CZ3 . TRP A 1 20 ? 0.494   -3.580  0.585   1.00 8.05   ? 20   TRP A CZ3 1 
ATOM   172 C CH2 . TRP A 1 20 ? -0.851  -3.997  0.640   1.00 8.72   ? 20   TRP A CH2 1 
ATOM   173 N N   . VAL A 1 21 ? 6.200   -5.474  -0.444  1.00 6.94   ? 21   VAL A N   1 
ATOM   174 C CA  . VAL A 1 21 ? 7.626   -5.225  -0.265  1.00 7.68   ? 21   VAL A CA  1 
ATOM   175 C C   . VAL A 1 21 ? 7.796   -4.184  0.831   1.00 7.30   ? 21   VAL A C   1 
ATOM   176 O O   . VAL A 1 21 ? 7.015   -3.228  0.917   1.00 6.90   ? 21   VAL A O   1 
ATOM   177 C CB  . VAL A 1 21 ? 8.259   -4.720  -1.582  1.00 9.30   ? 21   VAL A CB  1 
ATOM   178 C CG1 . VAL A 1 21 ? 9.765   -4.485  -1.420  1.00 10.21  ? 21   VAL A CG1 1 
ATOM   179 C CG2 . VAL A 1 21 ? 8.038   -5.727  -2.688  1.00 11.03  ? 21   VAL A CG2 1 
ATOM   180 N N   . LEU A 1 22 ? 8.805   -4.357  1.673   1.00 7.31   ? 22   LEU A N   1 
ATOM   181 C CA  . LEU A 1 22 ? 9.029   -3.415  2.776   1.00 7.41   ? 22   LEU A CA  1 
ATOM   182 C C   . LEU A 1 22 ? 9.156   -2.000  2.247   1.00 6.77   ? 22   LEU A C   1 
ATOM   183 O O   . LEU A 1 22 ? 9.984   -1.718  1.369   1.00 7.71   ? 22   LEU A O   1 
ATOM   184 C CB  . LEU A 1 22 ? 10.320  -3.767  3.522   1.00 8.11   ? 22   LEU A CB  1 
ATOM   185 C CG  . LEU A 1 22 ? 10.212  -5.002  4.410   1.00 9.03   ? 22   LEU A CG  1 
ATOM   186 C CD1 . LEU A 1 22 ? 11.627  -5.486  4.768   1.00 10.63  ? 22   LEU A CD1 1 
ATOM   187 C CD2 . LEU A 1 22 ? 9.414   -4.719  5.671   1.00 10.31  ? 22   LEU A CD2 1 
ATOM   188 N N   . LEU A 1 23 ? 8.394   -1.089  2.836   1.00 6.60   ? 23   LEU A N   1 
ATOM   189 C CA  . LEU A 1 23 ? 8.483   0.331   2.514   1.00 6.71   ? 23   LEU A CA  1 
ATOM   190 C C   . LEU A 1 23 ? 9.921   0.850   2.653   1.00 6.78   ? 23   LEU A C   1 
ATOM   191 O O   . LEU A 1 23 ? 10.388  1.651   1.840   1.00 7.33   ? 23   LEU A O   1 
ATOM   192 C CB  . LEU A 1 23 ? 7.552   1.109   3.447   1.00 6.76   ? 23   LEU A CB  1 
ATOM   193 C CG  . LEU A 1 23 ? 7.673   2.634   3.406   1.00 7.24   ? 23   LEU A CG  1 
ATOM   194 C CD1 . LEU A 1 23 ? 7.321   3.221   2.053   1.00 8.10   ? 23   LEU A CD1 1 
ATOM   195 C CD2 . LEU A 1 23 ? 6.771   3.237   4.470   1.00 7.79   ? 23   LEU A CD2 1 
ATOM   196 N N   . SER A 1 24 ? 10.605  0.421   3.715   1.00 6.64   ? 24   SER A N   1 
ATOM   197 C CA  . SER A 1 24 ? 11.926  0.961   4.037   1.00 7.32   ? 24   SER A CA  1 
ATOM   198 C C   . SER A 1 24 ? 12.937  0.752   2.912   1.00 7.73   ? 24   SER A C   1 
ATOM   199 O O   . SER A 1 24 ? 13.886  1.519   2.801   1.00 8.72   ? 24   SER A O   1 
ATOM   200 C CB  . SER A 1 24 ? 12.460  0.350   5.328   1.00 7.91   ? 24   SER A CB  1 
ATOM   201 O OG  . SER A 1 24 ? 12.577  -1.058  5.214   1.00 9.04   ? 24   SER A OG  1 
ATOM   202 N N   . THR A 1 25 ? 12.722  -0.256  2.060   1.00 8.25   ? 25   THR A N   1 
ATOM   203 C CA  A THR A 1 25 ? 13.684  -0.499  0.982   0.65 9.37   ? 25   THR A CA  1 
ATOM   204 C CA  B THR A 1 25 ? 13.595  -0.574  0.930   0.35 9.67   ? 25   THR A CA  1 
ATOM   205 C C   . THR A 1 25 ? 13.700  0.588   -0.083  1.00 10.11  ? 25   THR A C   1 
ATOM   206 O O   . THR A 1 25 ? 14.655  0.664   -0.850  1.00 12.59  ? 25   THR A O   1 
ATOM   207 C CB  A THR A 1 25 ? 13.482  -1.827  0.286   0.65 8.63   ? 25   THR A CB  1 
ATOM   208 C CB  B THR A 1 25 ? 13.036  -1.818  0.161   0.35 9.64   ? 25   THR A CB  1 
ATOM   209 O OG1 A THR A 1 25 ? 12.257  -1.829  -0.454  0.65 9.01   ? 25   THR A OG1 1 
ATOM   210 O OG1 B THR A 1 25 ? 12.498  -2.794  1.067   0.35 9.74   ? 25   THR A OG1 1 
ATOM   211 C CG2 A THR A 1 25 ? 13.533  -2.943  1.267   0.65 8.79   ? 25   THR A CG2 1 
ATOM   212 C CG2 B THR A 1 25 ? 14.107  -2.459  -0.676  0.35 10.91  ? 25   THR A CG2 1 
ATOM   213 N N   . PHE A 1 26 ? 12.668  1.434   -0.114  1.00 9.02   ? 26   PHE A N   1 
ATOM   214 C CA  . PHE A 1 26 ? 12.529  2.506   -1.102  1.00 9.93   ? 26   PHE A CA  1 
ATOM   215 C C   . PHE A 1 26 ? 12.915  3.866   -0.549  1.00 10.38  ? 26   PHE A C   1 
ATOM   216 O O   . PHE A 1 26 ? 12.904  4.854   -1.295  1.00 11.85  ? 26   PHE A O   1 
ATOM   217 C CB  . PHE A 1 26 ? 11.078  2.547   -1.593  1.00 10.06  ? 26   PHE A CB  1 
ATOM   218 C CG  . PHE A 1 26 ? 10.636  1.264   -2.215  1.00 10.36  ? 26   PHE A CG  1 
ATOM   219 C CD1 . PHE A 1 26 ? 10.981  0.968   -3.525  1.00 12.29  ? 26   PHE A CD1 1 
ATOM   220 C CD2 . PHE A 1 26 ? 9.912   0.327   -1.491  1.00 10.27  ? 26   PHE A CD2 1 
ATOM   221 C CE1 . PHE A 1 26 ? 10.603  -0.229  -4.103  1.00 12.90  ? 26   PHE A CE1 1 
ATOM   222 C CE2 . PHE A 1 26 ? 9.542   -0.865  -2.065  1.00 11.01  ? 26   PHE A CE2 1 
ATOM   223 C CZ  . PHE A 1 26 ? 9.901   -1.146  -3.375  1.00 12.93  ? 26   PHE A CZ  1 
ATOM   224 N N   . LEU A 1 27 ? 13.226  3.928   0.749   1.00 10.65  ? 27   LEU A N   1 
ATOM   225 C CA  . LEU A 1 27 ? 13.400  5.196   1.445   1.00 11.79  ? 27   LEU A CA  1 
ATOM   226 C C   . LEU A 1 27 ? 14.849  5.479   1.760   1.00 14.30  ? 27   LEU A C   1 
ATOM   227 O O   . LEU A 1 27 ? 15.728  4.712   1.389   1.00 17.02  ? 27   LEU A O   1 
ATOM   228 C CB  . LEU A 1 27 ? 12.612  5.192   2.748   1.00 11.46  ? 27   LEU A CB  1 
ATOM   229 C CG  . LEU A 1 27 ? 11.113  4.978   2.645   1.00 11.82  ? 27   LEU A CG  1 
ATOM   230 C CD1 . LEU A 1 27 ? 10.481  5.158   4.019   1.00 12.35  ? 27   LEU A CD1 1 
ATOM   231 C CD2 . LEU A 1 27 ? 10.462  5.886   1.622   1.00 13.15  ? 27   LEU A CD2 1 
ATOM   232 O OXT . LEU A 1 27 ? 15.136  6.488   2.396   1.00 15.74  ? 27   LEU A OXT 1 
ATOM   233 N N   . GLY B 1 1  ? -14.857 -2.457  0.087   1.00 13.72  ? 1    GLY B N   1 
ATOM   234 C CA  . GLY B 1 1  ? -14.698 -3.831  -0.459  1.00 11.98  ? 1    GLY B CA  1 
ATOM   235 C C   . GLY B 1 1  ? -13.239 -4.159  -0.696  1.00 10.33  ? 1    GLY B C   1 
ATOM   236 O O   . GLY B 1 1  ? -12.346 -3.449  -0.215  1.00 12.28  ? 1    GLY B O   1 
ATOM   237 N N   . TYR B 1 2  ? -12.995 -5.218  -1.462  1.00 8.08   ? 2    TYR B N   1 
ATOM   238 C CA  . TYR B 1 2  ? -11.647 -5.632  -1.773  1.00 7.01   ? 2    TYR B CA  1 
ATOM   239 C C   . TYR B 1 2  ? -11.010 -4.660  -2.756  1.00 7.35   ? 2    TYR B C   1 
ATOM   240 O O   . TYR B 1 2  ? -11.693 -3.835  -3.380  1.00 9.38   ? 2    TYR B O   1 
ATOM   241 C CB  . TYR B 1 2  ? -11.631 -7.058  -2.345  1.00 6.84   ? 2    TYR B CB  1 
ATOM   242 C CG  . TYR B 1 2  ? -12.233 -8.126  -1.462  1.00 6.79   ? 2    TYR B CG  1 
ATOM   243 C CD1 . TYR B 1 2  ? -12.168 -8.069  -0.077  1.00 7.78   ? 2    TYR B CD1 1 
ATOM   244 C CD2 . TYR B 1 2  ? -12.829 -9.226  -2.025  1.00 7.69   ? 2    TYR B CD2 1 
ATOM   245 C CE1 . TYR B 1 2  ? -12.732 -9.073  0.712   1.00 8.57   ? 2    TYR B CE1 1 
ATOM   246 C CE2 . TYR B 1 2  ? -13.384 -10.230 -1.265  1.00 8.78   ? 2    TYR B CE2 1 
ATOM   247 C CZ  . TYR B 1 2  ? -13.342 -10.149 0.098   1.00 7.95   ? 2    TYR B CZ  1 
ATOM   248 O OH  . TYR B 1 2  ? -13.901 -11.167 0.844   1.00 10.52  ? 2    TYR B OH  1 
ATOM   249 N N   . ILE B 1 3  ? -9.694  -4.750  -2.890  1.00 7.26   ? 3    ILE B N   1 
ATOM   250 C CA  A ILE B 1 3  ? -8.859  -3.788  -3.636  0.80 7.84   ? 3    ILE B CA  1 
ATOM   251 C CA  B ILE B 1 3  ? -9.058  -3.816  -3.767  0.20 6.86   ? 3    ILE B CA  1 
ATOM   252 C C   . ILE B 1 3  ? -8.266  -4.515  -4.853  1.00 7.39   ? 3    ILE B C   1 
ATOM   253 O O   . ILE B 1 3  ? -7.694  -5.579  -4.679  1.00 8.48   ? 3    ILE B O   1 
ATOM   254 C CB  A ILE B 1 3  ? -7.626  -3.311  -2.753  0.80 7.58   ? 3    ILE B CB  1 
ATOM   255 C CB  B ILE B 1 3  ? -8.314  -2.739  -2.994  0.20 5.97   ? 3    ILE B CB  1 
ATOM   256 C CG1 A ILE B 1 3  ? -8.121  -2.617  -1.489  0.80 8.14   ? 3    ILE B CG1 1 
ATOM   257 C CG1 B ILE B 1 3  ? -7.261  -3.378  -2.101  0.20 5.60   ? 3    ILE B CG1 1 
ATOM   258 C CG2 A ILE B 1 3  ? -6.723  -2.369  -3.569  0.80 9.17   ? 3    ILE B CG2 1 
ATOM   259 C CG2 B ILE B 1 3  ? -9.304  -1.934  -2.138  0.20 6.10   ? 3    ILE B CG2 1 
ATOM   260 C CD1 A ILE B 1 3  ? -7.006  -2.232  -0.567  0.80 9.17   ? 3    ILE B CD1 1 
ATOM   261 C CD1 B ILE B 1 3  ? -6.306  -2.392  -1.537  0.20 5.40   ? 3    ILE B CD1 1 
ATOM   262 N N   . PRO B 1 4  ? -8.331  -3.948  -6.057  1.00 7.49   ? 4    PRO B N   1 
ATOM   263 C CA  A PRO B 1 4  ? -7.687  -4.550  -7.223  0.70 8.15   ? 4    PRO B CA  1 
ATOM   264 C CA  B PRO B 1 4  ? -7.685  -4.602  -7.182  0.30 7.33   ? 4    PRO B CA  1 
ATOM   265 C C   . PRO B 1 4  ? -6.160  -4.461  -7.149  1.00 7.21   ? 4    PRO B C   1 
ATOM   266 O O   . PRO B 1 4  ? -5.606  -3.604  -6.450  1.00 7.47   ? 4    PRO B O   1 
ATOM   267 C CB  A PRO B 1 4  ? -8.203  -3.691  -8.394  0.70 9.79   ? 4    PRO B CB  1 
ATOM   268 C CB  B PRO B 1 4  ? -8.290  -3.885  -8.387  0.30 7.87   ? 4    PRO B CB  1 
ATOM   269 C CG  A PRO B 1 4  ? -9.409  -3.008  -7.876  0.70 10.58  ? 4    PRO B CG  1 
ATOM   270 C CG  B PRO B 1 4  ? -8.585  -2.510  -7.888  0.30 7.33   ? 4    PRO B CG  1 
ATOM   271 C CD  A PRO B 1 4  ? -9.145  -2.776  -6.429  0.70 9.04   ? 4    PRO B CD  1 
ATOM   272 C CD  B PRO B 1 4  ? -8.842  -2.609  -6.406  0.30 7.28   ? 4    PRO B CD  1 
ATOM   273 N N   . GLU B 1 5  ? -5.489  -5.320  -7.902  1.00 7.43   ? 5    GLU B N   1 
ATOM   274 C CA  . GLU B 1 5  ? -4.037  -5.321  -7.972  1.00 7.42   ? 5    GLU B CA  1 
ATOM   275 C C   . GLU B 1 5  ? -3.503  -3.973  -8.455  1.00 7.31   ? 5    GLU B C   1 
ATOM   276 O O   . GLU B 1 5  ? -4.129  -3.281  -9.272  1.00 8.44   ? 5    GLU B O   1 
ATOM   277 C CB  . GLU B 1 5  ? -3.577  -6.453  -8.898  1.00 7.85   ? 5    GLU B CB  1 
ATOM   278 C CG  . GLU B 1 5  ? -2.080  -6.658  -8.930  1.00 7.86   ? 5    GLU B CG  1 
ATOM   279 C CD  . GLU B 1 5  ? -1.510  -6.906  -7.550  1.00 7.77   ? 5    GLU B CD  1 
ATOM   280 O OE1 . GLU B 1 5  ? -1.725  -8.012  -7.008  1.00 9.20   ? 5    GLU B OE1 1 
ATOM   281 O OE2 . GLU B 1 5  ? -0.873  -5.978  -6.987  1.00 7.96   ? 5    GLU B OE2 1 
ATOM   282 N N   . ALA B 1 6  ? -2.339  -3.595  -7.926  1.00 7.15   ? 6    ALA B N   1 
ATOM   283 C CA  . ALA B 1 6  ? -1.634  -2.409  -8.359  1.00 7.19   ? 6    ALA B CA  1 
ATOM   284 C C   . ALA B 1 6  ? -1.060  -2.614  -9.764  1.00 7.48   ? 6    ALA B C   1 
ATOM   285 O O   . ALA B 1 6  ? -0.959  -3.743  -10.250 1.00 8.31   ? 6    ALA B O   1 
ATOM   286 C CB  . ALA B 1 6  ? -0.517  -2.093  -7.383  1.00 7.37   ? 6    ALA B CB  1 
ATOM   287 N N   . PRO B 1 7  ? -0.658  -1.523  -10.427 1.00 7.41   ? 7    PRO B N   1 
ATOM   288 C CA  . PRO B 1 7  ? -0.019  -1.691  -11.725 1.00 7.71   ? 7    PRO B CA  1 
ATOM   289 C C   . PRO B 1 7  ? 1.148   -2.664  -11.635 1.00 8.07   ? 7    PRO B C   1 
ATOM   290 O O   . PRO B 1 7  ? 1.864   -2.713  -10.620 1.00 9.42   ? 7    PRO B O   1 
ATOM   291 C CB  . PRO B 1 7  ? 0.438   -0.275  -12.077 1.00 8.19   ? 7    PRO B CB  1 
ATOM   292 C CG  . PRO B 1 7  ? -0.577  0.614   -11.362 1.00 8.87   ? 7    PRO B CG  1 
ATOM   293 C CD  . PRO B 1 7  ? -0.810  -0.100  -10.063 1.00 8.27   ? 7    PRO B CD  1 
ATOM   294 N N   . ARG B 1 8  ? 1.331   -3.429  -12.701 1.00 8.26   ? 8    ARG B N   1 
ATOM   295 C CA  . ARG B 1 8  ? 2.330   -4.489  -12.736 1.00 8.72   ? 8    ARG B CA  1 
ATOM   296 C C   . ARG B 1 8  ? 3.567   -4.095  -13.536 1.00 9.91   ? 8    ARG B C   1 
ATOM   297 O O   . ARG B 1 8  ? 4.133   -4.901  -14.290 1.00 12.09  ? 8    ARG B O   1 
ATOM   298 C CB  . ARG B 1 8  ? 1.708   -5.758  -13.311 1.00 9.18   ? 8    ARG B CB  1 
ATOM   299 C CG  . ARG B 1 8  ? 0.616   -6.328  -12.440 1.00 9.50   ? 8    ARG B CG  1 
ATOM   300 C CD  . ARG B 1 8  ? -0.048  -7.421  -13.188 1.00 10.46  ? 8    ARG B CD  1 
ATOM   301 N NE  . ARG B 1 8  ? -0.899  -8.290  -12.398 1.00 12.31  ? 8    ARG B NE  1 
ATOM   302 C CZ  . ARG B 1 8  ? -2.215  -8.205  -12.300 1.00 13.06  ? 8    ARG B CZ  1 
ATOM   303 N NH1 . ARG B 1 8  ? -2.877  -7.192  -12.816 1.00 13.44  ? 8    ARG B NH1 1 
ATOM   304 N NH2 . ARG B 1 8  ? -2.868  -9.147  -11.633 1.00 14.75  ? 8    ARG B NH2 1 
ATOM   305 N N   . ASP B 1 9  ? 3.985   -2.852  -13.358 1.00 11.06  ? 9    ASP B N   1 
ATOM   306 C CA  . ASP B 1 9  ? 5.109   -2.306  -14.087 1.00 11.90  ? 9    ASP B CA  1 
ATOM   307 C C   . ASP B 1 9  ? 6.443   -2.319  -13.332 1.00 12.14  ? 9    ASP B C   1 
ATOM   308 O O   . ASP B 1 9  ? 7.441   -1.824  -13.846 1.00 14.15  ? 9    ASP B O   1 
ATOM   309 C CB  . ASP B 1 9  ? 4.776   -0.901  -14.583 1.00 13.04  ? 9    ASP B CB  1 
ATOM   310 C CG  . ASP B 1 9  ? 4.628   0.111   -13.472 1.00 14.63  ? 9    ASP B CG  1 
ATOM   311 O OD1 . ASP B 1 9  ? 4.528   -0.264  -12.278 1.00 13.15  ? 9    ASP B OD1 1 
ATOM   312 O OD2 . ASP B 1 9  ? 4.635   1.310   -13.824 1.00 17.79  ? 9    ASP B OD2 1 
HETATM 313 N N   . DAL B 1 10 ? 6.472   -2.896  -12.134 1.00 12.00  ? 10   DAL B N   1 
HETATM 314 C CA  . DAL B 1 10 ? 7.717   -3.008  -11.375 1.00 11.92  ? 10   DAL B CA  1 
HETATM 315 C CB  . DAL B 1 10 ? 7.718   -4.287  -10.551 1.00 12.90  ? 10   DAL B CB  1 
HETATM 316 C C   . DAL B 1 10 ? 7.971   -1.785  -10.471 1.00 12.08  ? 10   DAL B C   1 
HETATM 317 O O   . DAL B 1 10 ? 9.022   -1.705  -9.838  1.00 13.99  ? 10   DAL B O   1 
ATOM   318 N N   . GLN B 1 11 ? 7.038   -0.827  -10.423 1.00 11.44  ? 11   GLN B N   1 
ATOM   319 C CA  . GLN B 1 11 ? 7.142   0.316   -9.508  1.00 11.36  ? 11   GLN B CA  1 
ATOM   320 C C   . GLN B 1 11 ? 6.371   0.034   -8.221  1.00 10.03  ? 11   GLN B C   1 
ATOM   321 O O   . GLN B 1 11 ? 5.487   -0.833  -8.172  1.00 10.06  ? 11   GLN B O   1 
ATOM   322 C CB  . GLN B 1 11 ? 6.646   1.621   -10.159 1.00 12.15  ? 11   GLN B CB  1 
ATOM   323 C CG  . GLN B 1 11 ? 7.350   1.969   -11.493 1.00 13.93  ? 11   GLN B CG  1 
ATOM   324 C CD  . GLN B 1 11 ? 6.951   3.339   -12.054 1.00 15.23  ? 11   GLN B CD  1 
ATOM   325 O OE1 . GLN B 1 11 ? 6.054   3.449   -12.905 1.00 16.89  ? 11   GLN B OE1 1 
ATOM   326 N NE2 . GLN B 1 11 ? 7.619   4.388   -11.577 1.00 17.02  ? 11   GLN B NE2 1 
ATOM   327 N N   . ALA B 1 12 ? 6.728   0.776   -7.173  1.00 9.71   ? 12   ALA B N   1 
ATOM   328 C CA  . ALA B 1 12 ? 6.077   0.656   -5.868  1.00 9.16   ? 12   ALA B CA  1 
ATOM   329 C C   . ALA B 1 12 ? 4.913   1.622   -5.757  1.00 7.93   ? 12   ALA B C   1 
ATOM   330 O O   . ALA B 1 12 ? 5.039   2.798   -6.140  1.00 8.59   ? 12   ALA B O   1 
ATOM   331 C CB  . ALA B 1 12 ? 7.060   0.905   -4.734  1.00 10.22  ? 12   ALA B CB  1 
ATOM   332 N N   . TYR B 1 13 ? 3.816   1.131   -5.178  1.00 7.20   ? 13   TYR B N   1 
ATOM   333 C CA  . TYR B 1 13 ? 2.568   1.877   -5.043  1.00 6.76   ? 13   TYR B CA  1 
ATOM   334 C C   . TYR B 1 13 ? 2.060   1.890   -3.609  1.00 6.03   ? 13   TYR B C   1 
ATOM   335 O O   . TYR B 1 13 ? 2.235   0.924   -2.851  1.00 6.62   ? 13   TYR B O   1 
ATOM   336 C CB  . TYR B 1 13 ? 1.484   1.268   -5.956  1.00 7.16   ? 13   TYR B CB  1 
ATOM   337 C CG  . TYR B 1 13 ? 1.810   1.437   -7.420  1.00 7.74   ? 13   TYR B CG  1 
ATOM   338 C CD1 . TYR B 1 13 ? 1.392   2.560   -8.124  1.00 8.68   ? 13   TYR B CD1 1 
ATOM   339 C CD2 . TYR B 1 13 ? 2.602   0.514   -8.092  1.00 8.71   ? 13   TYR B CD2 1 
ATOM   340 C CE1 . TYR B 1 13 ? 1.741   2.741   -9.463  1.00 10.26  ? 13   TYR B CE1 1 
ATOM   341 C CE2 . TYR B 1 13 ? 2.954   0.694   -9.424  1.00 10.15  ? 13   TYR B CE2 1 
ATOM   342 C CZ  . TYR B 1 13 ? 2.522   1.804   -10.093 1.00 10.43  ? 13   TYR B CZ  1 
ATOM   343 O OH  . TYR B 1 13 ? 2.874   2.015   -11.404 1.00 13.43  ? 13   TYR B OH  1 
ATOM   344 N N   . VAL B 1 14 ? 1.375   2.993   -3.300  1.00 6.11   ? 14   VAL B N   1 
ATOM   345 C CA  . VAL B 1 14 ? 0.657   3.189   -2.043  1.00 5.74   ? 14   VAL B CA  1 
ATOM   346 C C   . VAL B 1 14 ? -0.812  3.458   -2.363  1.00 5.59   ? 14   VAL B C   1 
ATOM   347 O O   . VAL B 1 14 ? -1.166  3.765   -3.494  1.00 6.45   ? 14   VAL B O   1 
ATOM   348 C CB  . VAL B 1 14 ? 1.270   4.342   -1.202  1.00 6.00   ? 14   VAL B CB  1 
ATOM   349 C CG1 . VAL B 1 14 ? 2.728   3.993   -0.842  1.00 7.01   ? 14   VAL B CG1 1 
ATOM   350 C CG2 . VAL B 1 14 ? 1.184   5.671   -1.935  1.00 6.62   ? 14   VAL B CG2 1 
ATOM   351 N N   . ARG B 1 15 ? -1.673  3.324   -1.360  1.00 5.63   ? 15   ARG B N   1 
ATOM   352 C CA  . ARG B 1 15 ? -3.121  3.367   -1.589  1.00 5.74   ? 15   ARG B CA  1 
ATOM   353 C C   . ARG B 1 15 ? -3.675  4.724   -1.150  1.00 5.51   ? 15   ARG B C   1 
ATOM   354 O O   . ARG B 1 15 ? -3.451  5.148   -0.027  1.00 5.99   ? 15   ARG B O   1 
ATOM   355 C CB  . ARG B 1 15 ? -3.785  2.236   -0.824  1.00 6.29   ? 15   ARG B CB  1 
ATOM   356 C CG  . ARG B 1 15 ? -5.227  1.983   -1.227  1.00 7.13   ? 15   ARG B CG  1 
ATOM   357 C CD  . ARG B 1 15 ? -5.335  1.422   -2.641  1.00 7.41   ? 15   ARG B CD  1 
ATOM   358 N NE  . ARG B 1 15 ? -6.725  1.193   -3.023  1.00 7.75   ? 15   ARG B NE  1 
ATOM   359 C CZ  . ARG B 1 15 ? -7.127  0.949   -4.264  1.00 7.70   ? 15   ARG B CZ  1 
ATOM   360 N NH1 . ARG B 1 15 ? -6.259  0.898   -5.265  1.00 9.17   ? 15   ARG B NH1 1 
ATOM   361 N NH2 . ARG B 1 15 ? -8.410  0.751   -4.508  1.00 8.47   ? 15   ARG B NH2 1 
ATOM   362 N N   . LYS B 1 16 ? -4.397  5.391   -2.051  1.00 5.93   ? 16   LYS B N   1 
ATOM   363 C CA  A LYS B 1 16 ? -4.880  6.752   -1.809  0.50 6.34   ? 16   LYS B CA  1 
ATOM   364 C CA  B LYS B 1 16 ? -4.896  6.739   -1.790  0.50 6.04   ? 16   LYS B CA  1 
ATOM   365 C C   . LYS B 1 16 ? -6.167  6.957   -2.590  1.00 6.53   ? 16   LYS B C   1 
ATOM   366 O O   . LYS B 1 16 ? -6.172  6.804   -3.806  1.00 7.07   ? 16   LYS B O   1 
ATOM   367 C CB  A LYS B 1 16 ? -3.828  7.762   -2.288  0.50 7.42   ? 16   LYS B CB  1 
ATOM   368 C CB  B LYS B 1 16 ? -3.847  7.783   -2.184  0.50 6.66   ? 16   LYS B CB  1 
ATOM   369 C CG  A LYS B 1 16 ? -4.306  9.213   -2.347  0.50 8.13   ? 16   LYS B CG  1 
ATOM   370 C CG  B LYS B 1 16 ? -4.297  9.228   -2.003  0.50 6.72   ? 16   LYS B CG  1 
ATOM   371 C CD  A LYS B 1 16 ? -3.229  10.127  -2.913  0.50 9.13   ? 16   LYS B CD  1 
ATOM   372 C CD  B LYS B 1 16 ? -3.196  10.200  -2.387  0.50 7.68   ? 16   LYS B CD  1 
ATOM   373 C CE  A LYS B 1 16 ? -3.761  11.524  -3.194  0.50 10.41  ? 16   LYS B CE  1 
ATOM   374 C CE  B LYS B 1 16 ? -3.758  11.566  -2.792  0.50 8.73   ? 16   LYS B CE  1 
ATOM   375 N NZ  A LYS B 1 16 ? -4.572  11.577  -4.440  0.50 11.80  ? 16   LYS B NZ  1 
ATOM   376 N NZ  B LYS B 1 16 ? -2.696  12.594  -3.002  0.50 9.63   ? 16   LYS B NZ  1 
HETATM 377 N N   . DPN B 1 17 ? -7.247  7.309   -1.904  1.00 6.68   ? 17   DPN B N   1 
HETATM 378 C CA  . DPN B 1 17 ? -8.508  7.616   -2.588  1.00 7.04   ? 17   DPN B CA  1 
HETATM 379 C C   . DPN B 1 17 ? -8.914  6.547   -3.589  1.00 7.11   ? 17   DPN B C   1 
HETATM 380 O O   . DPN B 1 17 ? -9.326  6.849   -4.704  1.00 7.99   ? 17   DPN B O   1 
HETATM 381 C CB  . DPN B 1 17 ? -9.638  7.754   -1.572  1.00 8.23   ? 17   DPN B CB  1 
HETATM 382 C CG  . DPN B 1 17 ? -10.978 7.779   -2.204  1.00 10.16  ? 17   DPN B CG  1 
HETATM 383 C CD1 . DPN B 1 17 ? -11.767 6.636   -2.264  1.00 12.22  ? 17   DPN B CD1 1 
HETATM 384 C CD2 . DPN B 1 17 ? -11.434 8.940   -2.803  1.00 11.98  ? 17   DPN B CD2 1 
HETATM 385 C CE1 . DPN B 1 17 ? -13.003 6.672   -2.888  1.00 13.33  ? 17   DPN B CE1 1 
HETATM 386 C CE2 . DPN B 1 17 ? -12.661 8.973   -3.432  1.00 13.76  ? 17   DPN B CE2 1 
HETATM 387 C CZ  . DPN B 1 17 ? -13.420 7.834   -3.477  1.00 13.78  ? 17   DPN B CZ  1 
ATOM   388 N N   . GLY B 1 18 ? -8.851  5.287   -3.173  1.00 7.51   ? 18   GLY B N   1 
ATOM   389 C CA  . GLY B 1 18 ? -9.341  4.198   -4.018  1.00 8.16   ? 18   GLY B CA  1 
ATOM   390 C C   . GLY B 1 18 ? -8.521  3.974   -5.278  1.00 8.17   ? 18   GLY B C   1 
ATOM   391 O O   . GLY B 1 18 ? -9.019  3.391   -6.241  1.00 9.31   ? 18   GLY B O   1 
ATOM   392 N N   . GLU B 1 19 ? -7.268  4.416   -5.256  1.00 8.11   ? 19   GLU B N   1 
ATOM   393 C CA  . GLU B 1 19 ? -6.361  4.261   -6.368  1.00 9.08   ? 19   GLU B CA  1 
ATOM   394 C C   . GLU B 1 19 ? -4.995  3.870   -5.837  1.00 8.44   ? 19   GLU B C   1 
ATOM   395 O O   . GLU B 1 19 ? -4.650  4.108   -4.673  1.00 7.99   ? 19   GLU B O   1 
ATOM   396 C CB  . GLU B 1 19 ? -6.204  5.571   -7.150  1.00 10.45  ? 19   GLU B CB  1 
ATOM   397 C CG  . GLU B 1 19 ? -7.499  6.160   -7.684  1.00 12.05  ? 19   GLU B CG  1 
ATOM   398 C CD  . GLU B 1 19 ? -8.164  5.327   -8.759  1.00 13.63  ? 19   GLU B CD  1 
ATOM   399 O OE1 . GLU B 1 19 ? -7.528  4.439   -9.371  1.00 15.24  ? 19   GLU B OE1 1 
ATOM   400 O OE2 . GLU B 1 19 ? -9.352  5.577   -8.999  1.00 15.89  ? 19   GLU B OE2 1 
ATOM   401 N N   . TRP B 1 20 ? -4.204  3.298   -6.727  1.00 8.89   ? 20   TRP B N   1 
ATOM   402 C CA  A TRP B 1 20 ? -2.786  3.083   -6.495  0.70 8.77   ? 20   TRP B CA  1 
ATOM   403 C CA  B TRP B 1 20 ? -2.807  3.054   -6.420  0.30 8.37   ? 20   TRP B CA  1 
ATOM   404 C C   . TRP B 1 20 ? -2.023  4.253   -7.032  1.00 9.17   ? 20   TRP B C   1 
ATOM   405 O O   . TRP B 1 20 ? -2.211  4.631   -8.192  1.00 12.04  ? 20   TRP B O   1 
ATOM   406 C CB  A TRP B 1 20 ? -2.356  1.878   -7.268  0.70 8.86   ? 20   TRP B CB  1 
ATOM   407 C CB  B TRP B 1 20 ? -2.344  1.647   -6.895  0.30 7.68   ? 20   TRP B CB  1 
ATOM   408 C CG  A TRP B 1 20 ? -2.915  0.680   -6.721  0.70 8.73   ? 20   TRP B CG  1 
ATOM   409 C CG  B TRP B 1 20 ? -2.846  0.400   -6.054  0.30 6.53   ? 20   TRP B CG  1 
ATOM   410 C CD1 A TRP B 1 20 ? -3.838  -0.119  -7.298  0.70 8.75   ? 20   TRP B CD1 1 
ATOM   411 C CD1 B TRP B 1 20 ? -3.764  -0.542  -6.448  0.30 6.96   ? 20   TRP B CD1 1 
ATOM   412 C CD2 A TRP B 1 20 ? -2.604  0.100   -5.456  0.70 7.62   ? 20   TRP B CD2 1 
ATOM   413 C CD2 B TRP B 1 20 ? -2.398  -0.020  -4.743  0.30 5.98   ? 20   TRP B CD2 1 
ATOM   414 N NE1 A TRP B 1 20 ? -4.103  -1.185  -6.481  0.70 9.02   ? 20   TRP B NE1 1 
ATOM   415 N NE1 B TRP B 1 20 ? -3.929  -1.492  -5.466  0.30 6.84   ? 20   TRP B NE1 1 
ATOM   416 C CE2 A TRP B 1 20 ? -3.362  -1.067  -5.339  0.70 9.05   ? 20   TRP B CE2 1 
ATOM   417 C CE2 B TRP B 1 20 ? -3.101  -1.197  -4.414  0.30 6.40   ? 20   TRP B CE2 1 
ATOM   418 C CE3 A TRP B 1 20 ? -1.739  0.456   -4.409  0.70 8.48   ? 20   TRP B CE3 1 
ATOM   419 C CE3 B TRP B 1 20 ? -1.478  0.493   -3.819  0.30 4.90   ? 20   TRP B CE3 1 
ATOM   420 C CZ2 A TRP B 1 20 ? -3.275  -1.900  -4.230  0.70 9.23   ? 20   TRP B CZ2 1 
ATOM   421 C CZ2 B TRP B 1 20 ? -2.918  -1.865  -3.202  0.30 6.09   ? 20   TRP B CZ2 1 
ATOM   422 C CZ3 A TRP B 1 20 ? -1.651  -0.365  -3.312  0.70 9.08   ? 20   TRP B CZ3 1 
ATOM   423 C CZ3 B TRP B 1 20 ? -1.288  -0.176  -2.617  0.30 5.06   ? 20   TRP B CZ3 1 
ATOM   424 C CH2 A TRP B 1 20 ? -2.427  -1.531  -3.220  0.70 9.59   ? 20   TRP B CH2 1 
ATOM   425 C CH2 B TRP B 1 20 ? -2.009  -1.339  -2.316  0.30 5.43   ? 20   TRP B CH2 1 
ATOM   426 N N   . VAL B 1 21 ? -1.172  4.841   -6.209  1.00 8.08   ? 21   VAL B N   1 
ATOM   427 C CA  A VAL B 1 21 ? -0.378  6.025   -6.572  0.70 8.26   ? 21   VAL B CA  1 
ATOM   428 C CA  B VAL B 1 21 ? -0.377  5.958   -6.658  0.30 7.90   ? 21   VAL B CA  1 
ATOM   429 C C   . VAL B 1 21 ? 1.090   5.672   -6.364  1.00 7.59   ? 21   VAL B C   1 
ATOM   430 O O   . VAL B 1 21 ? 1.451   4.973   -5.414  1.00 7.49   ? 21   VAL B O   1 
ATOM   431 C CB  A VAL B 1 21 ? -0.735  7.260   -5.677  0.70 9.30   ? 21   VAL B CB  1 
ATOM   432 C CB  B VAL B 1 21 ? -0.881  7.284   -6.066  0.30 8.04   ? 21   VAL B CB  1 
ATOM   433 C CG1 A VAL B 1 21 ? 0.148   8.481   -6.039  0.70 9.78   ? 21   VAL B CG1 1 
ATOM   434 C CG1 B VAL B 1 21 ? -2.328  7.548   -6.514  0.30 8.25   ? 21   VAL B CG1 1 
ATOM   435 C CG2 A VAL B 1 21 ? -2.213  7.608   -5.829  0.70 9.76   ? 21   VAL B CG2 1 
ATOM   436 C CG2 B VAL B 1 21 ? -0.796  7.255   -4.559  0.30 7.33   ? 21   VAL B CG2 1 
ATOM   437 N N   . LEU B 1 22 ? 1.944   6.159   -7.239  1.00 8.11   ? 22   LEU B N   1 
ATOM   438 C CA  . LEU B 1 22 ? 3.362   5.878   -7.118  1.00 8.50   ? 22   LEU B CA  1 
ATOM   439 C C   . LEU B 1 22 ? 3.925   6.412   -5.812  1.00 8.42   ? 22   LEU B C   1 
ATOM   440 O O   . LEU B 1 22 ? 3.773   7.583   -5.476  1.00 10.03  ? 22   LEU B O   1 
ATOM   441 C CB  . LEU B 1 22 ? 4.137   6.512   -8.267  1.00 9.53   ? 22   LEU B CB  1 
ATOM   442 C CG  . LEU B 1 22 ? 3.977   5.834   -9.626  1.00 10.27  ? 22   LEU B CG  1 
ATOM   443 C CD1 . LEU B 1 22 ? 4.457   6.767   -10.725 1.00 12.35  ? 22   LEU B CD1 1 
ATOM   444 C CD2 . LEU B 1 22 ? 4.714   4.504   -9.638  1.00 11.36  ? 22   LEU B CD2 1 
ATOM   445 N N   . LEU B 1 23 ? 4.632   5.558   -5.089  1.00 7.47   ? 23   LEU B N   1 
ATOM   446 C CA  . LEU B 1 23 ? 5.356   5.978   -3.899  1.00 7.22   ? 23   LEU B CA  1 
ATOM   447 C C   . LEU B 1 23 ? 6.328   7.118   -4.222  1.00 7.69   ? 23   LEU B C   1 
ATOM   448 O O   . LEU B 1 23 ? 6.514   8.027   -3.416  1.00 7.67   ? 23   LEU B O   1 
ATOM   449 C CB  . LEU B 1 23 ? 6.117   4.781   -3.338  1.00 7.38   ? 23   LEU B CB  1 
ATOM   450 C CG  . LEU B 1 23 ? 7.069   5.055   -2.178  1.00 7.64   ? 23   LEU B CG  1 
ATOM   451 C CD1 . LEU B 1 23 ? 6.336   5.599   -0.967  1.00 8.32   ? 23   LEU B CD1 1 
ATOM   452 C CD2 . LEU B 1 23 ? 7.818   3.775   -1.833  1.00 9.49   ? 23   LEU B CD2 1 
ATOM   453 N N   . SER B 1 24 ? 6.964   7.053   -5.391  1.00 8.37   ? 24   SER B N   1 
ATOM   454 C CA  . SER B 1 24 ? 8.048   7.980   -5.726  1.00 9.15   ? 24   SER B CA  1 
ATOM   455 C C   . SER B 1 24 ? 7.631   9.441   -5.648  1.00 9.45   ? 24   SER B C   1 
ATOM   456 O O   . SER B 1 24 ? 8.461   10.305  -5.344  1.00 11.17  ? 24   SER B O   1 
ATOM   457 C CB  . SER B 1 24 ? 8.575   7.694   -7.127  1.00 10.47  ? 24   SER B CB  1 
ATOM   458 O OG  . SER B 1 24 ? 7.517   7.788   -8.052  1.00 12.80  ? 24   SER B OG  1 
ATOM   459 N N   . THR B 1 25 ? 6.358   9.723   -5.923  1.00 10.03  ? 25   THR B N   1 
ATOM   460 C CA  . THR B 1 25 ? 5.856   11.082  -5.928  1.00 11.71  ? 25   THR B CA  1 
ATOM   461 C C   . THR B 1 25 ? 5.840   11.720  -4.537  1.00 11.02  ? 25   THR B C   1 
ATOM   462 O O   . THR B 1 25 ? 5.769   12.932  -4.434  1.00 13.46  ? 25   THR B O   1 
ATOM   463 C CB  . THR B 1 25 ? 4.447   11.155  -6.561  1.00 13.50  ? 25   THR B CB  1 
ATOM   464 O OG1 . THR B 1 25 ? 3.513   10.403  -5.774  1.00 13.96  ? 25   THR B OG1 1 
ATOM   465 C CG2 . THR B 1 25 ? 4.462   10.632  -7.989  1.00 14.33  ? 25   THR B CG2 1 
ATOM   466 N N   . PHE B 1 26 ? 5.904   10.900  -3.483  1.00 8.60   ? 26   PHE B N   1 
ATOM   467 C CA  . PHE B 1 26 ? 5.844   11.374  -2.099  1.00 8.49   ? 26   PHE B CA  1 
ATOM   468 C C   . PHE B 1 26 ? 7.210   11.516  -1.426  1.00 8.82   ? 26   PHE B C   1 
ATOM   469 O O   . PHE B 1 26 ? 7.283   12.031  -0.318  1.00 9.82   ? 26   PHE B O   1 
ATOM   470 C CB  . PHE B 1 26 ? 4.997   10.411  -1.259  1.00 7.77   ? 26   PHE B CB  1 
ATOM   471 C CG  . PHE B 1 26 ? 3.574   10.343  -1.685  1.00 7.89   ? 26   PHE B CG  1 
ATOM   472 C CD1 . PHE B 1 26 ? 2.674   11.307  -1.264  1.00 9.88   ? 26   PHE B CD1 1 
ATOM   473 C CD2 . PHE B 1 26 ? 3.120   9.323   -2.505  1.00 9.02   ? 26   PHE B CD2 1 
ATOM   474 C CE1 . PHE B 1 26 ? 1.347   11.244  -1.648  1.00 10.84  ? 26   PHE B CE1 1 
ATOM   475 C CE2 . PHE B 1 26 ? 1.797   9.269   -2.913  1.00 10.04  ? 26   PHE B CE2 1 
ATOM   476 C CZ  . PHE B 1 26 ? 0.914   10.234  -2.483  1.00 10.97  ? 26   PHE B CZ  1 
ATOM   477 N N   . LEU B 1 27 ? 8.280   11.061  -2.074  1.00 10.09  ? 27   LEU B N   1 
ATOM   478 C CA  . LEU B 1 27 ? 9.586   10.997  -1.418  1.00 12.60  ? 27   LEU B CA  1 
ATOM   479 C C   . LEU B 1 27 ? 10.251  12.349  -1.280  1.00 14.92  ? 27   LEU B C   1 
ATOM   480 O O   . LEU B 1 27 ? 9.922   13.272  -2.020  1.00 17.43  ? 27   LEU B O   1 
ATOM   481 C CB  . LEU B 1 27 ? 10.495  10.030  -2.163  1.00 13.88  ? 27   LEU B CB  1 
ATOM   482 C CG  . LEU B 1 27 ? 9.939   8.609   -2.268  1.00 14.57  ? 27   LEU B CG  1 
ATOM   483 C CD1 . LEU B 1 27 ? 10.907  7.714   -3.020  1.00 16.26  ? 27   LEU B CD1 1 
ATOM   484 C CD2 . LEU B 1 27 ? 9.633   8.030   -0.895  1.00 16.31  ? 27   LEU B CD2 1 
ATOM   485 O OXT . LEU B 1 27 ? 11.111  12.522  -0.413  1.00 16.38  ? 27   LEU B OXT 1 
ATOM   486 N N   . GLY C 1 1  ? -6.295  -13.501 3.806   1.00 15.70  ? 1    GLY C N   1 
ATOM   487 C CA  . GLY C 1 1  ? -7.452  -13.273 2.898   1.00 14.05  ? 1    GLY C CA  1 
ATOM   488 C C   . GLY C 1 1  ? -7.327  -11.929 2.223   1.00 12.66  ? 1    GLY C C   1 
ATOM   489 O O   . GLY C 1 1  ? -6.314  -11.231 2.403   1.00 14.46  ? 1    GLY C O   1 
ATOM   490 N N   . TYR C 1 2  ? -8.350  -11.555 1.453   1.00 10.48  ? 2    TYR C N   1 
ATOM   491 C CA  . TYR C 1 2  ? -8.338  -10.271 0.783   1.00 8.40   ? 2    TYR C CA  1 
ATOM   492 C C   . TYR C 1 2  ? -8.697  -9.177  1.765   1.00 9.01   ? 2    TYR C C   1 
ATOM   493 O O   . TYR C 1 2  ? -9.637  -9.300  2.556   1.00 11.48  ? 2    TYR C O   1 
ATOM   494 C CB  . TYR C 1 2  ? -9.268  -10.227 -0.419  1.00 7.80   ? 2    TYR C CB  1 
ATOM   495 C CG  . TYR C 1 2  ? -8.913  -11.227 -1.490  1.00 7.84   ? 2    TYR C CG  1 
ATOM   496 C CD1 . TYR C 1 2  ? -7.616  -11.331 -1.982  1.00 8.78   ? 2    TYR C CD1 1 
ATOM   497 C CD2 . TYR C 1 2  ? -9.880  -12.046 -2.042  1.00 9.31   ? 2    TYR C CD2 1 
ATOM   498 C CE1 . TYR C 1 2  ? -7.294  -12.240 -2.986  1.00 9.16   ? 2    TYR C CE1 1 
ATOM   499 C CE2 . TYR C 1 2  ? -9.574  -12.944 -3.041  1.00 10.41  ? 2    TYR C CE2 1 
ATOM   500 C CZ  . TYR C 1 2  ? -8.281  -13.047 -3.501  1.00 9.94   ? 2    TYR C CZ  1 
ATOM   501 O OH  . TYR C 1 2  ? -7.986  -13.936 -4.507  1.00 12.58  ? 2    TYR C OH  1 
ATOM   502 N N   . ILE C 1 3  ? -7.945  -8.087  1.703   1.00 8.06   ? 3    ILE C N   1 
ATOM   503 C CA  . ILE C 1 3  ? -8.053  -7.025  2.679   1.00 8.04   ? 3    ILE C CA  1 
ATOM   504 C C   . ILE C 1 3  ? -9.008  -5.927  2.235   1.00 7.87   ? 3    ILE C C   1 
ATOM   505 O O   . ILE C 1 3  ? -9.309  -5.787  1.053   1.00 8.06   ? 3    ILE C O   1 
ATOM   506 C CB  . ILE C 1 3  ? -6.671  -6.430  3.039   1.00 8.47   ? 3    ILE C CB  1 
ATOM   507 C CG1 . ILE C 1 3  ? -6.011  -5.760  1.840   1.00 8.91   ? 3    ILE C CG1 1 
ATOM   508 C CG2 . ILE C 1 3  ? -5.784  -7.499  3.641   1.00 10.39  ? 3    ILE C CG2 1 
ATOM   509 C CD1 . ILE C 1 3  ? -4.741  -5.028  2.190   1.00 9.11   ? 3    ILE C CD1 1 
ATOM   510 N N   . PRO C 1 4  ? -9.495  -5.142  3.200   1.00 8.43   ? 4    PRO C N   1 
ATOM   511 C CA  . PRO C 1 4  ? -10.404 -4.055  2.883   1.00 8.97   ? 4    PRO C CA  1 
ATOM   512 C C   . PRO C 1 4  ? -9.704  -2.844  2.293   1.00 8.04   ? 4    PRO C C   1 
ATOM   513 O O   . PRO C 1 4  ? -8.504  -2.638  2.506   1.00 8.62   ? 4    PRO C O   1 
ATOM   514 C CB  . PRO C 1 4  ? -11.020 -3.680  4.241   1.00 10.33  ? 4    PRO C CB  1 
ATOM   515 C CG  . PRO C 1 4  ? -10.498 -4.634  5.242   1.00 11.51  ? 4    PRO C CG  1 
ATOM   516 C CD  . PRO C 1 4  ? -9.316  -5.286  4.660   1.00 9.87   ? 4    PRO C CD  1 
ATOM   517 N N   . GLU C 1 5  ? -10.487 -2.025  1.609   1.00 8.39   ? 5    GLU C N   1 
ATOM   518 C CA  . GLU C 1 5  ? -10.039 -0.743  1.103   1.00 8.47   ? 5    GLU C CA  1 
ATOM   519 C C   . GLU C 1 5  ? -9.452  0.116   2.239   1.00 8.03   ? 5    GLU C C   1 
ATOM   520 O O   . GLU C 1 5  ? -9.880  0.042   3.397   1.00 8.67   ? 5    GLU C O   1 
ATOM   521 C CB  . GLU C 1 5  ? -11.233 -0.036  0.455   1.00 8.51   ? 5    GLU C CB  1 
ATOM   522 C CG  . GLU C 1 5  ? -10.921 1.305   -0.182  1.00 9.21   ? 5    GLU C CG  1 
ATOM   523 C CD  . GLU C 1 5  ? -9.851  1.212   -1.251  1.00 9.13   ? 5    GLU C CD  1 
ATOM   524 O OE1 . GLU C 1 5  ? -10.177 0.763   -2.372  1.00 11.39  ? 5    GLU C OE1 1 
ATOM   525 O OE2 . GLU C 1 5  ? -8.683  1.569   -0.969  1.00 8.25   ? 5    GLU C OE2 1 
ATOM   526 N N   . ALA C 1 6  ? -8.463  0.930   1.885   1.00 7.44   ? 6    ALA C N   1 
ATOM   527 C CA  . ALA C 1 6  ? -7.879  1.887   2.808   1.00 7.62   ? 6    ALA C CA  1 
ATOM   528 C C   . ALA C 1 6  ? -8.860  3.032   3.076   1.00 7.40   ? 6    ALA C C   1 
ATOM   529 O O   . ALA C 1 6  ? -9.877  3.172   2.390   1.00 8.06   ? 6    ALA C O   1 
ATOM   530 C CB  . ALA C 1 6  ? -6.581  2.443   2.214   1.00 7.48   ? 6    ALA C CB  1 
ATOM   531 N N   . PRO C 1 7  ? -8.550  3.888   4.058   1.00 7.40   ? 7    PRO C N   1 
ATOM   532 C CA  . PRO C 1 7  ? -9.403  5.048   4.264   1.00 7.61   ? 7    PRO C CA  1 
ATOM   533 C C   . PRO C 1 7  ? -9.544  5.905   3.017   1.00 7.58   ? 7    PRO C C   1 
ATOM   534 O O   . PRO C 1 7  ? -8.668  5.927   2.139   1.00 7.80   ? 7    PRO C O   1 
ATOM   535 C CB  . PRO C 1 7  ? -8.699  5.821   5.390   1.00 7.76   ? 7    PRO C CB  1 
ATOM   536 C CG  . PRO C 1 7  ? -8.018  4.732   6.156   1.00 8.22   ? 7    PRO C CG  1 
ATOM   537 C CD  . PRO C 1 7  ? -7.511  3.795   5.099   1.00 7.58   ? 7    PRO C CD  1 
ATOM   538 N N   . ARG C 1 8  ? -10.677 6.590   2.942   1.00 7.88   ? 8    ARG C N   1 
ATOM   539 C CA  . ARG C 1 8  ? -11.070 7.360   1.770   1.00 9.02   ? 8    ARG C CA  1 
ATOM   540 C C   . ARG C 1 8  ? -10.882 8.866   1.957   1.00 9.74   ? 8    ARG C C   1 
ATOM   541 O O   . ARG C 1 8  ? -11.509 9.676   1.269   1.00 11.72  ? 8    ARG C O   1 
ATOM   542 C CB  . ARG C 1 8  ? -12.517 7.013   1.407   1.00 9.72   ? 8    ARG C CB  1 
ATOM   543 C CG  . ARG C 1 8  ? -12.706 5.514   1.156   1.00 11.04  ? 8    ARG C CG  1 
ATOM   544 C CD  . ARG C 1 8  ? -14.076 5.179   0.628   1.00 11.34  ? 8    ARG C CD  1 
ATOM   545 N NE  . ARG C 1 8  ? -15.131 5.380   1.609   1.00 12.09  ? 8    ARG C NE  1 
ATOM   546 C CZ  . ARG C 1 8  ? -16.426 5.250   1.355   1.00 11.69  ? 8    ARG C CZ  1 
ATOM   547 N NH1 . ARG C 1 8  ? -16.839 4.931   0.129   1.00 11.49  ? 8    ARG C NH1 1 
ATOM   548 N NH2 . ARG C 1 8  ? -17.320 5.455   2.310   1.00 12.79  ? 8    ARG C NH2 1 
ATOM   549 N N   . ASP C 1 9  ? -9.968  9.229   2.854   1.00 8.95   ? 9    ASP C N   1 
ATOM   550 C CA  . ASP C 1 9  ? -9.801  10.606  3.295   1.00 9.14   ? 9    ASP C CA  1 
ATOM   551 C C   . ASP C 1 9  ? -8.904  11.446  2.399   1.00 9.22   ? 9    ASP C C   1 
ATOM   552 O O   . ASP C 1 9  ? -8.762  12.632  2.642   1.00 11.65  ? 9    ASP C O   1 
ATOM   553 C CB  . ASP C 1 9  ? -9.334  10.643  4.757   1.00 10.05  ? 9    ASP C CB  1 
ATOM   554 C CG  . ASP C 1 9  ? -7.936  10.103  4.962   1.00 10.58  ? 9    ASP C CG  1 
ATOM   555 O OD1 . ASP C 1 9  ? -7.359  9.532   4.032   1.00 8.60   ? 9    ASP C OD1 1 
ATOM   556 O OD2 . ASP C 1 9  ? -7.414  10.244  6.081   1.00 14.80  ? 9    ASP C OD2 1 
HETATM 557 N N   . DAL C 1 10 ? -8.305  10.854  1.367   1.00 8.45   ? 10   DAL C N   1 
HETATM 558 C CA  . DAL C 1 10 ? -7.422  11.589  0.457   1.00 8.48   ? 10   DAL C CA  1 
HETATM 559 C CB  . DAL C 1 10 ? -7.604  11.090  -0.985  1.00 9.10   ? 10   DAL C CB  1 
HETATM 560 C C   . DAL C 1 10 ? -5.946  11.535  0.850   1.00 7.72   ? 10   DAL C C   1 
HETATM 561 O O   . DAL C 1 10 ? -5.110  12.154  0.191   1.00 9.30   ? 10   DAL C O   1 
ATOM   562 N N   . GLN C 1 11 ? -5.620  10.801  1.909   1.00 7.31   ? 11   GLN C N   1 
ATOM   563 C CA  . GLN C 1 11 ? -4.232  10.571  2.281   1.00 6.79   ? 11   GLN C CA  1 
ATOM   564 C C   . GLN C 1 11 ? -3.757  9.226   1.738   1.00 6.38   ? 11   GLN C C   1 
ATOM   565 O O   . GLN C 1 11 ? -4.553  8.346   1.406   1.00 7.37   ? 11   GLN C O   1 
ATOM   566 C CB  . GLN C 1 11 ? -4.066  10.633  3.795   1.00 6.97   ? 11   GLN C CB  1 
ATOM   567 C CG  . GLN C 1 11 ? -4.549  11.953  4.379   1.00 8.16   ? 11   GLN C CG  1 
ATOM   568 C CD  . GLN C 1 11 ? -4.094  12.137  5.797   1.00 8.61   ? 11   GLN C CD  1 
ATOM   569 O OE1 . GLN C 1 11 ? -2.948  12.513  6.060   1.00 10.18  ? 11   GLN C OE1 1 
ATOM   570 N NE2 . GLN C 1 11 ? -4.965  11.823  6.734   1.00 9.73   ? 11   GLN C NE2 1 
ATOM   571 N N   . ALA C 1 12 ? -2.438  9.070   1.665   1.00 6.12   ? 12   ALA C N   1 
ATOM   572 C CA  . ALA C 1 12 ? -1.804  7.828   1.235   1.00 5.98   ? 12   ALA C CA  1 
ATOM   573 C C   . ALA C 1 12 ? -1.504  6.899   2.402   1.00 5.55   ? 12   ALA C C   1 
ATOM   574 O O   . ALA C 1 12 ? -1.023  7.343   3.450   1.00 5.95   ? 12   ALA C O   1 
ATOM   575 C CB  . ALA C 1 12 ? -0.535  8.127   0.477   1.00 6.48   ? 12   ALA C CB  1 
ATOM   576 N N   . TYR C 1 13 ? -1.743  5.605   2.168   1.00 5.53   ? 13   TYR C N   1 
ATOM   577 C CA  A TYR C 1 13 ? -1.624  4.564   3.186   0.50 5.48   ? 13   TYR C CA  1 
ATOM   578 C CA  B TYR C 1 13 ? -1.627  4.574   3.193   0.50 5.35   ? 13   TYR C CA  1 
ATOM   579 C C   . TYR C 1 13 ? -0.738  3.414   2.731   1.00 5.20   ? 13   TYR C C   1 
ATOM   580 O O   . TYR C 1 13 ? -0.644  3.089   1.528   1.00 5.73   ? 13   TYR C O   1 
ATOM   581 C CB  A TYR C 1 13 ? -3.003  3.999   3.548   0.50 5.68   ? 13   TYR C CB  1 
ATOM   582 C CB  B TYR C 1 13 ? -3.012  4.022   3.587   0.50 5.37   ? 13   TYR C CB  1 
ATOM   583 C CG  A TYR C 1 13 ? -3.871  5.062   4.152   0.50 5.79   ? 13   TYR C CG  1 
ATOM   584 C CG  B TYR C 1 13 ? -3.828  5.002   4.412   0.50 5.41   ? 13   TYR C CG  1 
ATOM   585 C CD1 A TYR C 1 13 ? -3.855  5.292   5.520   0.50 6.30   ? 13   TYR C CD1 1 
ATOM   586 C CD1 B TYR C 1 13 ? -3.828  4.946   5.798   0.50 5.31   ? 13   TYR C CD1 1 
ATOM   587 C CD2 A TYR C 1 13 ? -4.650  5.891   3.357   0.50 6.19   ? 13   TYR C CD2 1 
ATOM   588 C CD2 B TYR C 1 13 ? -4.565  6.011   3.808   0.50 6.16   ? 13   TYR C CD2 1 
ATOM   589 C CE1 A TYR C 1 13 ? -4.608  6.295   6.087   0.50 6.60   ? 13   TYR C CE1 1 
ATOM   590 C CE1 B TYR C 1 13 ? -4.546  5.855   6.564   0.50 5.75   ? 13   TYR C CE1 1 
ATOM   591 C CE2 A TYR C 1 13 ? -5.399  6.906   3.919   0.50 6.15   ? 13   TYR C CE2 1 
ATOM   592 C CE2 B TYR C 1 13 ? -5.280  6.936   4.567   0.50 5.87   ? 13   TYR C CE2 1 
ATOM   593 C CZ  A TYR C 1 13 ? -5.366  7.103   5.282   0.50 6.39   ? 13   TYR C CZ  1 
ATOM   594 C CZ  B TYR C 1 13 ? -5.264  6.850   5.945   0.50 6.00   ? 13   TYR C CZ  1 
ATOM   595 O OH  A TYR C 1 13 ? -6.099  8.091   5.889   0.50 7.47   ? 13   TYR C OH  1 
ATOM   596 O OH  B TYR C 1 13 ? -5.970  7.755   6.712   0.50 7.23   ? 13   TYR C OH  1 
ATOM   597 N N   . VAL C 1 14 ? -0.117  2.785   3.728   1.00 5.56   ? 14   VAL C N   1 
ATOM   598 C CA  . VAL C 1 14 ? 0.673   1.577   3.581   1.00 5.39   ? 14   VAL C CA  1 
ATOM   599 C C   . VAL C 1 14 ? 0.108   0.528   4.563   1.00 5.07   ? 14   VAL C C   1 
ATOM   600 O O   . VAL C 1 14 ? -0.681  0.857   5.451   1.00 5.93   ? 14   VAL C O   1 
ATOM   601 C CB  . VAL C 1 14 ? 2.167   1.852   3.844   1.00 6.17   ? 14   VAL C CB  1 
ATOM   602 C CG1 . VAL C 1 14 ? 2.678   2.849   2.827   1.00 7.68   ? 14   VAL C CG1 1 
ATOM   603 C CG2 . VAL C 1 14 ? 2.419   2.316   5.263   1.00 7.34   ? 14   VAL C CG2 1 
ATOM   604 N N   . ARG C 1 15 ? 0.490   -0.733  4.382   1.00 5.43   ? 15   ARG C N   1 
ATOM   605 C CA  . ARG C 1 15 ? -0.089  -1.828  5.147   1.00 5.54   ? 15   ARG C CA  1 
ATOM   606 C C   . ARG C 1 15 ? 0.886   -2.249  6.249   1.00 6.08   ? 15   ARG C C   1 
ATOM   607 O O   . ARG C 1 15 ? 2.060   -2.493  5.988   1.00 6.56   ? 15   ARG C O   1 
ATOM   608 C CB  . ARG C 1 15 ? -0.414  -3.002  4.224   1.00 6.06   ? 15   ARG C CB  1 
ATOM   609 C CG  . ARG C 1 15 ? -1.300  -4.075  4.862   1.00 6.25   ? 15   ARG C CG  1 
ATOM   610 C CD  . ARG C 1 15 ? -2.714  -3.570  5.095   1.00 6.73   ? 15   ARG C CD  1 
ATOM   611 N NE  . ARG C 1 15 ? -3.555  -4.633  5.635   1.00 6.58   ? 15   ARG C NE  1 
ATOM   612 C CZ  . ARG C 1 15 ? -4.803  -4.458  6.059   1.00 6.91   ? 15   ARG C CZ  1 
ATOM   613 N NH1 . ARG C 1 15 ? -5.362  -3.255  6.027   1.00 7.30   ? 15   ARG C NH1 1 
ATOM   614 N NH2 . ARG C 1 15 ? -5.494  -5.479  6.530   1.00 7.80   ? 15   ARG C NH2 1 
ATOM   615 N N   . LYS C 1 16 ? 0.391   -2.364  7.480   1.00 6.18   ? 16   LYS C N   1 
ATOM   616 C CA  . LYS C 1 16 ? 1.243   -2.650  8.632   1.00 6.79   ? 16   LYS C CA  1 
ATOM   617 C C   . LYS C 1 16 ? 0.415   -3.350  9.707   1.00 6.65   ? 16   LYS C C   1 
ATOM   618 O O   . LYS C 1 16 ? -0.574  -2.790  10.185  1.00 7.15   ? 16   LYS C O   1 
ATOM   619 C CB  . LYS C 1 16 ? 1.809   -1.344  9.183   1.00 7.67   ? 16   LYS C CB  1 
ATOM   620 C CG  . LYS C 1 16 ? 2.785   -1.452  10.318  1.00 8.80   ? 16   LYS C CG  1 
ATOM   621 C CD  . LYS C 1 16 ? 3.230   -0.033  10.713  1.00 11.16  ? 16   LYS C CD  1 
ATOM   622 C CE  . LYS C 1 16 ? 4.414   0.008   11.659  1.00 11.99  ? 16   LYS C CE  1 
ATOM   623 N NZ  . LYS C 1 16 ? 4.110   -0.618  12.958  1.00 13.40  ? 16   LYS C NZ  1 
HETATM 624 N N   . DPN C 1 17 ? 0.801   -4.562  10.092  1.00 7.27   ? 17   DPN C N   1 
HETATM 625 C CA  . DPN C 1 17 ? 0.142   -5.290  11.184  1.00 8.08   ? 17   DPN C CA  1 
HETATM 626 C C   . DPN C 1 17 ? -1.360  -5.383  11.002  1.00 7.68   ? 17   DPN C C   1 
HETATM 627 O O   . DPN C 1 17 ? -2.123  -5.208  11.952  1.00 8.23   ? 17   DPN C O   1 
HETATM 628 C CB  . DPN C 1 17 ? 0.726   -6.703  11.262  1.00 8.64   ? 17   DPN C CB  1 
HETATM 629 C CG  . DPN C 1 17 ? 0.097   -7.564  12.319  1.00 10.30  ? 17   DPN C CG  1 
HETATM 630 C CD1 . DPN C 1 17 ? -0.934  -8.425  12.000  1.00 11.65  ? 17   DPN C CD1 1 
HETATM 631 C CD2 . DPN C 1 17 ? 0.498   -7.464  13.636  1.00 11.90  ? 17   DPN C CD2 1 
HETATM 632 C CE1 . DPN C 1 17 ? -1.511  -9.216  12.974  1.00 12.60  ? 17   DPN C CE1 1 
HETATM 633 C CE2 . DPN C 1 17 ? -0.083  -8.247  14.613  1.00 13.20  ? 17   DPN C CE2 1 
HETATM 634 C CZ  . DPN C 1 17 ? -1.093  -9.104  14.281  1.00 12.92  ? 17   DPN C CZ  1 
ATOM   635 N N   . GLY C 1 18 ? -1.789  -5.736  9.798   1.00 7.49   ? 18   GLY C N   1 
ATOM   636 C CA  . GLY C 1 18 ? -3.206  -5.968  9.534   1.00 7.96   ? 18   GLY C CA  1 
ATOM   637 C C   . GLY C 1 18 ? -4.073  -4.725  9.534   1.00 7.82   ? 18   GLY C C   1 
ATOM   638 O O   . GLY C 1 18 ? -5.295  -4.825  9.647   1.00 8.72   ? 18   GLY C O   1 
ATOM   639 N N   . GLU C 1 19 ? -3.450  -3.555  9.391   1.00 7.33   ? 19   GLU C N   1 
ATOM   640 C CA  . GLU C 1 19 ? -4.164  -2.303  9.329   1.00 7.41   ? 19   GLU C CA  1 
ATOM   641 C C   . GLU C 1 19 ? -3.507  -1.392  8.276   1.00 6.39   ? 19   GLU C C   1 
ATOM   642 O O   . GLU C 1 19 ? -2.368  -1.582  7.850   1.00 7.03   ? 19   GLU C O   1 
ATOM   643 C CB  . GLU C 1 19 ? -4.172  -1.622  10.703  1.00 9.25   ? 19   GLU C CB  1 
ATOM   644 C CG  . GLU C 1 19 ? -4.799  -2.455  11.847  1.00 11.10  ? 19   GLU C CG  1 
ATOM   645 C CD  . GLU C 1 19 ? -6.321  -2.763  11.706  1.00 13.06  ? 19   GLU C CD  1 
ATOM   646 O OE1 . GLU C 1 19 ? -7.021  -2.118  10.906  1.00 15.88  ? 19   GLU C OE1 1 
ATOM   647 O OE2 . GLU C 1 19 ? -6.813  -3.674  12.403  1.00 14.81  ? 19   GLU C OE2 1 
ATOM   648 N N   . TRP C 1 20 ? -4.265  -0.379  7.882   1.00 6.33   ? 20   TRP C N   1 
ATOM   649 C CA  . TRP C 1 20 ? -3.745  0.697   7.056   1.00 6.03   ? 20   TRP C CA  1 
ATOM   650 C C   . TRP C 1 20 ? -3.204  1.806   7.953   1.00 6.17   ? 20   TRP C C   1 
ATOM   651 O O   . TRP C 1 20 ? -3.888  2.233   8.888   1.00 7.70   ? 20   TRP C O   1 
ATOM   652 C CB  . TRP C 1 20 ? -4.850  1.250   6.171   1.00 6.62   ? 20   TRP C CB  1 
ATOM   653 C CG  . TRP C 1 20 ? -5.305  0.308   5.116   1.00 6.69   ? 20   TRP C CG  1 
ATOM   654 C CD1 . TRP C 1 20 ? -6.505  -0.342  5.070   1.00 7.35   ? 20   TRP C CD1 1 
ATOM   655 C CD2 . TRP C 1 20 ? -4.597  -0.074  3.938   1.00 7.12   ? 20   TRP C CD2 1 
ATOM   656 N NE1 . TRP C 1 20 ? -6.599  -1.092  3.940   1.00 8.36   ? 20   TRP C NE1 1 
ATOM   657 C CE2 . TRP C 1 20 ? -5.441  -0.953  3.224   1.00 7.95   ? 20   TRP C CE2 1 
ATOM   658 C CE3 . TRP C 1 20 ? -3.337  0.251   3.404   1.00 7.58   ? 20   TRP C CE3 1 
ATOM   659 C CZ2 . TRP C 1 20 ? -5.078  -1.499  2.011   1.00 9.85   ? 20   TRP C CZ2 1 
ATOM   660 C CZ3 . TRP C 1 20 ? -2.979  -0.293  2.192   1.00 9.21   ? 20   TRP C CZ3 1 
ATOM   661 C CH2 . TRP C 1 20 ? -3.847  -1.168  1.509   1.00 10.04  ? 20   TRP C CH2 1 
ATOM   662 N N   . VAL C 1 21 ? -1.991  2.254   7.647   1.00 5.86   ? 21   VAL C N   1 
ATOM   663 C CA  A VAL C 1 21 ? -1.376  3.352   8.377   0.90 6.67   ? 21   VAL C CA  1 
ATOM   664 C CA  B VAL C 1 21 ? -1.278  3.293   8.383   0.10 5.61   ? 21   VAL C CA  1 
ATOM   665 C C   . VAL C 1 21 ? -0.861  4.388   7.391   1.00 6.12   ? 21   VAL C C   1 
ATOM   666 O O   . VAL C 1 21 ? -0.553  4.092   6.245   1.00 6.17   ? 21   VAL C O   1 
ATOM   667 C CB  A VAL C 1 21 ? -0.258  2.897   9.352   0.90 8.28   ? 21   VAL C CB  1 
ATOM   668 C CB  B VAL C 1 21 ? 0.001   2.686   9.020   0.10 4.99   ? 21   VAL C CB  1 
ATOM   669 C CG1 A VAL C 1 21 ? -0.778  1.858   10.346  0.90 9.53   ? 21   VAL C CG1 1 
ATOM   670 C CG1 B VAL C 1 21 ? 0.777   3.731   9.790   0.10 4.22   ? 21   VAL C CG1 1 
ATOM   671 C CG2 A VAL C 1 21 ? 0.911   2.377   8.587   0.90 9.48   ? 21   VAL C CG2 1 
ATOM   672 C CG2 B VAL C 1 21 ? -0.360  1.515   9.929   0.10 4.90   ? 21   VAL C CG2 1 
ATOM   673 N N   . LEU C 1 22 ? -0.807  5.631   7.840   1.00 5.98   ? 22   LEU C N   1 
ATOM   674 C CA  . LEU C 1 22 ? -0.423  6.721   6.970   1.00 6.34   ? 22   LEU C CA  1 
ATOM   675 C C   . LEU C 1 22 ? 1.031   6.578   6.494   1.00 6.14   ? 22   LEU C C   1 
ATOM   676 O O   . LEU C 1 22 ? 1.953   6.375   7.285   1.00 6.71   ? 22   LEU C O   1 
ATOM   677 C CB  . LEU C 1 22 ? -0.589  8.048   7.691   1.00 6.52   ? 22   LEU C CB  1 
ATOM   678 C CG  . LEU C 1 22 ? -2.040  8.504   7.854   1.00 7.51   ? 22   LEU C CG  1 
ATOM   679 C CD1 . LEU C 1 22 ? -2.139  9.587   8.899   1.00 9.61   ? 22   LEU C CD1 1 
ATOM   680 C CD2 . LEU C 1 22 ? -2.613  8.969   6.540   1.00 7.70   ? 22   LEU C CD2 1 
ATOM   681 N N   . LEU C 1 23 ? 1.239   6.749   5.195   1.00 5.99   ? 23   LEU C N   1 
ATOM   682 C CA  . LEU C 1 23 ? 2.587   6.801   4.631   1.00 6.08   ? 23   LEU C CA  1 
ATOM   683 C C   . LEU C 1 23 ? 3.431   7.899   5.282   1.00 6.38   ? 23   LEU C C   1 
ATOM   684 O O   . LEU C 1 23 ? 4.645   7.722   5.494   1.00 6.34   ? 23   LEU C O   1 
ATOM   685 C CB  . LEU C 1 23 ? 2.497   7.043   3.122   1.00 6.10   ? 23   LEU C CB  1 
ATOM   686 C CG  . LEU C 1 23 ? 3.814   7.323   2.401   1.00 6.27   ? 23   LEU C CG  1 
ATOM   687 C CD1 . LEU C 1 23 ? 4.777   6.132   2.502   1.00 7.15   ? 23   LEU C CD1 1 
ATOM   688 C CD2 . LEU C 1 23 ? 3.511   7.668   0.960   1.00 7.09   ? 23   LEU C CD2 1 
ATOM   689 N N   . SER C 1 24 ? 2.797   9.034   5.577   1.00 6.68   ? 24   SER C N   1 
ATOM   690 C CA  . SER C 1 24 ? 3.501   10.199  6.098   1.00 7.56   ? 24   SER C CA  1 
ATOM   691 C C   . SER C 1 24 ? 4.237   9.905   7.413   1.00 7.25   ? 24   SER C C   1 
ATOM   692 O O   . SER C 1 24 ? 5.204   10.589  7.752   1.00 8.58   ? 24   SER C O   1 
ATOM   693 C CB  . SER C 1 24 ? 2.531   11.363  6.272   1.00 8.84   ? 24   SER C CB  1 
ATOM   694 O OG  . SER C 1 24 ? 1.477   10.992  7.128   1.00 10.09  ? 24   SER C OG  1 
ATOM   695 N N   . THR C 1 25 ? 3.793   8.881   8.133   1.00 7.73   ? 25   THR C N   1 
ATOM   696 C CA  A THR C 1 25 ? 4.446   8.404   9.345   0.70 8.75   ? 25   THR C CA  1 
ATOM   697 C CA  B THR C 1 25 ? 4.481   8.493   9.363   0.30 8.80   ? 25   THR C CA  1 
ATOM   698 C C   . THR C 1 25 ? 5.963   8.200   9.118   1.00 8.07   ? 25   THR C C   1 
ATOM   699 O O   . THR C 1 25 ? 6.802   8.435   9.992   1.00 9.28   ? 25   THR C O   1 
ATOM   700 C CB  A THR C 1 25 ? 3.807   7.025   9.750   0.70 8.94   ? 25   THR C CB  1 
ATOM   701 C CB  B THR C 1 25 ? 3.811   7.273   10.027  0.30 9.78   ? 25   THR C CB  1 
ATOM   702 O OG1 A THR C 1 25 ? 2.378   7.142   9.772   0.70 8.21   ? 25   THR C OG1 1 
ATOM   703 O OG1 B THR C 1 25 ? 2.666   7.716   10.761  0.30 10.83  ? 25   THR C OG1 1 
ATOM   704 C CG2 A THR C 1 25 ? 4.284   6.563   11.095  0.70 10.54  ? 25   THR C CG2 1 
ATOM   705 C CG2 B THR C 1 25 ? 4.768   6.541   10.967  0.30 10.37  ? 25   THR C CG2 1 
ATOM   706 N N   . PHE C 1 26 ? 6.287   7.724   7.925   1.00 6.62   ? 26   PHE C N   1 
ATOM   707 C CA  . PHE C 1 26 ? 7.610   7.207   7.592   1.00 6.83   ? 26   PHE C CA  1 
ATOM   708 C C   . PHE C 1 26 ? 8.459   8.141   6.746   1.00 7.22   ? 26   PHE C C   1 
ATOM   709 O O   . PHE C 1 26 ? 9.615   7.839   6.471   1.00 7.96   ? 26   PHE C O   1 
ATOM   710 C CB  . PHE C 1 26 ? 7.434   5.866   6.865   1.00 6.94   ? 26   PHE C CB  1 
ATOM   711 C CG  . PHE C 1 26 ? 6.622   4.893   7.655   1.00 6.99   ? 26   PHE C CG  1 
ATOM   712 C CD1 . PHE C 1 26 ? 7.184   4.196   8.693   1.00 9.48   ? 26   PHE C CD1 1 
ATOM   713 C CD2 . PHE C 1 26 ? 5.268   4.711   7.386   1.00 7.97   ? 26   PHE C CD2 1 
ATOM   714 C CE1 . PHE C 1 26 ? 6.412   3.332   9.457   1.00 10.71  ? 26   PHE C CE1 1 
ATOM   715 C CE2 . PHE C 1 26 ? 4.493   3.852   8.149   1.00 9.46   ? 26   PHE C CE2 1 
ATOM   716 C CZ  . PHE C 1 26 ? 5.070   3.170   9.181   1.00 10.88  ? 26   PHE C CZ  1 
ATOM   717 N N   . LEU C 1 27 ? 7.897   9.271   6.322   1.00 7.72   ? 27   LEU C N   1 
ATOM   718 C CA  . LEU C 1 27 ? 8.574   10.156  5.380   1.00 9.03   ? 27   LEU C CA  1 
ATOM   719 C C   . LEU C 1 27 ? 9.080   11.432  5.999   1.00 10.38  ? 27   LEU C C   1 
ATOM   720 O O   . LEU C 1 27 ? 10.115  11.949  5.546   1.00 12.41  ? 27   LEU C O   1 
ATOM   721 C CB  . LEU C 1 27 ? 7.644   10.513  4.235   1.00 9.66   ? 27   LEU C CB  1 
ATOM   722 C CG  . LEU C 1 27 ? 7.200   9.345   3.367   1.00 9.68   ? 27   LEU C CG  1 
ATOM   723 C CD1 . LEU C 1 27 ? 6.364   9.823   2.199   1.00 11.46  ? 27   LEU C CD1 1 
ATOM   724 C CD2 . LEU C 1 27 ? 8.383   8.516   2.874   1.00 11.87  ? 27   LEU C CD2 1 
ATOM   725 O OXT . LEU C 1 27 ? 8.443   11.964  6.900   1.00 12.26  ? 27   LEU C OXT 1 
HETATM 726 O O1  . PG4 D 2 .  ? -2.587  15.723  12.946  1.00 23.57  ? 1028 PG4 C O1  1 
HETATM 727 C C1  . PG4 D 2 .  ? -2.806  14.735  13.934  1.00 21.63  ? 1028 PG4 C C1  1 
HETATM 728 C C2  . PG4 D 2 .  ? -3.358  13.440  13.341  1.00 20.52  ? 1028 PG4 C C2  1 
HETATM 729 O O2  . PG4 D 2 .  ? -2.500  12.350  13.641  1.00 18.58  ? 1028 PG4 C O2  1 
HETATM 730 C C3  . PG4 D 2 .  ? -2.911  11.109  13.101  1.00 19.82  ? 1028 PG4 C C3  1 
HETATM 731 C C4  . PG4 D 2 .  ? -1.724  10.155  12.962  1.00 19.73  ? 1028 PG4 C C4  1 
HETATM 732 O O3  . PG4 D 2 .  ? -0.793  10.661  12.030  1.00 19.54  ? 1028 PG4 C O3  1 
HETATM 733 C C5  . PG4 D 2 .  ? 0.256   9.771   11.719  1.00 20.22  ? 1028 PG4 C C5  1 
HETATM 734 C C6  . PG4 D 2 .  ? 1.176   10.418  10.689  1.00 20.90  ? 1028 PG4 C C6  1 
HETATM 735 O O4  . PG4 D 2 .  ? 1.597   11.701  11.096  1.00 21.32  ? 1028 PG4 C O4  1 
HETATM 736 C C7  . PG4 D 2 .  ? 2.368   12.317  10.082  1.00 21.83  ? 1028 PG4 C C7  1 
HETATM 737 O O   . HOH E 3 .  ? -4.556  -11.406 -11.616 1.00 15.23  ? 2001 HOH A O   1 
HETATM 738 O O   . HOH E 3 .  ? -3.417  -13.749 -10.919 1.00 28.41  ? 2002 HOH A O   1 
HETATM 739 O O   . HOH E 3 .  ? -2.609  -13.085 -4.352  0.50 15.33  ? 2003 HOH A O   1 
HETATM 740 O O   . HOH E 3 .  ? -4.162  -14.382 -2.437  1.00 22.23  ? 2004 HOH A O   1 
HETATM 741 O O   . HOH E 3 .  ? -4.162  -11.476 -5.926  1.00 11.51  ? 2005 HOH A O   1 
HETATM 742 O O   . HOH E 3 .  ? -14.407 -9.543  -9.372  1.00 36.18  ? 2006 HOH A O   1 
HETATM 743 O O   . HOH E 3 .  ? 3.906   -11.470 1.377   1.00 17.96  ? 2007 HOH A O   1 
HETATM 744 O O   . HOH E 3 .  ? -5.104  -8.622  11.610  1.00 28.63  ? 2008 HOH A O   1 
HETATM 745 O O   . HOH E 3 .  ? 0.499   -13.072 0.026   1.00 34.34  ? 2009 HOH A O   1 
HETATM 746 O O   . HOH E 3 .  ? -8.778  -7.713  6.757   1.00 27.66  ? 2010 HOH A O   1 
HETATM 747 O O   . HOH E 3 .  ? 4.403   -13.546 11.431  1.00 18.78  ? 2011 HOH A O   1 
HETATM 748 O O   . HOH E 3 .  ? 1.889   -11.496 3.149   1.00 21.29  ? 2012 HOH A O   1 
HETATM 749 O O   . HOH E 3 .  ? -3.476  -9.473  9.562   1.00 20.03  ? 2013 HOH A O   1 
HETATM 750 O O   . HOH E 3 .  ? -1.458  -12.931 2.387   1.00 20.95  ? 2014 HOH A O   1 
HETATM 751 O O   . HOH E 3 .  ? -6.514  -9.572  7.161   1.00 49.11  ? 2015 HOH A O   1 
HETATM 752 O O   . HOH E 3 .  ? 8.876   1.514   6.935   1.00 13.74  ? 2016 HOH A O   1 
HETATM 753 O O   . HOH E 3 .  ? -0.280  -12.043 6.979   1.00 12.61  ? 2017 HOH A O   1 
HETATM 754 O O   . HOH E 3 .  ? -1.492  -13.835 -3.276  0.50 20.42  ? 2018 HOH A O   1 
HETATM 755 O O   . HOH E 3 .  ? 9.042   -8.756  -4.143  1.00 19.96  ? 2019 HOH A O   1 
HETATM 756 O O   . HOH E 3 .  ? 13.451  1.703   -6.521  0.20 14.98  ? 2020 HOH A O   1 
HETATM 757 O O   . HOH E 3 .  ? 3.721   -8.611  15.108  1.00 29.30  ? 2021 HOH A O   1 
HETATM 758 O O   . HOH E 3 .  ? 0.752   -12.368 15.415  1.00 40.41  ? 2022 HOH A O   1 
HETATM 759 O O   . HOH E 3 .  ? 3.716   -12.898 8.695   1.00 14.47  ? 2023 HOH A O   1 
HETATM 760 O O   . HOH E 3 .  ? 2.976   -13.749 13.732  1.00 20.23  ? 2024 HOH A O   1 
HETATM 761 O O   . HOH E 3 .  ? -2.207  -11.932 9.056   1.00 14.53  ? 2025 HOH A O   1 
HETATM 762 O O   . HOH E 3 .  ? 10.557  -8.719  -0.446  1.00 17.97  ? 2026 HOH A O   1 
HETATM 763 O O   . HOH E 3 .  ? 6.245   -11.673 11.966  1.00 28.87  ? 2027 HOH A O   1 
HETATM 764 O O   . HOH E 3 .  ? 8.829   -5.591  13.277  1.00 26.33  ? 2028 HOH A O   1 
HETATM 765 O O   . HOH E 3 .  ? 14.174  2.941   -5.397  0.80 19.74  ? 2029 HOH A O   1 
HETATM 766 O O   . HOH E 3 .  ? 13.860  7.073   -5.952  1.00 29.06  ? 2030 HOH A O   1 
HETATM 767 O O   . HOH E 3 .  ? 9.525   3.953   -5.214  1.00 23.70  ? 2031 HOH A O   1 
HETATM 768 O O   . HOH E 3 .  ? 11.386  -2.158  7.451   1.00 23.53  ? 2032 HOH A O   1 
HETATM 769 O O   . HOH E 3 .  ? 3.296   -5.768  9.294   1.00 9.42   ? 2033 HOH A O   1 
HETATM 770 O O   . HOH E 3 .  ? 13.641  -3.595  13.094  1.00 35.51  ? 2034 HOH A O   1 
HETATM 771 O O   . HOH E 3 .  ? 8.075   -0.221  9.115   1.00 17.64  ? 2035 HOH A O   1 
HETATM 772 O O   . HOH E 3 .  ? 9.273   -0.986  5.927   1.00 8.78   ? 2036 HOH A O   1 
HETATM 773 O O   . HOH E 3 .  ? -1.392  -11.492 -4.728  0.50 10.42  ? 2037 HOH A O   1 
HETATM 774 O O   . HOH E 3 .  ? -0.272  -11.548 -4.082  0.50 13.80  ? 2038 HOH A O   1 
HETATM 775 O O   . HOH E 3 .  ? 0.864   -10.718 -1.671  1.00 14.26  ? 2039 HOH A O   1 
HETATM 776 O O   . HOH E 3 .  ? 11.251  -0.171  -7.346  0.70 25.07  ? 2040 HOH A O   1 
HETATM 777 O O   . HOH E 3 .  ? 7.887   -7.257  -6.073  1.00 14.31  ? 2041 HOH A O   1 
HETATM 778 O O   . HOH E 3 .  ? 11.636  -4.351  -4.683  1.00 22.74  ? 2042 HOH A O   1 
HETATM 779 O O   . HOH E 3 .  ? 7.328   -9.177  -8.004  1.00 11.26  ? 2043 HOH A O   1 
HETATM 780 O O   . HOH E 3 .  ? 0.588   -11.860 -6.797  1.00 15.84  ? 2044 HOH A O   1 
HETATM 781 O O   . HOH E 3 .  ? 3.599   -10.604 -1.148  1.00 10.53  ? 2045 HOH A O   1 
HETATM 782 O O   . HOH E 3 .  ? 3.208   -14.175 -2.755  1.00 29.59  ? 2046 HOH A O   1 
HETATM 783 O O   . HOH E 3 .  ? 7.291   -11.817 -2.142  1.00 27.20  ? 2047 HOH A O   1 
HETATM 784 O O   . HOH E 3 .  ? 4.324   -11.515 -8.115  1.00 14.01  ? 2048 HOH A O   1 
HETATM 785 O O   . HOH E 3 .  ? 8.144   -9.344  -1.540  1.00 16.12  ? 2049 HOH A O   1 
HETATM 786 O O   . HOH E 3 .  ? 5.931   -9.708  1.794   1.00 16.90  ? 2050 HOH A O   1 
HETATM 787 O O   . HOH E 3 .  ? 10.425  -6.796  1.411   1.00 14.07  ? 2051 HOH A O   1 
HETATM 788 O O   . HOH E 3 .  ? 15.326  2.933   4.669   1.00 12.37  ? 2052 HOH A O   1 
HETATM 789 O O   . HOH E 3 .  ? 12.926  -5.998  0.991   1.00 31.37  ? 2053 HOH A O   1 
HETATM 790 O O   . HOH E 3 .  ? 14.498  6.995   -1.931  1.00 24.35  ? 2054 HOH A O   1 
HETATM 791 O O   . HOH E 3 .  ? 12.530  4.682   -4.132  1.00 24.95  ? 2055 HOH A O   1 
HETATM 792 O O   . HOH E 3 .  ? 14.703  8.910   1.731   1.00 16.31  ? 2056 HOH A O   1 
HETATM 793 O O   . HOH E 3 .  ? 16.972  7.154   -0.367  1.00 22.78  ? 2057 HOH A O   1 
HETATM 794 O O   . HOH E 3 .  ? 17.317  4.321   3.554   1.00 17.60  ? 2058 HOH A O   1 
HETATM 795 O O   . HOH F 3 .  ? -14.178 -0.317  -1.540  1.00 23.49  ? 2001 HOH B O   1 
HETATM 796 O O   . HOH F 3 .  ? -13.712 -2.321  2.545   1.00 24.76  ? 2002 HOH B O   1 
HETATM 797 O O   . HOH F 3 .  ? -14.885 -4.240  4.444   1.00 33.98  ? 2003 HOH B O   1 
HETATM 798 O O   . HOH F 3 .  ? -14.077 -5.911  2.649   1.00 31.56  ? 2004 HOH B O   1 
HETATM 799 O O   . HOH F 3 .  ? -14.447 1.620   0.743   1.00 28.75  ? 2005 HOH B O   1 
HETATM 800 O O   . HOH F 3 .  ? -12.226 -0.836  -6.044  1.00 17.22  ? 2006 HOH B O   1 
HETATM 801 O O   . HOH F 3 .  ? -10.994 -2.064  -10.579 1.00 25.98  ? 2007 HOH B O   1 
HETATM 802 O O   . HOH F 3 .  ? -12.407 -3.530  -6.132  1.00 23.62  ? 2008 HOH B O   1 
HETATM 803 O O   . HOH F 3 .  ? -13.612 -10.857 3.427   1.00 17.55  ? 2009 HOH B O   1 
HETATM 804 O O   . HOH F 3 .  ? -11.991 -1.124  -3.313  0.75 12.44  ? 2010 HOH B O   1 
HETATM 805 O O   . HOH F 3 .  ? -13.284 -1.805  -2.309  0.25 12.07  ? 2011 HOH B O   1 
HETATM 806 O O   . HOH F 3 .  ? -8.063  -2.146  -11.555 1.00 30.29  ? 2012 HOH B O   1 
HETATM 807 O O   . HOH F 3 .  ? -6.103  -4.311  -11.060 1.00 17.04  ? 2013 HOH B O   1 
HETATM 808 O O   . HOH F 3 .  ? -3.930  -1.062  -10.952 1.00 17.30  ? 2014 HOH B O   1 
HETATM 809 O O   . HOH F 3 .  ? -3.082  -10.112 -8.058  1.00 10.12  ? 2015 HOH B O   1 
HETATM 810 O O   . HOH F 3 .  ? 1.351   -5.011  -8.404  1.00 8.42   ? 2016 HOH B O   1 
HETATM 811 O O   . HOH F 3 .  ? 0.646   6.010   -11.876 1.00 30.04  ? 2017 HOH B O   1 
HETATM 812 O O   . HOH F 3 .  ? 4.479   -2.902  -9.760  1.00 8.46   ? 2018 HOH B O   1 
HETATM 813 O O   . HOH F 3 .  ? -4.899  8.981   -8.046  1.00 22.54  ? 2019 HOH B O   1 
HETATM 814 O O   . HOH F 3 .  ? -1.603  9.094   -9.546  1.00 31.44  ? 2020 HOH B O   1 
HETATM 815 O O   . HOH F 3 .  ? 6.097   -6.638  -14.938 0.50 12.79  ? 2021 HOH B O   1 
HETATM 816 O O   . HOH F 3 .  ? -4.828  -4.698  -13.373 1.00 19.03  ? 2022 HOH B O   1 
HETATM 817 O O   . HOH F 3 .  ? 3.842   -4.797  -17.152 1.00 19.38  ? 2023 HOH B O   1 
HETATM 818 O O   . HOH F 3 .  ? 7.016   -5.329  -14.624 0.50 16.97  ? 2024 HOH B O   1 
HETATM 819 O O   . HOH F 3 .  ? 2.347   9.936   -10.923 0.50 22.34  ? 2025 HOH B O   1 
HETATM 820 O O   . HOH F 3 .  ? 1.712   9.869   -9.259  0.50 22.46  ? 2026 HOH B O   1 
HETATM 821 O O   . HOH F 3 .  ? 10.021  -0.886  -12.640 1.00 23.30  ? 2027 HOH B O   1 
HETATM 822 O O   . HOH F 3 .  ? 2.030   1.722   -15.290 1.00 28.73  ? 2028 HOH B O   1 
HETATM 823 O O   . HOH F 3 .  ? 13.496  9.634   -6.214  1.00 24.65  ? 2029 HOH B O   1 
HETATM 824 O O   . HOH F 3 .  ? 3.834   14.970  -1.638  1.00 20.47  ? 2030 HOH B O   1 
HETATM 825 O O   . HOH F 3 .  ? 3.633   12.583  2.421   1.00 17.31  ? 2031 HOH B O   1 
HETATM 826 O O   . HOH F 3 .  ? 10.622  -0.038  -8.372  0.30 12.12  ? 2032 HOH B O   1 
HETATM 827 O O   . HOH F 3 .  ? 10.455  16.676  -3.671  1.00 36.40  ? 2033 HOH B O   1 
HETATM 828 O O   . HOH F 3 .  ? 9.657   4.657   -13.716 1.00 40.77  ? 2034 HOH B O   1 
HETATM 829 O O   . HOH F 3 .  ? 4.225   5.255   -14.580 1.00 22.30  ? 2035 HOH B O   1 
HETATM 830 O O   . HOH F 3 .  ? 7.134   4.549   -6.882  1.00 14.31  ? 2036 HOH B O   1 
HETATM 831 O O   . HOH F 3 .  ? 9.294   2.137   -7.405  1.00 14.54  ? 2037 HOH B O   1 
HETATM 832 O O   . HOH F 3 .  ? 2.296   4.073   -12.985 1.00 25.15  ? 2038 HOH B O   1 
HETATM 833 O O   . HOH F 3 .  ? -7.118  0.339   -7.874  1.00 22.21  ? 2039 HOH B O   1 
HETATM 834 O O   . HOH F 3 .  ? -9.953  0.585   -7.034  1.00 16.31  ? 2040 HOH B O   1 
HETATM 835 O O   . HOH F 3 .  ? -0.217  14.653  -4.328  1.00 28.90  ? 2041 HOH B O   1 
HETATM 836 O O   . HOH F 3 .  ? -1.186  11.774  -5.109  1.00 23.07  ? 2042 HOH B O   1 
HETATM 837 O O   . HOH F 3 .  ? -2.656  11.184  -7.341  1.00 30.56  ? 2043 HOH B O   1 
HETATM 838 O O   . HOH F 3 .  ? -2.218  12.458  -0.338  1.00 14.24  ? 2044 HOH B O   1 
HETATM 839 O O   . HOH F 3 .  ? -3.954  14.705  -4.125  1.00 24.33  ? 2045 HOH B O   1 
HETATM 840 O O   . HOH F 3 .  ? -5.975  9.041   -5.496  1.00 21.27  ? 2046 HOH B O   1 
HETATM 841 O O   . HOH F 3 .  ? -0.773  14.338  -1.862  1.00 15.16  ? 2047 HOH B O   1 
HETATM 842 O O   . HOH F 3 .  ? -11.178 6.230   -6.831  1.00 20.41  ? 2048 HOH B O   1 
HETATM 843 O O   . HOH F 3 .  ? -8.973  9.509   -5.741  1.00 19.51  ? 2049 HOH B O   1 
HETATM 844 O O   . HOH F 3 .  ? -8.023  4.543   -12.121 1.00 29.89  ? 2050 HOH B O   1 
HETATM 845 O O   . HOH F 3 .  ? -5.411  2.850   -9.322  1.00 17.34  ? 2051 HOH B O   1 
HETATM 846 O O   . HOH F 3 .  ? -3.612  6.918   -9.380  1.00 28.19  ? 2052 HOH B O   1 
HETATM 847 O O   . HOH F 3 .  ? -1.403  3.990   -10.688 1.00 28.20  ? 2053 HOH B O   1 
HETATM 848 O O   . HOH F 3 .  ? 0.832   7.542   -9.566  1.00 19.73  ? 2054 HOH B O   1 
HETATM 849 O O   . HOH F 3 .  ? 10.928  10.877  -6.398  1.00 22.25  ? 2055 HOH B O   1 
HETATM 850 O O   . HOH F 3 .  ? 8.088   7.144   -10.610 1.00 20.97  ? 2056 HOH B O   1 
HETATM 851 O O   . HOH F 3 .  ? 1.569   12.151  -5.424  1.00 22.70  ? 2057 HOH B O   1 
HETATM 852 O O   . HOH F 3 .  ? 5.252   13.661  0.414   1.00 14.88  ? 2058 HOH B O   1 
HETATM 853 O O   . HOH F 3 .  ? 13.183  13.633  -1.786  1.00 15.88  ? 2059 HOH B O   1 
HETATM 854 O O   . HOH F 3 .  ? 7.715   14.585  -2.594  1.00 34.64  ? 2060 HOH B O   1 
HETATM 855 O O   . HOH G 3 .  ? -3.971  -14.340 5.420   1.00 28.60  ? 2001 HOH C O   1 
HETATM 856 O O   . HOH G 3 .  ? -6.900  -16.127 4.959   1.00 26.96  ? 2002 HOH C O   1 
HETATM 857 O O   . HOH G 3 .  ? -6.602  -11.698 5.657   1.00 22.92  ? 2003 HOH C O   1 
HETATM 858 O O   . HOH G 3 .  ? -8.921  -12.245 -6.775  1.00 21.10  ? 2004 HOH C O   1 
HETATM 859 O O   . HOH G 3 .  ? -10.668 -13.210 1.379   1.00 36.19  ? 2005 HOH C O   1 
HETATM 860 O O   . HOH G 3 .  ? -12.903 -1.806  6.776   1.00 31.72  ? 2006 HOH C O   1 
HETATM 861 O O   . HOH G 3 .  ? -11.664 2.916   6.684   1.00 27.56  ? 2007 HOH C O   1 
HETATM 862 O O   . HOH G 3 .  ? -8.368  1.704   8.258   1.00 22.33  ? 2008 HOH C O   1 
HETATM 863 O O   . HOH G 3 .  ? -8.381  -6.750  -1.334  1.00 7.84   ? 2009 HOH C O   1 
HETATM 864 O O   . HOH G 3 .  ? -11.830 -7.195  3.353   1.00 23.20  ? 2010 HOH C O   1 
HETATM 865 O O   . HOH G 3 .  ? -11.418 5.492   7.435   1.00 119.39 ? 2011 HOH C O   1 
HETATM 866 O O   . HOH G 3 .  ? -9.196  14.525  -0.564  1.00 48.47  ? 2012 HOH C O   1 
HETATM 867 O O   . HOH G 3 .  ? -8.329  10.199  9.640   0.25 14.67  ? 2013 HOH C O   1 
HETATM 868 O O   . HOH G 3 .  ? -9.780  1.339   5.880   1.00 13.70  ? 2014 HOH C O   1 
HETATM 869 O O   . HOH G 3 .  ? -12.553 -0.330  3.954   1.00 14.63  ? 2015 HOH C O   1 
HETATM 870 O O   . HOH G 3 .  ? -11.961 2.462   -3.575  0.50 13.96  ? 2016 HOH C O   1 
HETATM 871 O O   . HOH G 3 .  ? -12.667 0.673   -3.169  0.50 13.20  ? 2017 HOH C O   1 
HETATM 872 O O   . HOH G 3 .  ? -8.424  4.388   -0.434  1.00 8.72   ? 2018 HOH C O   1 
HETATM 873 O O   . HOH G 3 .  ? 1.779   10.630  2.124   1.00 11.76  ? 2019 HOH C O   1 
HETATM 874 O O   . HOH G 3 .  ? -4.078  6.800   11.040  1.00 29.85  ? 2020 HOH C O   1 
HETATM 875 O O   . HOH G 3 .  ? -7.964  5.463   9.882   1.00 38.63  ? 2021 HOH C O   1 
HETATM 876 O O   . HOH G 3 .  ? -12.501 2.331   2.895   1.00 13.21  ? 2022 HOH C O   1 
HETATM 877 O O   . HOH G 3 .  ? -7.278  7.997   0.891   1.00 6.95   ? 2023 HOH C O   1 
HETATM 878 O O   . HOH G 3 .  ? -2.756  0.458   13.387  1.00 16.81  ? 2024 HOH C O   1 
HETATM 879 O O   . HOH G 3 .  ? -11.248 11.769  -0.561  1.00 26.76  ? 2025 HOH C O   1 
HETATM 880 O O   . HOH G 3 .  ? -13.958 4.125   4.313   1.00 19.57  ? 2026 HOH C O   1 
HETATM 881 O O   . HOH G 3 .  ? -12.471 6.307   5.181   1.00 11.50  ? 2027 HOH C O   1 
HETATM 882 O O   . HOH G 3 .  ? -7.328  14.810  3.070   1.00 14.60  ? 2028 HOH C O   1 
HETATM 883 O O   . HOH G 3 .  ? -8.656  10.906  8.350   0.75 22.66  ? 2029 HOH C O   1 
HETATM 884 O O   . HOH G 3 .  ? 4.945   13.169  4.663   1.00 28.25  ? 2030 HOH C O   1 
HETATM 885 O O   . HOH G 3 .  ? 2.556   3.264   12.011  1.00 17.80  ? 2031 HOH C O   1 
HETATM 886 O O   . HOH G 3 .  ? 11.015  3.150   7.237   1.00 16.72  ? 2032 HOH C O   1 
HETATM 887 O O   . HOH G 3 .  ? -6.112  14.328  -1.262  1.00 16.71  ? 2033 HOH C O   1 
HETATM 888 O O   . HOH G 3 .  ? -4.304  12.363  9.574   1.00 18.82  ? 2034 HOH C O   1 
HETATM 889 O O   . HOH G 3 .  ? -0.692  12.709  7.683   0.80 11.85  ? 2035 HOH C O   1 
HETATM 890 O O   . HOH G 3 .  ? -1.659  13.640  8.192   0.20 9.46   ? 2036 HOH C O   1 
HETATM 891 O O   . HOH G 3 .  ? -0.866  12.217  4.328   1.00 11.02  ? 2037 HOH C O   1 
HETATM 892 O O   . HOH G 3 .  ? 0.253   9.671   4.314   1.00 7.47   ? 2038 HOH C O   1 
HETATM 893 O O   . HOH G 3 .  ? -0.850  11.516  1.708   1.00 9.60   ? 2039 HOH C O   1 
HETATM 894 O O   . HOH G 3 .  ? -6.877  8.165   8.558   0.50 17.05  ? 2040 HOH C O   1 
HETATM 895 O O   . HOH G 3 .  ? -6.243  7.523   9.523   0.50 16.64  ? 2041 HOH C O   1 
HETATM 896 O O   . HOH G 3 .  ? -7.914  -2.708  7.140   1.00 15.60  ? 2042 HOH C O   1 
HETATM 897 O O   . HOH G 3 .  ? -0.828  -1.343  12.581  1.00 16.79  ? 2043 HOH C O   1 
HETATM 898 O O   . HOH G 3 .  ? 1.521   -0.935  13.869  1.00 66.61  ? 2044 HOH C O   1 
HETATM 899 O O   . HOH G 3 .  ? -4.177  -6.628  13.323  1.00 20.32  ? 2045 HOH C O   1 
HETATM 900 O O   . HOH G 3 .  ? -1.702  -3.803  14.227  1.00 22.39  ? 2046 HOH C O   1 
HETATM 901 O O   . HOH G 3 .  ? -6.796  -6.918  10.126  1.00 17.71  ? 2047 HOH C O   1 
HETATM 902 O O   . HOH G 3 .  ? -0.206  -6.713  7.594   1.00 9.29   ? 2048 HOH C O   1 
HETATM 903 O O   . HOH G 3 .  ? -6.967  -0.386  8.900   1.00 13.92  ? 2049 HOH C O   1 
HETATM 904 O O   . HOH G 3 .  ? -6.841  0.529   12.618  1.00 23.53  ? 2050 HOH C O   1 
HETATM 905 O O   . HOH G 3 .  ? -6.302  -3.837  15.955  1.00 35.34  ? 2051 HOH C O   1 
HETATM 906 O O   . HOH G 3 .  ? -6.033  -4.904  13.954  1.00 25.67  ? 2052 HOH C O   1 
HETATM 907 O O   . HOH G 3 .  ? -4.426  1.951   11.697  1.00 17.68  ? 2053 HOH C O   1 
HETATM 908 O O   . HOH G 3 .  ? -6.460  3.326   8.828   1.00 24.43  ? 2054 HOH C O   1 
HETATM 909 O O   . HOH G 3 .  ? -1.621  6.093   10.571  1.00 13.62  ? 2055 HOH C O   1 
HETATM 910 O O   . HOH G 3 .  ? 5.885   13.255  7.160   1.00 33.89  ? 2056 HOH C O   1 
HETATM 911 O O   . HOH G 3 .  ? 5.773   9.435   12.448  1.00 12.77  ? 2057 HOH C O   1 
HETATM 912 O O   . HOH G 3 .  ? 1.089   5.656   11.681  1.00 13.79  ? 2058 HOH C O   1 
HETATM 913 O O   . HOH G 3 .  ? 11.037  5.809   7.706   1.00 12.53  ? 2059 HOH C O   1 
HETATM 914 O O   . HOH G 3 .  ? 10.350  14.598  5.653   1.00 13.66  ? 2060 HOH C O   1 
HETATM 915 O O   . HOH G 3 .  ? -1.636  12.621  10.522  1.00 19.00  ? 2061 HOH C O   1 
# 
loop_
_atom_site_anisotrop.id 
_atom_site_anisotrop.type_symbol 
_atom_site_anisotrop.pdbx_label_atom_id 
_atom_site_anisotrop.pdbx_label_alt_id 
_atom_site_anisotrop.pdbx_label_comp_id 
_atom_site_anisotrop.pdbx_label_asym_id 
_atom_site_anisotrop.pdbx_label_seq_id 
_atom_site_anisotrop.pdbx_PDB_ins_code 
_atom_site_anisotrop.U[1][1] 
_atom_site_anisotrop.U[2][2] 
_atom_site_anisotrop.U[3][3] 
_atom_site_anisotrop.U[1][2] 
_atom_site_anisotrop.U[1][3] 
_atom_site_anisotrop.U[2][3] 
_atom_site_anisotrop.pdbx_auth_seq_id 
_atom_site_anisotrop.pdbx_auth_comp_id 
_atom_site_anisotrop.pdbx_auth_asym_id 
_atom_site_anisotrop.pdbx_auth_atom_id 
1   N N   . GLY A 1  ? 0.1506 0.1895 0.1102 0.0189  0.0254  -0.0300 1    GLY A N   
2   C CA  . GLY A 1  ? 0.1350 0.1371 0.1091 0.0114  0.0184  -0.0328 1    GLY A CA  
3   C C   . GLY A 1  ? 0.1128 0.1096 0.1055 -0.0004 0.0217  -0.0263 1    GLY A C   
4   O O   . GLY A 1  ? 0.1532 0.1286 0.1343 -0.0210 0.0592  -0.0093 1    GLY A O   
5   N N   . TYR A 2  ? 0.0977 0.0809 0.1094 -0.0057 0.0201  -0.0197 2    TYR A N   
6   C CA  . TYR A 2  ? 0.0870 0.0760 0.0970 -0.0047 0.0211  -0.0183 2    TYR A CA  
7   C C   . TYR A 2  ? 0.0798 0.0841 0.1076 -0.0093 0.0235  -0.0154 2    TYR A C   
8   O O   . TYR A 2  ? 0.0922 0.1094 0.1160 0.0081  0.0202  -0.0064 2    TYR A O   
9   C CB  . TYR A 2  ? 0.0908 0.0823 0.0950 -0.0119 0.0168  -0.0089 2    TYR A CB  
10  C CG  . TYR A 2  ? 0.0909 0.0912 0.1030 -0.0067 0.0153  -0.0068 2    TYR A CG  
11  C CD1 . TYR A 2  ? 0.1041 0.1035 0.1309 0.0050  0.0085  -0.0119 2    TYR A CD1 
12  C CD2 . TYR A 2  ? 0.1016 0.1109 0.1183 -0.0223 0.0075  -0.0090 2    TYR A CD2 
13  C CE1 . TYR A 2  ? 0.1259 0.1155 0.1556 0.0170  0.0005  -0.0125 2    TYR A CE1 
14  C CE2 . TYR A 2  ? 0.1032 0.1361 0.1505 -0.0145 -0.0027 -0.0079 2    TYR A CE2 
15  C CZ  . TYR A 2  ? 0.1046 0.1502 0.1575 0.0036  -0.0094 -0.0083 2    TYR A CZ  
16  O OH  . TYR A 2  ? 0.1367 0.2134 0.2036 0.0230  -0.0294 -0.0088 2    TYR A OH  
17  N N   . ILE A 3  ? 0.0880 0.1019 0.1036 -0.0096 0.0188  -0.0203 3    ILE A N   
18  C CA  A ILE A 3  ? 0.0884 0.1163 0.1170 -0.0214 0.0241  -0.0144 3    ILE A CA  
19  C CA  B ILE A 3  ? 0.0923 0.1176 0.1120 -0.0174 0.0158  -0.0111 3    ILE A CA  
20  C C   . ILE A 3  ? 0.0779 0.1077 0.1074 -0.0127 0.0200  -0.0171 3    ILE A C   
21  O O   . ILE A 3  ? 0.0846 0.0880 0.1176 -0.0093 0.0212  -0.0015 3    ILE A O   
22  C CB  A ILE A 3  ? 0.0720 0.0908 0.1228 -0.0042 0.0365  -0.0157 3    ILE A CB  
23  C CB  B ILE A 3  ? 0.1025 0.1298 0.1146 -0.0227 0.0120  -0.0057 3    ILE A CB  
24  C CG1 A ILE A 3  ? 0.0760 0.0945 0.1086 -0.0052 0.0325  -0.0203 3    ILE A CG1 
25  C CG1 B ILE A 3  ? 0.1079 0.1375 0.1157 -0.0212 0.0094  -0.0021 3    ILE A CG1 
26  C CG2 A ILE A 3  ? 0.1116 0.0820 0.1110 -0.0071 0.0362  -0.0189 3    ILE A CG2 
27  C CG2 B ILE A 3  ? 0.1084 0.1319 0.1118 -0.0199 0.0095  -0.0044 3    ILE A CG2 
28  C CD1 A ILE A 3  ? 0.0744 0.1225 0.1079 -0.0080 0.0233  -0.0187 3    ILE A CD1 
29  C CD1 B ILE A 3  ? 0.1200 0.1439 0.1255 -0.0232 0.0094  -0.0057 3    ILE A CD1 
30  N N   . PRO A 4  ? 0.0861 0.1113 0.1239 -0.0033 0.0196  -0.0201 4    PRO A N   
31  C CA  . PRO A 4  ? 0.0841 0.0990 0.1402 0.0005  0.0170  -0.0235 4    PRO A CA  
32  C C   . PRO A 4  ? 0.0812 0.0841 0.1260 0.0020  0.0241  -0.0098 4    PRO A C   
33  O O   . PRO A 4  ? 0.0835 0.0869 0.1234 -0.0080 0.0230  -0.0019 4    PRO A O   
34  C CB  . PRO A 4  ? 0.1210 0.1264 0.1520 0.0186  0.0086  -0.0349 4    PRO A CB  
35  C CG  . PRO A 4  ? 0.1200 0.1483 0.1502 0.0201  0.0180  -0.0441 4    PRO A CG  
36  C CD  . PRO A 4  ? 0.1002 0.1504 0.1356 0.0094  0.0248  -0.0309 4    PRO A CD  
37  N N   . GLU A 5  ? 0.1074 0.0761 0.1386 -0.0082 0.0227  -0.0047 5    GLU A N   
38  C CA  . GLU A 5  ? 0.1134 0.0732 0.1273 -0.0026 0.0261  -0.0040 5    GLU A CA  
39  C C   . GLU A 5  ? 0.1084 0.0708 0.1234 0.0125  0.0229  -0.0031 5    GLU A C   
40  O O   . GLU A 5  ? 0.1135 0.0836 0.1444 0.0012  0.0292  -0.0185 5    GLU A O   
41  C CB  . GLU A 5  ? 0.1234 0.0789 0.1367 0.0039  0.0277  -0.0009 5    GLU A CB  
42  C CG  . GLU A 5  ? 0.1148 0.0878 0.1297 0.0004  0.0306  0.0125  5    GLU A CG  
43  C CD  . GLU A 5  ? 0.1105 0.0893 0.1177 0.0046  0.0378  0.0020  5    GLU A CD  
44  O OE1 . GLU A 5  ? 0.1228 0.1023 0.1373 0.0142  0.0446  0.0026  5    GLU A OE1 
45  O OE2 . GLU A 5  ? 0.1108 0.0794 0.1276 0.0066  0.0360  0.0024  5    GLU A OE2 
46  N N   . ALA A 6  ? 0.1002 0.0745 0.1070 0.0146  0.0265  -0.0052 6    ALA A N   
47  C CA  . ALA A 6  ? 0.1002 0.0719 0.1122 0.0171  0.0284  -0.0047 6    ALA A CA  
48  C C   . ALA A 6  ? 0.1090 0.0773 0.1185 0.0189  0.0209  -0.0001 6    ALA A C   
49  O O   . ALA A 6  ? 0.1186 0.0839 0.1278 0.0213  0.0230  0.0087  6    ALA A O   
50  C CB  . ALA A 6  ? 0.0986 0.0765 0.1007 0.0190  0.0164  -0.0003 6    ALA A CB  
51  N N   . PRO A 7  ? 0.1131 0.0727 0.1263 0.0268  0.0173  0.0028  7    PRO A N   
52  C CA  . PRO A 7  ? 0.1334 0.0824 0.1422 0.0352  0.0137  0.0045  7    PRO A CA  
53  C C   . PRO A 7  ? 0.1474 0.0937 0.1453 0.0429  0.0071  0.0013  7    PRO A C   
54  O O   . PRO A 7  ? 0.1638 0.0950 0.1443 0.0393  -0.0001 -0.0020 7    PRO A O   
55  C CB  . PRO A 7  ? 0.1322 0.0933 0.1535 0.0345  0.0110  0.0056  7    PRO A CB  
56  C CG  . PRO A 7  ? 0.1187 0.0816 0.1544 0.0297  0.0156  0.0009  7    PRO A CG  
57  C CD  . PRO A 7  ? 0.1139 0.0796 0.1396 0.0307  0.0180  -0.0016 7    PRO A CD  
58  N N   . ARG A 8  ? 0.1837 0.1044 0.1576 0.0612  0.0149  0.0011  8    ARG A N   
59  C CA  . ARG A 8  ? 0.1918 0.1180 0.1615 0.0544  0.0160  0.0049  8    ARG A CA  
60  C C   . ARG A 8  ? 0.2085 0.1374 0.1618 0.0592  -0.0021 0.0171  8    ARG A C   
61  O O   . ARG A 8  ? 0.2463 0.1862 0.1785 0.0448  -0.0056 0.0032  8    ARG A O   
62  C CB  . ARG A 8  ? 0.1956 0.1415 0.1728 0.0384  0.0159  0.0034  8    ARG A CB  
63  C CG  . ARG A 8  ? 0.1985 0.1315 0.1714 0.0283  0.0180  0.0020  8    ARG A CG  
64  C CD  . ARG A 8  ? 0.1960 0.1265 0.1848 0.0231  0.0089  0.0015  8    ARG A CD  
65  N NE  . ARG A 8  ? 0.2122 0.1159 0.1890 0.0139  0.0010  0.0103  8    ARG A NE  
66  C CZ  . ARG A 8  ? 0.2101 0.1017 0.1859 0.0014  -0.0005 0.0118  8    ARG A CZ  
67  N NH1 . ARG A 8  ? 0.2075 0.1073 0.1776 -0.0032 0.0031  0.0095  8    ARG A NH1 
68  N NH2 . ARG A 8  ? 0.2253 0.1345 0.1832 0.0006  -0.0045 0.0135  8    ARG A NH2 
69  N N   . ASP A 9  ? 0.2057 0.1313 0.1659 0.0608  -0.0067 0.0223  9    ASP A N   
70  C CA  . ASP A 9  ? 0.2021 0.1495 0.1807 0.0578  -0.0176 0.0259  9    ASP A CA  
71  C C   . ASP A 9  ? 0.1976 0.1523 0.1650 0.0522  -0.0278 0.0248  9    ASP A C   
72  O O   . ASP A 9  ? 0.2166 0.1908 0.1966 0.0489  -0.0552 0.0207  9    ASP A O   
73  C CB  . ASP A 9  ? 0.2067 0.1699 0.1983 0.0566  -0.0095 0.0225  9    ASP A CB  
74  C CG  . ASP A 9  ? 0.2089 0.1788 0.2100 0.0512  0.0039  0.0236  9    ASP A CG  
75  O OD1 . ASP A 9  ? 0.2249 0.1886 0.2020 0.0651  -0.0047 0.0425  9    ASP A OD1 
76  O OD2 . ASP A 9  ? 0.1966 0.2000 0.2307 0.0549  0.0141  0.0111  9    ASP A OD2 
77  N N   . DAL A 10 ? 0.1883 0.1419 0.1602 0.0422  -0.0250 0.0201  10   DAL A N   
78  C CA  . DAL A 10 ? 0.1893 0.1381 0.1395 0.0294  -0.0215 0.0114  10   DAL A CA  
79  C CB  . DAL A 10 ? 0.1896 0.1494 0.1515 0.0237  -0.0077 0.0088  10   DAL A CB  
80  C C   . DAL A 10 ? 0.1839 0.1449 0.1424 0.0304  -0.0147 0.0096  10   DAL A C   
81  O O   . DAL A 10 ? 0.2218 0.1629 0.1594 0.0119  0.0101  -0.0048 10   DAL A O   
82  N N   . GLN A 11 ? 0.1428 0.1429 0.1464 0.0397  -0.0235 0.0027  11   GLN A N   
83  C CA  . GLN A 11 ? 0.1246 0.1480 0.1464 0.0390  -0.0173 0.0058  11   GLN A CA  
84  C C   . GLN A 11 ? 0.1001 0.1153 0.1267 0.0373  -0.0099 -0.0099 11   GLN A C   
85  O O   . GLN A 11 ? 0.1160 0.0949 0.1348 0.0317  -0.0082 -0.0058 11   GLN A O   
86  C CB  . GLN A 11 ? 0.1380 0.1893 0.1688 0.0440  -0.0097 0.0117  11   GLN A CB  
87  C CG  . GLN A 11 ? 0.1618 0.2306 0.1965 0.0405  -0.0135 0.0235  11   GLN A CG  
88  C CD  . GLN A 11 ? 0.1851 0.2610 0.2167 0.0262  -0.0208 0.0253  11   GLN A CD  
89  O OE1 . GLN A 11 ? 0.1979 0.2919 0.2482 0.0116  -0.0201 0.0316  11   GLN A OE1 
90  N NE2 . GLN A 11 ? 0.2334 0.2977 0.2317 0.0134  -0.0220 0.0227  11   GLN A NE2 
91  N N   . ALA A 12 ? 0.0923 0.1164 0.1069 0.0226  -0.0130 -0.0103 12   ALA A N   
92  C CA  . ALA A 12 ? 0.0841 0.0928 0.1076 0.0261  -0.0072 -0.0112 12   ALA A CA  
93  C C   . ALA A 12 ? 0.0759 0.0771 0.1106 0.0219  -0.0022 -0.0161 12   ALA A C   
94  O O   . ALA A 12 ? 0.0696 0.0998 0.1123 0.0134  -0.0004 -0.0237 12   ALA A O   
95  C CB  . ALA A 12 ? 0.1110 0.0859 0.1108 0.0173  -0.0028 -0.0268 12   ALA A CB  
96  N N   . TYR A 13 ? 0.0652 0.0771 0.1064 0.0163  0.0015  -0.0142 13   TYR A N   
97  C CA  . TYR A 13 ? 0.0600 0.0774 0.1091 0.0177  0.0068  -0.0234 13   TYR A CA  
98  C C   . TYR A 13 ? 0.0622 0.0721 0.1053 0.0129  0.0107  -0.0333 13   TYR A C   
99  O O   . TYR A 13 ? 0.0601 0.0773 0.0998 0.0206  0.0104  -0.0231 13   TYR A O   
100 C CB  . TYR A 13 ? 0.0760 0.0796 0.1212 0.0081  -0.0041 -0.0170 13   TYR A CB  
101 C CG  . TYR A 13 ? 0.0823 0.0770 0.1272 0.0138  -0.0016 -0.0230 13   TYR A CG  
102 C CD1 . TYR A 13 ? 0.0828 0.0862 0.1410 0.0098  0.0054  -0.0188 13   TYR A CD1 
103 C CD2 . TYR A 13 ? 0.1015 0.0765 0.1333 0.0175  0.0049  -0.0190 13   TYR A CD2 
104 C CE1 . TYR A 13 ? 0.0873 0.0896 0.1689 0.0194  0.0040  -0.0130 13   TYR A CE1 
105 C CE2 . TYR A 13 ? 0.1195 0.0866 0.1390 0.0129  -0.0055 -0.0022 13   TYR A CE2 
106 C CZ  . TYR A 13 ? 0.1080 0.0820 0.1685 0.0179  -0.0143 -0.0058 13   TYR A CZ  
107 O OH  . TYR A 13 ? 0.1258 0.1024 0.2112 0.0291  -0.0245 0.0179  13   TYR A OH  
108 N N   . VAL A 14 ? 0.0534 0.0833 0.1028 0.0226  0.0092  -0.0309 14   VAL A N   
109 C CA  . VAL A 14 ? 0.0528 0.0826 0.1023 0.0177  0.0106  -0.0293 14   VAL A CA  
110 C C   . VAL A 14 ? 0.0520 0.0885 0.0961 0.0138  0.0136  -0.0349 14   VAL A C   
111 O O   . VAL A 14 ? 0.0610 0.0911 0.1030 0.0111  0.0118  -0.0314 14   VAL A O   
112 C CB  . VAL A 14 ? 0.0713 0.0868 0.1112 0.0070  0.0020  -0.0207 14   VAL A CB  
113 C CG1 . VAL A 14 ? 0.1135 0.0884 0.1382 0.0052  -0.0160 -0.0257 14   VAL A CG1 
114 C CG2 . VAL A 14 ? 0.0693 0.1195 0.1407 0.0031  0.0080  -0.0073 14   VAL A CG2 
115 N N   . ARG A 15 ? 0.0652 0.0875 0.0972 0.0154  0.0134  -0.0331 15   ARG A N   
116 C CA  . ARG A 15 ? 0.0645 0.0910 0.0960 0.0036  0.0157  -0.0329 15   ARG A CA  
117 C C   . ARG A 15 ? 0.0609 0.0991 0.1027 0.0027  0.0186  -0.0408 15   ARG A C   
118 O O   . ARG A 15 ? 0.0848 0.1010 0.1061 -0.0009 0.0286  -0.0412 15   ARG A O   
119 C CB  . ARG A 15 ? 0.0704 0.0946 0.0924 0.0089  0.0177  -0.0248 15   ARG A CB  
120 C CG  . ARG A 15 ? 0.0693 0.0952 0.0932 0.0051  0.0111  -0.0186 15   ARG A CG  
121 C CD  . ARG A 15 ? 0.0701 0.0929 0.0973 0.0070  0.0090  -0.0210 15   ARG A CD  
122 N NE  . ARG A 15 ? 0.0740 0.0990 0.0950 0.0065  0.0079  -0.0228 15   ARG A NE  
123 C CZ  . ARG A 15 ? 0.0666 0.0984 0.1032 0.0068  0.0171  -0.0242 15   ARG A CZ  
124 N NH1 . ARG A 15 ? 0.0826 0.0907 0.1109 -0.0028 0.0213  -0.0166 15   ARG A NH1 
125 N NH2 . ARG A 15 ? 0.0917 0.0994 0.0994 -0.0067 0.0107  -0.0217 15   ARG A NH2 
126 N N   . LYS A 16 ? 0.0729 0.1066 0.1034 0.0061  0.0266  -0.0401 16   LYS A N   
127 C CA  . LYS A 16 ? 0.0774 0.1122 0.1202 0.0047  0.0275  -0.0519 16   LYS A CA  
128 C C   . LYS A 16 ? 0.0737 0.1039 0.1116 0.0039  0.0270  -0.0465 16   LYS A C   
129 O O   . LYS A 16 ? 0.0853 0.1070 0.1101 0.0095  0.0209  -0.0459 16   LYS A O   
130 C CB  . LYS A 16 ? 0.0787 0.1157 0.1379 0.0087  0.0269  -0.0587 16   LYS A CB  
131 C CG  . LYS A 16 ? 0.0847 0.1308 0.1582 0.0074  0.0350  -0.0531 16   LYS A CG  
132 C CD  . LYS A 16 ? 0.0932 0.1517 0.1694 0.0107  0.0299  -0.0615 16   LYS A CD  
133 C CE  . LYS A 16 ? 0.0948 0.1727 0.1780 0.0182  0.0376  -0.0642 16   LYS A CE  
134 N NZ  . LYS A 16 ? 0.0989 0.2358 0.2022 0.0065  0.0422  -0.0597 16   LYS A NZ  
135 N N   . DPN A 17 ? 0.0875 0.1003 0.1101 0.0076  0.0201  -0.0369 17   DPN A N   
136 C CA  . DPN A 17 ? 0.0956 0.1006 0.1025 0.0163  0.0105  -0.0386 17   DPN A CA  
137 C C   . DPN A 17 ? 0.0904 0.0934 0.0981 0.0146  0.0086  -0.0403 17   DPN A C   
138 O O   . DPN A 17 ? 0.0905 0.1068 0.1010 0.0222  0.0106  -0.0375 17   DPN A O   
139 C CB  . DPN A 17 ? 0.0945 0.1019 0.1058 0.0176  0.0116  -0.0323 17   DPN A CB  
140 C CG  . DPN A 17 ? 0.1072 0.0908 0.0999 0.0322  -0.0092 -0.0274 17   DPN A CG  
141 C CD1 . DPN A 17 ? 0.1355 0.1078 0.1216 0.0211  -0.0179 -0.0272 17   DPN A CD1 
142 C CD2 . DPN A 17 ? 0.1060 0.1073 0.1024 0.0439  -0.0130 -0.0276 17   DPN A CD2 
143 C CE1 . DPN A 17 ? 0.1441 0.1122 0.1235 0.0209  -0.0304 -0.0289 17   DPN A CE1 
144 C CE2 . DPN A 17 ? 0.1322 0.1064 0.1061 0.0520  -0.0172 -0.0275 17   DPN A CE2 
145 C CZ  . DPN A 17 ? 0.1472 0.1111 0.1162 0.0384  -0.0327 -0.0253 17   DPN A CZ  
146 N N   . GLY A 18 ? 0.0838 0.0968 0.1030 0.0154  0.0130  -0.0324 18   GLY A N   
147 C CA  . GLY A 18 ? 0.0766 0.1018 0.1192 0.0124  0.0127  -0.0301 18   GLY A CA  
148 C C   . GLY A 18 ? 0.0799 0.0954 0.1139 0.0157  0.0149  -0.0340 18   GLY A C   
149 O O   . GLY A 18 ? 0.1035 0.1081 0.1262 0.0015  0.0092  -0.0254 18   GLY A O   
150 N N   . GLU A 19 ? 0.0834 0.0909 0.1042 0.0175  0.0159  -0.0354 19   GLU A N   
151 C CA  . GLU A 19 ? 0.0886 0.0906 0.1040 0.0139  0.0169  -0.0380 19   GLU A CA  
152 C C   . GLU A 19 ? 0.0736 0.0957 0.1083 0.0144  0.0195  -0.0421 19   GLU A C   
153 O O   . GLU A 19 ? 0.1067 0.1038 0.1022 0.0162  0.0244  -0.0401 19   GLU A O   
154 C CB  . GLU A 19 ? 0.0950 0.1077 0.1129 0.0301  0.0177  -0.0407 19   GLU A CB  
155 C CG  . GLU A 19 ? 0.1127 0.1177 0.1223 0.0385  0.0114  -0.0352 19   GLU A CG  
156 C CD  . GLU A 19 ? 0.1434 0.1200 0.1319 0.0444  0.0140  -0.0397 19   GLU A CD  
157 O OE1 . GLU A 19 ? 0.2122 0.1321 0.1392 0.0373  0.0186  -0.0357 19   GLU A OE1 
158 O OE2 . GLU A 19 ? 0.1703 0.1326 0.1470 0.0312  0.0050  -0.0409 19   GLU A OE2 
159 N N   . TRP A 20 ? 0.0787 0.0855 0.1102 0.0062  0.0166  -0.0367 20   TRP A N   
160 C CA  . TRP A 20 ? 0.0695 0.0843 0.1086 0.0170  0.0153  -0.0344 20   TRP A CA  
161 C C   . TRP A 20 ? 0.0713 0.0948 0.1199 0.0185  0.0182  -0.0402 20   TRP A C   
162 O O   . TRP A 20 ? 0.0796 0.0943 0.1585 0.0225  0.0060  -0.0368 20   TRP A O   
163 C CB  . TRP A 20 ? 0.0768 0.0952 0.1008 0.0140  0.0119  -0.0294 20   TRP A CB  
164 C CG  . TRP A 20 ? 0.0731 0.1083 0.0893 0.0017  0.0102  -0.0268 20   TRP A CG  
165 C CD1 . TRP A 20 ? 0.0927 0.1212 0.0941 -0.0061 0.0183  -0.0254 20   TRP A CD1 
166 C CD2 . TRP A 20 ? 0.0730 0.1236 0.0858 0.0028  0.0201  -0.0268 20   TRP A CD2 
167 N NE1 . TRP A 20 ? 0.0872 0.1309 0.0977 -0.0132 0.0199  -0.0232 20   TRP A NE1 
168 C CE2 . TRP A 20 ? 0.0766 0.1383 0.0946 0.0011  0.0159  -0.0247 20   TRP A CE2 
169 C CE3 . TRP A 20 ? 0.0683 0.1102 0.0978 0.0171  0.0162  -0.0325 20   TRP A CE3 
170 C CZ2 . TRP A 20 ? 0.0758 0.1550 0.1034 0.0087  0.0154  -0.0258 20   TRP A CZ2 
171 C CZ3 . TRP A 20 ? 0.0823 0.1246 0.0990 0.0259  0.0128  -0.0231 20   TRP A CZ3 
172 C CH2 . TRP A 20 ? 0.0734 0.1546 0.1034 0.0318  0.0152  -0.0239 20   TRP A CH2 
173 N N   . VAL A 21 ? 0.0616 0.0868 0.1151 0.0146  0.0174  -0.0387 21   VAL A N   
174 C CA  . VAL A 21 ? 0.0582 0.1071 0.1262 0.0192  0.0215  -0.0458 21   VAL A CA  
175 C C   . VAL A 21 ? 0.0562 0.0929 0.1280 0.0169  0.0085  -0.0343 21   VAL A C   
176 O O   . VAL A 21 ? 0.0546 0.0940 0.1134 0.0240  0.0042  -0.0316 21   VAL A O   
177 C CB  . VAL A 21 ? 0.0726 0.1385 0.1421 0.0051  0.0309  -0.0542 21   VAL A CB  
178 C CG1 . VAL A 21 ? 0.0627 0.1576 0.1676 -0.0006 0.0332  -0.0529 21   VAL A CG1 
179 C CG2 . VAL A 21 ? 0.1028 0.1642 0.1518 -0.0044 0.0260  -0.0682 21   VAL A CG2 
180 N N   . LEU A 22 ? 0.0677 0.0777 0.1322 0.0243  0.0027  -0.0298 22   LEU A N   
181 C CA  . LEU A 22 ? 0.0647 0.0918 0.1247 0.0213  -0.0031 -0.0271 22   LEU A CA  
182 C C   . LEU A 22 ? 0.0551 0.0848 0.1171 0.0243  -0.0079 -0.0273 22   LEU A C   
183 O O   . LEU A 22 ? 0.0754 0.0962 0.1213 0.0293  -0.0021 -0.0267 22   LEU A O   
184 C CB  . LEU A 22 ? 0.0740 0.0893 0.1446 0.0277  -0.0152 -0.0206 22   LEU A CB  
185 C CG  . LEU A 22 ? 0.0897 0.0946 0.1585 0.0250  -0.0248 -0.0154 22   LEU A CG  
186 C CD1 . LEU A 22 ? 0.0929 0.1300 0.1808 0.0328  -0.0314 0.0010  22   LEU A CD1 
187 C CD2 . LEU A 22 ? 0.1103 0.1264 0.1550 0.0141  -0.0209 -0.0072 22   LEU A CD2 
188 N N   . LEU A 23 ? 0.0645 0.0809 0.1050 0.0230  -0.0009 -0.0196 23   LEU A N   
189 C CA  . LEU A 23 ? 0.0682 0.0816 0.1052 0.0184  -0.0025 -0.0154 23   LEU A CA  
190 C C   . LEU A 23 ? 0.0715 0.0767 0.1091 0.0200  0.0024  -0.0158 23   LEU A C   
191 O O   . LEU A 23 ? 0.0750 0.0888 0.1145 0.0139  0.0028  -0.0164 23   LEU A O   
192 C CB  . LEU A 23 ? 0.0676 0.0812 0.1079 0.0162  -0.0062 -0.0191 23   LEU A CB  
193 C CG  . LEU A 23 ? 0.0759 0.0903 0.1087 0.0229  -0.0065 -0.0185 23   LEU A CG  
194 C CD1 . LEU A 23 ? 0.0887 0.0937 0.1251 0.0320  -0.0067 -0.0234 23   LEU A CD1 
195 C CD2 . LEU A 23 ? 0.0847 0.0946 0.1166 0.0324  0.0027  -0.0325 23   LEU A CD2 
196 N N   . SER A 24 ? 0.0700 0.0693 0.1128 0.0104  0.0002  -0.0096 24   SER A N   
197 C CA  . SER A 24 ? 0.0721 0.0801 0.1257 0.0151  -0.0034 -0.0118 24   SER A CA  
198 C C   . SER A 24 ? 0.0730 0.0959 0.1246 0.0124  -0.0087 -0.0158 24   SER A C   
199 O O   . SER A 24 ? 0.0768 0.1248 0.1296 -0.0087 -0.0020 -0.0120 24   SER A O   
200 C CB  . SER A 24 ? 0.0797 0.0974 0.1230 0.0072  -0.0042 -0.0100 24   SER A CB  
201 O OG  . SER A 24 ? 0.0963 0.0910 0.1561 0.0179  -0.0137 0.0035  24   SER A OG  
202 N N   . THR A 25 ? 0.0689 0.1027 0.1416 0.0163  -0.0012 -0.0219 25   THR A N   
203 C CA  A THR A 25 ? 0.0733 0.1239 0.1586 0.0250  0.0059  -0.0273 25   THR A CA  
204 C CA  B THR A 25 ? 0.0878 0.1228 0.1567 0.0204  0.0105  -0.0307 25   THR A CA  
205 C C   . THR A 25 ? 0.0875 0.1448 0.1518 0.0209  0.0159  -0.0246 25   THR A C   
206 O O   . THR A 25 ? 0.1072 0.1680 0.2030 0.0260  0.0444  -0.0103 25   THR A O   
207 C CB  A THR A 25 ? 0.0636 0.1185 0.1456 0.0303  0.0036  -0.0202 25   THR A CB  
208 C CB  B THR A 25 ? 0.0956 0.1193 0.1511 0.0226  0.0163  -0.0353 25   THR A CB  
209 O OG1 A THR A 25 ? 0.0662 0.1343 0.1415 0.0295  0.0250  -0.0272 25   THR A OG1 
210 O OG1 B THR A 25 ? 0.1036 0.1051 0.1610 0.0286  0.0183  -0.0458 25   THR A OG1 
211 C CG2 A THR A 25 ? 0.0645 0.1095 0.1598 0.0417  0.0031  -0.0196 25   THR A CG2 
212 C CG2 B THR A 25 ? 0.1270 0.1279 0.1594 0.0187  0.0241  -0.0414 25   THR A CG2 
213 N N   . PHE A 26 ? 0.0797 0.1221 0.1409 0.0133  0.0158  -0.0305 26   PHE A N   
214 C CA  . PHE A 26 ? 0.0968 0.1414 0.1388 0.0058  0.0195  -0.0214 26   PHE A CA  
215 C C   . PHE A 26 ? 0.1116 0.1375 0.1453 -0.0008 0.0145  -0.0164 26   PHE A C   
216 O O   . PHE A 26 ? 0.1379 0.1562 0.1561 -0.0045 0.0223  0.0040  26   PHE A O   
217 C CB  . PHE A 26 ? 0.1025 0.1555 0.1241 0.0159  0.0114  -0.0274 26   PHE A CB  
218 C CG  . PHE A 26 ? 0.0959 0.1646 0.1329 0.0212  0.0129  -0.0429 26   PHE A CG  
219 C CD1 . PHE A 26 ? 0.1386 0.1867 0.1415 0.0114  0.0185  -0.0465 26   PHE A CD1 
220 C CD2 . PHE A 26 ? 0.1035 0.1525 0.1339 0.0257  0.0015  -0.0489 26   PHE A CD2 
221 C CE1 . PHE A 26 ? 0.1556 0.1897 0.1446 0.0225  0.0112  -0.0571 26   PHE A CE1 
222 C CE2 . PHE A 26 ? 0.1119 0.1520 0.1545 0.0242  0.0035  -0.0569 26   PHE A CE2 
223 C CZ  . PHE A 26 ? 0.1523 0.1819 0.1571 0.0166  0.0004  -0.0571 26   PHE A CZ  
224 N N   . LEU A 27 ? 0.1258 0.1308 0.1478 -0.0157 0.0028  -0.0184 27   LEU A N   
225 C CA  . LEU A 27 ? 0.1493 0.1429 0.1556 -0.0180 -0.0047 -0.0144 27   LEU A CA  
226 C C   . LEU A 27 ? 0.1699 0.1949 0.1784 -0.0325 -0.0077 -0.0133 27   LEU A C   
227 O O   . LEU A 27 ? 0.1691 0.2486 0.2289 -0.0309 -0.0153 -0.0245 27   LEU A O   
228 C CB  . LEU A 27 ? 0.1592 0.1285 0.1473 -0.0066 -0.0001 -0.0113 27   LEU A CB  
229 C CG  . LEU A 27 ? 0.1585 0.1434 0.1471 -0.0064 0.0087  -0.0172 27   LEU A CG  
230 C CD1 . LEU A 27 ? 0.1819 0.1360 0.1512 -0.0155 0.0138  -0.0269 27   LEU A CD1 
231 C CD2 . LEU A 27 ? 0.1720 0.1610 0.1664 -0.0007 0.0101  -0.0054 27   LEU A CD2 
232 O OXT . LEU A 27 ? 0.1946 0.2139 0.1896 -0.0494 -0.0160 -0.0063 27   LEU A OXT 
233 N N   . GLY B 1  ? 0.1454 0.1727 0.2032 0.0377  0.0042  -0.0485 1    GLY B N   
234 C CA  . GLY B 1  ? 0.1132 0.1514 0.1904 0.0341  0.0041  -0.0389 1    GLY B CA  
235 C C   . GLY B 1  ? 0.0976 0.1253 0.1694 0.0316  -0.0015 -0.0372 1    GLY B C   
236 O O   . GLY B 1  ? 0.1152 0.1450 0.2060 0.0332  -0.0136 -0.0550 1    GLY B O   
237 N N   . TYR B 2  ? 0.0824 0.0844 0.1402 0.0093  0.0077  -0.0104 2    TYR B N   
238 C CA  . TYR B 2  ? 0.0791 0.0733 0.1135 0.0116  0.0110  -0.0084 2    TYR B CA  
239 C C   . TYR B 2  ? 0.1004 0.0664 0.1123 0.0052  0.0021  -0.0070 2    TYR B C   
240 O O   . TYR B 2  ? 0.1322 0.0924 0.1315 0.0090  -0.0015 0.0120  2    TYR B O   
241 C CB  . TYR B 2  ? 0.0859 0.0681 0.1057 -0.0041 0.0233  0.0026  2    TYR B CB  
242 C CG  . TYR B 2  ? 0.0841 0.0676 0.1060 0.0033  0.0245  -0.0105 2    TYR B CG  
243 C CD1 . TYR B 2  ? 0.1058 0.0737 0.1160 -0.0121 0.0144  -0.0065 2    TYR B CD1 
244 C CD2 . TYR B 2  ? 0.1088 0.0840 0.0990 -0.0091 0.0220  -0.0128 2    TYR B CD2 
245 C CE1 . TYR B 2  ? 0.1269 0.0874 0.1112 -0.0151 0.0261  -0.0110 2    TYR B CE1 
246 C CE2 . TYR B 2  ? 0.1332 0.0888 0.1112 -0.0263 0.0198  -0.0148 2    TYR B CE2 
247 C CZ  . TYR B 2  ? 0.1223 0.0776 0.1020 -0.0192 0.0346  -0.0042 2    TYR B CZ  
248 O OH  . TYR B 2  ? 0.1689 0.1034 0.1273 -0.0332 0.0436  0.0028  2    TYR B OH  
249 N N   . ILE B 3  ? 0.1048 0.0647 0.1060 -0.0034 0.0172  -0.0006 3    ILE B N   
250 C CA  A ILE B 3  ? 0.1194 0.0711 0.1072 -0.0137 0.0249  -0.0089 3    ILE B CA  
251 C CA  B ILE B 3  ? 0.1023 0.0621 0.0961 -0.0097 0.0177  -0.0098 3    ILE B CA  
252 C C   . ILE B 3  ? 0.0963 0.0730 0.1114 -0.0176 0.0196  -0.0130 3    ILE B C   
253 O O   . ILE B 3  ? 0.1351 0.0728 0.1142 -0.0115 0.0229  -0.0147 3    ILE B O   
254 C CB  A ILE B 3  ? 0.0911 0.0744 0.1222 0.0000  0.0121  -0.0092 3    ILE B CB  
255 C CB  B ILE B 3  ? 0.0842 0.0572 0.0852 -0.0079 0.0175  -0.0102 3    ILE B CB  
256 C CG1 A ILE B 3  ? 0.0820 0.1007 0.1265 0.0013  0.0156  -0.0100 3    ILE B CG1 
257 C CG1 B ILE B 3  ? 0.0757 0.0590 0.0778 -0.0051 0.0188  -0.0167 3    ILE B CG1 
258 C CG2 A ILE B 3  ? 0.1222 0.0994 0.1269 -0.0187 0.0232  -0.0019 3    ILE B CG2 
259 C CG2 B ILE B 3  ? 0.0858 0.0587 0.0872 -0.0075 0.0160  -0.0165 3    ILE B CG2 
260 C CD1 A ILE B 3  ? 0.1000 0.1225 0.1259 0.0093  0.0123  -0.0238 3    ILE B CD1 
261 C CD1 B ILE B 3  ? 0.0666 0.0643 0.0742 -0.0100 0.0209  -0.0158 3    ILE B CD1 
262 N N   . PRO B 4  ? 0.0890 0.0958 0.0997 -0.0098 0.0170  -0.0113 4    PRO B N   
263 C CA  A PRO B 4  ? 0.0867 0.1157 0.1069 -0.0151 0.0206  -0.0172 4    PRO B CA  
264 C CA  B PRO B 4  ? 0.0836 0.0991 0.0958 -0.0164 0.0164  -0.0133 4    PRO B CA  
265 C C   . PRO B 4  ? 0.0832 0.0986 0.0919 -0.0119 0.0150  -0.0116 4    PRO B C   
266 O O   . PRO B 4  ? 0.0856 0.0902 0.1080 -0.0156 0.0160  -0.0145 4    PRO B O   
267 C CB  A PRO B 4  ? 0.1128 0.1477 0.1113 -0.0047 0.0147  -0.0096 4    PRO B CB  
268 C CB  B PRO B 4  ? 0.0947 0.1114 0.0928 -0.0122 0.0119  -0.0104 4    PRO B CB  
269 C CG  A PRO B 4  ? 0.1203 0.1483 0.1334 0.0026  0.0129  -0.0100 4    PRO B CG  
270 C CG  B PRO B 4  ? 0.0860 0.1005 0.0919 -0.0177 0.0125  -0.0020 4    PRO B CG  
271 C CD  A PRO B 4  ? 0.0971 0.1258 0.1204 0.0117  0.0179  -0.0039 4    PRO B CD  
272 C CD  B PRO B 4  ? 0.0858 0.0947 0.0959 -0.0116 0.0121  -0.0036 4    PRO B CD  
273 N N   . GLU B 5  ? 0.0812 0.1092 0.0920 -0.0110 0.0148  -0.0262 5    GLU B N   
274 C CA  . GLU B 5  ? 0.0852 0.1074 0.0893 -0.0051 0.0240  -0.0176 5    GLU B CA  
275 C C   . GLU B 5  ? 0.0833 0.1063 0.0880 -0.0040 0.0254  -0.0149 5    GLU B C   
276 O O   . GLU B 5  ? 0.0954 0.1240 0.1011 -0.0010 0.0196  0.0029  5    GLU B O   
277 C CB  . GLU B 5  ? 0.0967 0.1119 0.0894 -0.0060 0.0149  -0.0210 5    GLU B CB  
278 C CG  . GLU B 5  ? 0.0974 0.1017 0.0994 -0.0022 0.0192  -0.0245 5    GLU B CG  
279 C CD  . GLU B 5  ? 0.0972 0.1055 0.0926 -0.0022 0.0174  -0.0259 5    GLU B CD  
280 O OE1 . GLU B 5  ? 0.1313 0.1121 0.1062 -0.0062 -0.0066 -0.0162 5    GLU B OE1 
281 O OE2 . GLU B 5  ? 0.0880 0.1158 0.0985 -0.0026 0.0145  -0.0296 5    GLU B OE2 
282 N N   . ALA B 6  ? 0.0852 0.1003 0.0862 -0.0020 0.0229  -0.0156 6    ALA B N   
283 C CA  . ALA B 6  ? 0.0910 0.0924 0.0898 -0.0035 0.0255  -0.0145 6    ALA B CA  
284 C C   . ALA B 6  ? 0.0887 0.1008 0.0946 -0.0003 0.0270  -0.0249 6    ALA B C   
285 O O   . ALA B 6  ? 0.1168 0.1016 0.0973 -0.0021 0.0404  -0.0201 6    ALA B O   
286 C CB  . ALA B 6  ? 0.0867 0.1010 0.0921 -0.0071 0.0231  -0.0193 6    ALA B CB  
287 N N   . PRO B 7  ? 0.0895 0.1003 0.0916 -0.0075 0.0265  -0.0192 7    PRO B N   
288 C CA  . PRO B 7  ? 0.1031 0.1065 0.0833 -0.0083 0.0289  -0.0192 7    PRO B CA  
289 C C   . PRO B 7  ? 0.0977 0.1239 0.0850 -0.0064 0.0260  -0.0151 7    PRO B C   
290 O O   . PRO B 7  ? 0.1003 0.1508 0.1068 0.0073  0.0113  -0.0372 7    PRO B O   
291 C CB  . PRO B 7  ? 0.1168 0.1034 0.0908 -0.0132 0.0238  -0.0058 7    PRO B CB  
292 C CG  . PRO B 7  ? 0.1200 0.1106 0.1063 -0.0088 0.0126  -0.0086 7    PRO B CG  
293 C CD  . PRO B 7  ? 0.1061 0.1045 0.1035 -0.0030 0.0220  -0.0187 7    PRO B CD  
294 N N   . ARG B 8  ? 0.1121 0.1233 0.0785 0.0041  0.0210  -0.0127 8    ARG B N   
295 C CA  . ARG B 8  ? 0.1133 0.1332 0.0849 0.0155  0.0177  -0.0175 8    ARG B CA  
296 C C   . ARG B 8  ? 0.1192 0.1570 0.1004 0.0099  0.0397  -0.0208 8    ARG B C   
297 O O   . ARG B 8  ? 0.1544 0.1591 0.1457 0.0261  0.0560  -0.0180 8    ARG B O   
298 C CB  . ARG B 8  ? 0.1284 0.1261 0.0939 0.0123  0.0208  -0.0256 8    ARG B CB  
299 C CG  . ARG B 8  ? 0.1438 0.1178 0.0992 0.0060  0.0214  -0.0207 8    ARG B CG  
300 C CD  . ARG B 8  ? 0.1654 0.1218 0.1101 -0.0053 0.0249  -0.0232 8    ARG B CD  
301 N NE  . ARG B 8  ? 0.2018 0.1460 0.1198 -0.0234 0.0310  -0.0304 8    ARG B NE  
302 C CZ  . ARG B 8  ? 0.2093 0.1716 0.1152 -0.0325 0.0232  -0.0454 8    ARG B CZ  
303 N NH1 . ARG B 8  ? 0.1947 0.1916 0.1242 -0.0282 0.0230  -0.0518 8    ARG B NH1 
304 N NH2 . ARG B 8  ? 0.2232 0.1888 0.1483 -0.0439 0.0223  -0.0314 8    ARG B NH2 
305 N N   . ASP B 9  ? 0.1177 0.1821 0.1203 -0.0173 0.0529  -0.0446 9    ASP B N   
306 C CA  . ASP B 9  ? 0.1318 0.1850 0.1351 -0.0185 0.0604  -0.0467 9    ASP B CA  
307 C C   . ASP B 9  ? 0.1187 0.1873 0.1553 -0.0157 0.0662  -0.0575 9    ASP B C   
308 O O   . ASP B 9  ? 0.1319 0.2021 0.2036 -0.0259 0.0755  -0.0392 9    ASP B O   
309 C CB  . ASP B 9  ? 0.1465 0.1931 0.1556 -0.0202 0.0516  -0.0388 9    ASP B CB  
310 C CG  . ASP B 9  ? 0.1769 0.1929 0.1858 -0.0231 0.0497  -0.0392 9    ASP B CG  
311 O OD1 . ASP B 9  ? 0.1370 0.1972 0.1653 -0.0113 0.0783  -0.0707 9    ASP B OD1 
312 O OD2 . ASP B 9  ? 0.2447 0.2112 0.2199 -0.0101 0.0463  -0.0343 9    ASP B OD2 
313 N N   . DAL B 10 ? 0.1155 0.1900 0.1504 -0.0196 0.0494  -0.0748 10   DAL B N   
314 C CA  . DAL B 10 ? 0.1111 0.1928 0.1491 -0.0062 0.0496  -0.0831 10   DAL B CA  
315 C CB  . DAL B 10 ? 0.1274 0.1815 0.1812 0.0020  0.0359  -0.0839 10   DAL B CB  
316 C C   . DAL B 10 ? 0.1020 0.1890 0.1678 -0.0080 0.0500  -0.0835 10   DAL B C   
317 O O   . DAL B 10 ? 0.1326 0.1970 0.2019 -0.0060 0.0172  -0.0928 10   DAL B O   
318 N N   . GLN B 11 ? 0.0943 0.1804 0.1597 -0.0177 0.0465  -0.0807 11   GLN B N   
319 C CA  . GLN B 11 ? 0.0897 0.1820 0.1596 -0.0275 0.0538  -0.0675 11   GLN B CA  
320 C C   . GLN B 11 ? 0.0809 0.1483 0.1517 -0.0192 0.0505  -0.0733 11   GLN B C   
321 O O   . GLN B 11 ? 0.0810 0.1473 0.1539 -0.0148 0.0409  -0.0680 11   GLN B O   
322 C CB  . GLN B 11 ? 0.1099 0.1917 0.1600 -0.0338 0.0616  -0.0554 11   GLN B CB  
323 C CG  . GLN B 11 ? 0.1363 0.2107 0.1823 -0.0339 0.0703  -0.0436 11   GLN B CG  
324 C CD  . GLN B 11 ? 0.1597 0.2167 0.2020 -0.0417 0.0797  -0.0385 11   GLN B CD  
325 O OE1 . GLN B 11 ? 0.1872 0.2305 0.2240 -0.0418 0.0880  -0.0383 11   GLN B OE1 
326 N NE2 . GLN B 11 ? 0.1920 0.2234 0.2310 -0.0520 0.0821  -0.0376 11   GLN B NE2 
327 N N   . ALA B 12 ? 0.0772 0.1422 0.1492 -0.0167 0.0524  -0.0678 12   ALA B N   
328 C CA  . ALA B 12 ? 0.0734 0.1316 0.1427 -0.0109 0.0453  -0.0610 12   ALA B CA  
329 C C   . ALA B 12 ? 0.0710 0.1063 0.1240 -0.0088 0.0313  -0.0559 12   ALA B C   
330 O O   . ALA B 12 ? 0.0784 0.1085 0.1394 -0.0193 0.0518  -0.0491 12   ALA B O   
331 C CB  . ALA B 12 ? 0.0870 0.1443 0.1567 0.0050  0.0208  -0.0552 12   ALA B CB  
332 N N   . TYR B 13 ? 0.0663 0.0954 0.1119 -0.0019 0.0305  -0.0392 13   TYR B N   
333 C CA  . TYR B 13 ? 0.0655 0.0910 0.1001 -0.0018 0.0237  -0.0310 13   TYR B CA  
334 C C   . TYR B 13 ? 0.0594 0.0741 0.0953 -0.0036 0.0179  -0.0262 13   TYR B C   
335 O O   . TYR B 13 ? 0.0653 0.0808 0.1054 0.0111  0.0178  -0.0252 13   TYR B O   
336 C CB  . TYR B 13 ? 0.0691 0.1074 0.0955 -0.0070 0.0294  -0.0294 13   TYR B CB  
337 C CG  . TYR B 13 ? 0.0774 0.1183 0.0981 -0.0162 0.0337  -0.0382 13   TYR B CG  
338 C CD1 . TYR B 13 ? 0.0923 0.1266 0.1107 -0.0254 0.0307  -0.0333 13   TYR B CD1 
339 C CD2 . TYR B 13 ? 0.0842 0.1407 0.1059 -0.0177 0.0290  -0.0476 13   TYR B CD2 
340 C CE1 . TYR B 13 ? 0.1213 0.1566 0.1119 -0.0466 0.0342  -0.0247 13   TYR B CE1 
341 C CE2 . TYR B 13 ? 0.1038 0.1773 0.1043 -0.0298 0.0459  -0.0557 13   TYR B CE2 
342 C CZ  . TYR B 13 ? 0.1147 0.1814 0.1002 -0.0519 0.0501  -0.0407 13   TYR B CZ  
343 O OH  . TYR B 13 ? 0.1750 0.2238 0.1115 -0.0758 0.0560  -0.0395 13   TYR B OH  
344 N N   . VAL B 14 ? 0.0684 0.0747 0.0891 0.0089  0.0242  -0.0173 14   VAL B N   
345 C CA  . VAL B 14 ? 0.0605 0.0760 0.0815 0.0041  0.0180  -0.0085 14   VAL B CA  
346 C C   . VAL B 14 ? 0.0597 0.0677 0.0849 0.0043  0.0117  -0.0065 14   VAL B C   
347 O O   . VAL B 14 ? 0.0657 0.0901 0.0892 -0.0020 0.0180  -0.0060 14   VAL B O   
348 C CB  . VAL B 14 ? 0.0556 0.0780 0.0944 0.0043  0.0221  -0.0154 14   VAL B CB  
349 C CG1 . VAL B 14 ? 0.0622 0.1036 0.1004 0.0094  0.0147  -0.0111 14   VAL B CG1 
350 C CG2 . VAL B 14 ? 0.0762 0.0786 0.0964 -0.0044 0.0111  -0.0116 14   VAL B CG2 
351 N N   . ARG B 15 ? 0.0553 0.0759 0.0825 0.0148  0.0125  -0.0082 15   ARG B N   
352 C CA  . ARG B 15 ? 0.0529 0.0722 0.0929 0.0056  0.0080  -0.0116 15   ARG B CA  
353 C C   . ARG B 15 ? 0.0566 0.0795 0.0733 0.0059  0.0159  -0.0049 15   ARG B C   
354 O O   . ARG B 15 ? 0.0661 0.0777 0.0835 0.0171  0.0075  -0.0057 15   ARG B O   
355 C CB  . ARG B 15 ? 0.0600 0.0728 0.1061 0.0061  0.0187  0.0013  15   ARG B CB  
356 C CG  . ARG B 15 ? 0.0648 0.0856 0.1203 0.0068  0.0239  -0.0092 15   ARG B CG  
357 C CD  . ARG B 15 ? 0.0743 0.0840 0.1229 0.0003  0.0193  -0.0182 15   ARG B CD  
358 N NE  . ARG B 15 ? 0.0662 0.0890 0.1390 -0.0025 0.0181  -0.0202 15   ARG B NE  
359 C CZ  . ARG B 15 ? 0.0746 0.0877 0.1302 -0.0021 0.0148  -0.0266 15   ARG B CZ  
360 N NH1 . ARG B 15 ? 0.0904 0.1229 0.1349 -0.0071 0.0216  -0.0478 15   ARG B NH1 
361 N NH2 . ARG B 15 ? 0.0831 0.1093 0.1294 -0.0057 0.0141  -0.0197 15   ARG B NH2 
362 N N   . LYS B 16 ? 0.0706 0.0779 0.0765 0.0147  0.0078  -0.0083 16   LYS B N   
363 C CA  A LYS B 16 ? 0.0744 0.0802 0.0863 0.0199  0.0020  -0.0018 16   LYS B CA  
364 C CA  B LYS B 16 ? 0.0694 0.0765 0.0833 0.0209  0.0027  0.0011  16   LYS B CA  
365 C C   . LYS B 16 ? 0.0707 0.0848 0.0924 0.0233  0.0028  -0.0088 16   LYS B C   
366 O O   . LYS B 16 ? 0.0747 0.1041 0.0896 0.0257  0.0039  -0.0054 16   LYS B O   
367 C CB  A LYS B 16 ? 0.0916 0.0881 0.1021 0.0135  0.0026  0.0023  16   LYS B CB  
368 C CB  B LYS B 16 ? 0.0811 0.0792 0.0925 0.0182  0.0030  0.0095  16   LYS B CB  
369 C CG  A LYS B 16 ? 0.1057 0.0917 0.1114 0.0143  0.0026  -0.0016 16   LYS B CG  
370 C CG  B LYS B 16 ? 0.0834 0.0738 0.0980 0.0216  0.0027  0.0127  16   LYS B CG  
371 C CD  A LYS B 16 ? 0.1222 0.0971 0.1274 0.0066  0.0037  -0.0034 16   LYS B CD  
372 C CD  B LYS B 16 ? 0.1013 0.0823 0.1082 0.0098  0.0027  0.0157  16   LYS B CD  
373 C CE  A LYS B 16 ? 0.1468 0.1089 0.1396 0.0099  0.0058  -0.0012 16   LYS B CE  
374 C CE  B LYS B 16 ? 0.1198 0.0964 0.1155 0.0116  0.0003  0.0248  16   LYS B CE  
375 N NZ  A LYS B 16 ? 0.1720 0.1232 0.1530 0.0069  0.0045  0.0040  16   LYS B NZ  
376 N NZ  B LYS B 16 ? 0.1263 0.0970 0.1425 0.0099  -0.0005 0.0312  16   LYS B NZ  
377 N N   . DPN B 17 ? 0.0708 0.0899 0.0931 0.0235  0.0094  -0.0074 17   DPN B N   
378 C CA  . DPN B 17 ? 0.0662 0.0993 0.1018 0.0266  0.0027  -0.0094 17   DPN B CA  
379 C C   . DPN B 17 ? 0.0695 0.1065 0.0939 0.0216  0.0049  -0.0130 17   DPN B C   
380 O O   . DPN B 17 ? 0.0856 0.1182 0.0997 0.0235  -0.0057 -0.0073 17   DPN B O   
381 C CB  . DPN B 17 ? 0.0752 0.1242 0.1131 0.0185  0.0067  -0.0257 17   DPN B CB  
382 C CG  . DPN B 17 ? 0.0886 0.1731 0.1243 0.0127  0.0125  -0.0523 17   DPN B CG  
383 C CD1 . DPN B 17 ? 0.1159 0.2052 0.1433 -0.0152 0.0263  -0.0585 17   DPN B CD1 
384 C CD2 . DPN B 17 ? 0.1091 0.2137 0.1322 0.0301  0.0077  -0.0392 17   DPN B CD2 
385 C CE1 . DPN B 17 ? 0.1335 0.2319 0.1408 -0.0130 0.0249  -0.0657 17   DPN B CE1 
386 C CE2 . DPN B 17 ? 0.1277 0.2393 0.1555 0.0317  0.0114  -0.0395 17   DPN B CE2 
387 C CZ  . DPN B 17 ? 0.1327 0.2496 0.1411 0.0078  0.0103  -0.0585 17   DPN B CZ  
388 N N   . GLY B 18 ? 0.0843 0.1057 0.0951 0.0163  0.0042  -0.0153 18   GLY B N   
389 C CA  . GLY B 18 ? 0.0889 0.1152 0.1060 0.0118  0.0065  -0.0163 18   GLY B CA  
390 C C   . GLY B 18 ? 0.0842 0.1236 0.1026 0.0153  0.0103  -0.0236 18   GLY B C   
391 O O   . GLY B 18 ? 0.1066 0.1405 0.1066 -0.0016 0.0089  -0.0297 18   GLY B O   
392 N N   . GLU B 19 ? 0.0861 0.1271 0.0948 0.0231  0.0036  -0.0259 19   GLU B N   
393 C CA  . GLU B 19 ? 0.0920 0.1521 0.1010 0.0203  0.0109  -0.0258 19   GLU B CA  
394 C C   . GLU B 19 ? 0.0910 0.1315 0.0980 0.0188  0.0042  -0.0303 19   GLU B C   
395 O O   . GLU B 19 ? 0.0912 0.1192 0.0930 0.0310  0.0087  -0.0262 19   GLU B O   
396 C CB  . GLU B 19 ? 0.1156 0.1746 0.1065 0.0209  0.0017  -0.0017 19   GLU B CB  
397 C CG  . GLU B 19 ? 0.1260 0.2063 0.1255 0.0188  -0.0008 0.0040  19   GLU B CG  
398 C CD  . GLU B 19 ? 0.1381 0.2390 0.1407 0.0197  -0.0067 -0.0083 19   GLU B CD  
399 O OE1 . GLU B 19 ? 0.1459 0.2789 0.1541 0.0213  -0.0104 -0.0273 19   GLU B OE1 
400 O OE2 . GLU B 19 ? 0.1433 0.2759 0.1843 0.0045  -0.0251 -0.0110 19   GLU B OE2 
401 N N   . TRP B 20 ? 0.0884 0.1490 0.1004 0.0126  0.0085  -0.0398 20   TRP B N   
402 C CA  A TRP B 20 ? 0.0899 0.1437 0.0995 0.0087  0.0118  -0.0336 20   TRP B CA  
403 C CA  B TRP B 20 ? 0.0870 0.1370 0.0937 0.0075  0.0094  -0.0343 20   TRP B CA  
404 C C   . TRP B 20 ? 0.1068 0.1499 0.0916 0.0041  0.0084  -0.0219 20   TRP B C   
405 O O   . TRP B 20 ? 0.1403 0.2144 0.1026 -0.0075 0.0058  -0.0105 20   TRP B O   
406 C CB  A TRP B 20 ? 0.0908 0.1345 0.1115 0.0038  0.0167  -0.0331 20   TRP B CB  
407 C CB  B TRP B 20 ? 0.0765 0.1239 0.0913 0.0027  0.0126  -0.0378 20   TRP B CB  
408 C CG  A TRP B 20 ? 0.0922 0.1232 0.1159 0.0101  0.0259  -0.0247 20   TRP B CG  
409 C CG  B TRP B 20 ? 0.0555 0.0983 0.0943 0.0037  0.0196  -0.0428 20   TRP B CG  
410 C CD1 A TRP B 20 ? 0.0968 0.1135 0.1218 0.0025  0.0307  -0.0248 20   TRP B CD1 
411 C CD1 B TRP B 20 ? 0.0626 0.0986 0.1030 -0.0043 0.0186  -0.0388 20   TRP B CD1 
412 C CD2 A TRP B 20 ? 0.0825 0.0882 0.1186 0.0009  0.0399  -0.0205 20   TRP B CD2 
413 C CD2 B TRP B 20 ? 0.0485 0.0825 0.0962 -0.0017 0.0241  -0.0345 20   TRP B CD2 
414 N NE1 A TRP B 20 ? 0.0906 0.1098 0.1422 -0.0040 0.0435  -0.0177 20   TRP B NE1 
415 N NE1 B TRP B 20 ? 0.0544 0.0943 0.1108 -0.0075 0.0195  -0.0420 20   TRP B NE1 
416 C CE2 A TRP B 20 ? 0.0866 0.1124 0.1447 -0.0018 0.0451  -0.0124 20   TRP B CE2 
417 C CE2 B TRP B 20 ? 0.0569 0.0825 0.1037 -0.0085 0.0230  -0.0365 20   TRP B CE2 
418 C CE3 A TRP B 20 ? 0.0831 0.1074 0.1317 -0.0027 0.0367  -0.0140 20   TRP B CE3 
419 C CE3 B TRP B 20 ? 0.0426 0.0574 0.0858 -0.0047 0.0267  -0.0318 20   TRP B CE3 
420 C CZ2 A TRP B 20 ? 0.0983 0.1009 0.1513 0.0017  0.0597  -0.0003 20   TRP B CZ2 
421 C CZ2 B TRP B 20 ? 0.0546 0.0633 0.1134 -0.0106 0.0275  -0.0306 20   TRP B CZ2 
422 C CZ3 A TRP B 20 ? 0.0907 0.1168 0.1375 0.0065  0.0395  -0.0090 20   TRP B CZ3 
423 C CZ3 B TRP B 20 ? 0.0425 0.0549 0.0946 -0.0052 0.0287  -0.0275 20   TRP B CZ3 
424 C CH2 A TRP B 20 ? 0.0935 0.1150 0.1557 0.0023  0.0502  -0.0019 20   TRP B CH2 
425 C CH2 B TRP B 20 ? 0.0438 0.0613 0.1011 -0.0093 0.0350  -0.0202 20   TRP B CH2 
426 N N   . VAL B 21 ? 0.1011 0.1192 0.0866 0.0086  0.0169  -0.0109 21   VAL B N   
427 C CA  A VAL B 21 ? 0.1087 0.1173 0.0877 0.0106  0.0279  0.0006  21   VAL B CA  
428 C CA  B VAL B 21 ? 0.1004 0.1135 0.0859 0.0100  0.0224  -0.0047 21   VAL B CA  
429 C C   . VAL B 21 ? 0.0999 0.1068 0.0814 0.0018  0.0237  -0.0068 21   VAL B C   
430 O O   . VAL B 21 ? 0.0884 0.0963 0.0997 0.0103  0.0283  -0.0056 21   VAL B O   
431 C CB  A VAL B 21 ? 0.1187 0.1158 0.1189 0.0172  0.0259  0.0030  21   VAL B CB  
432 C CB  B VAL B 21 ? 0.1008 0.1090 0.0957 0.0123  0.0192  -0.0017 21   VAL B CB  
433 C CG1 A VAL B 21 ? 0.1332 0.1185 0.1196 0.0068  0.0269  0.0040  21   VAL B CG1 
434 C CG1 B VAL B 21 ? 0.1000 0.1188 0.0946 0.0157  0.0193  -0.0033 21   VAL B CG1 
435 C CG2 A VAL B 21 ? 0.1277 0.1354 0.1076 0.0245  0.0293  0.0037  21   VAL B CG2 
436 C CG2 B VAL B 21 ? 0.0889 0.0898 0.0998 0.0139  0.0114  -0.0046 21   VAL B CG2 
437 N N   . LEU B 22 ? 0.1000 0.1166 0.0915 -0.0031 0.0271  -0.0032 22   LEU B N   
438 C CA  . LEU B 22 ? 0.0987 0.1220 0.1023 -0.0146 0.0268  -0.0138 22   LEU B CA  
439 C C   . LEU B 22 ? 0.1011 0.1165 0.1023 -0.0105 0.0259  -0.0111 22   LEU B C   
440 O O   . LEU B 22 ? 0.1498 0.1176 0.1136 0.0015  0.0027  -0.0220 22   LEU B O   
441 C CB  . LEU B 22 ? 0.1116 0.1356 0.1148 -0.0277 0.0335  -0.0158 22   LEU B CB  
442 C CG  . LEU B 22 ? 0.1198 0.1515 0.1188 -0.0466 0.0425  -0.0207 22   LEU B CG  
443 C CD1 . LEU B 22 ? 0.1555 0.1837 0.1298 -0.0487 0.0426  -0.0107 22   LEU B CD1 
444 C CD2 . LEU B 22 ? 0.1434 0.1636 0.1245 -0.0399 0.0423  -0.0342 22   LEU B CD2 
445 N N   . LEU B 23 ? 0.0803 0.0948 0.1088 -0.0123 0.0311  -0.0187 23   LEU B N   
446 C CA  . LEU B 23 ? 0.0776 0.0905 0.1060 0.0013  0.0282  -0.0219 23   LEU B CA  
447 C C   . LEU B 23 ? 0.0867 0.0937 0.1116 -0.0080 0.0256  -0.0147 23   LEU B C   
448 O O   . LEU B 23 ? 0.0944 0.0917 0.1053 -0.0044 0.0250  -0.0095 23   LEU B O   
449 C CB  . LEU B 23 ? 0.0713 0.0952 0.1137 -0.0052 0.0354  -0.0166 23   LEU B CB  
450 C CG  . LEU B 23 ? 0.0691 0.0959 0.1252 0.0017  0.0231  -0.0117 23   LEU B CG  
451 C CD1 . LEU B 23 ? 0.0834 0.1080 0.1244 0.0042  0.0175  -0.0194 23   LEU B CD1 
452 C CD2 . LEU B 23 ? 0.0894 0.1152 0.1559 0.0156  0.0046  -0.0146 23   LEU B CD2 
453 N N   . SER B 24 ? 0.0942 0.1038 0.1201 -0.0250 0.0387  -0.0130 24   SER B N   
454 C CA  . SER B 24 ? 0.0995 0.1185 0.1295 -0.0232 0.0392  -0.0114 24   SER B CA  
455 C C   . SER B 24 ? 0.1093 0.1187 0.1309 -0.0197 0.0428  -0.0055 24   SER B C   
456 O O   . SER B 24 ? 0.1392 0.1070 0.1782 -0.0387 0.0455  -0.0047 24   SER B O   
457 C CB  . SER B 24 ? 0.1083 0.1494 0.1399 -0.0161 0.0515  -0.0132 24   SER B CB  
458 O OG  . SER B 24 ? 0.1378 0.2076 0.1410 -0.0277 0.0522  -0.0236 24   SER B OG  
459 N N   . THR B 25 ? 0.1354 0.1317 0.1138 -0.0049 0.0323  0.0093  25   THR B N   
460 C CA  . THR B 25 ? 0.1677 0.1475 0.1295 0.0112  0.0336  0.0133  25   THR B CA  
461 C C   . THR B 25 ? 0.1634 0.1307 0.1246 0.0191  0.0339  0.0156  25   THR B C   
462 O O   . THR B 25 ? 0.2282 0.1264 0.1566 0.0326  0.0460  0.0213  25   THR B O   
463 C CB  . THR B 25 ? 0.1816 0.1888 0.1425 0.0084  0.0260  0.0130  25   THR B CB  
464 O OG1 . THR B 25 ? 0.1601 0.2219 0.1482 0.0169  0.0265  0.0138  25   THR B OG1 
465 C CG2 . THR B 25 ? 0.1936 0.2078 0.1428 0.0072  0.0232  0.0163  25   THR B CG2 
466 N N   . PHE B 26 ? 0.1128 0.0991 0.1147 0.0117  0.0232  0.0045  26   PHE B N   
467 C CA  . PHE B 26 ? 0.1046 0.0959 0.1218 0.0066  0.0209  0.0020  26   PHE B CA  
468 C C   . PHE B 26 ? 0.1000 0.0973 0.1377 -0.0089 0.0206  -0.0008 26   PHE B C   
469 O O   . PHE B 26 ? 0.1146 0.1030 0.1555 -0.0174 0.0114  -0.0078 26   PHE B O   
470 C CB  . PHE B 26 ? 0.0962 0.0881 0.1107 0.0033  0.0171  -0.0022 26   PHE B CB  
471 C CG  . PHE B 26 ? 0.0935 0.0987 0.1074 0.0093  0.0176  0.0035  26   PHE B CG  
472 C CD1 . PHE B 26 ? 0.1017 0.1183 0.1552 0.0123  0.0253  -0.0027 26   PHE B CD1 
473 C CD2 . PHE B 26 ? 0.0991 0.1199 0.1234 0.0038  0.0086  0.0005  26   PHE B CD2 
474 C CE1 . PHE B 26 ? 0.1015 0.1406 0.1698 0.0169  0.0254  0.0138  26   PHE B CE1 
475 C CE2 . PHE B 26 ? 0.1058 0.1435 0.1319 -0.0144 0.0064  0.0099  26   PHE B CE2 
476 C CZ  . PHE B 26 ? 0.1038 0.1608 0.1522 -0.0031 0.0132  0.0238  26   PHE B CZ  
477 N N   . LEU B 27 ? 0.0969 0.1304 0.1561 -0.0111 0.0113  -0.0133 27   LEU B N   
478 C CA  . LEU B 27 ? 0.1107 0.1657 0.2021 -0.0164 0.0048  -0.0173 27   LEU B CA  
479 C C   . LEU B 27 ? 0.1281 0.1909 0.2478 -0.0297 0.0044  -0.0243 27   LEU B C   
480 O O   . LEU B 27 ? 0.1675 0.2071 0.2874 -0.0508 0.0084  -0.0082 27   LEU B O   
481 C CB  . LEU B 27 ? 0.1328 0.1843 0.2100 0.0036  -0.0066 -0.0162 27   LEU B CB  
482 C CG  . LEU B 27 ? 0.1528 0.1879 0.2129 0.0159  -0.0206 -0.0210 27   LEU B CG  
483 C CD1 . LEU B 27 ? 0.1697 0.2072 0.2407 0.0236  -0.0159 -0.0293 27   LEU B CD1 
484 C CD2 . LEU B 27 ? 0.1920 0.2047 0.2228 0.0004  -0.0345 -0.0177 27   LEU B CD2 
485 O OXT . LEU B 27 ? 0.1397 0.2100 0.2726 -0.0326 -0.0020 -0.0379 27   LEU B OXT 
486 N N   . GLY C 1  ? 0.1925 0.1896 0.2143 -0.0063 -0.0015 0.0585  1    GLY C N   
487 C CA  . GLY C 1  ? 0.1763 0.1695 0.1880 0.0008  0.0051  0.0474  1    GLY C CA  
488 C C   . GLY C 1  ? 0.1555 0.1552 0.1699 -0.0089 0.0115  0.0426  1    GLY C C   
489 O O   . GLY C 1  ? 0.1667 0.1909 0.1917 -0.0189 -0.0008 0.0463  1    GLY C O   
490 N N   . TYR C 2  ? 0.1312 0.1172 0.1497 -0.0037 0.0232  0.0262  2    TYR C N   
491 C CA  . TYR C 2  ? 0.0991 0.0898 0.1300 -0.0001 0.0252  0.0104  2    TYR C CA  
492 C C   . TYR C 2  ? 0.1013 0.1195 0.1215 -0.0059 0.0293  0.0018  2    TYR C C   
493 O O   . TYR C 2  ? 0.1240 0.1618 0.1503 -0.0227 0.0566  -0.0122 2    TYR C O   
494 C CB  . TYR C 2  ? 0.0852 0.0812 0.1296 -0.0098 0.0300  0.0046  2    TYR C CB  
495 C CG  . TYR C 2  ? 0.0910 0.0670 0.1399 -0.0107 0.0242  -0.0016 2    TYR C CG  
496 C CD1 . TYR C 2  ? 0.0920 0.0873 0.1541 -0.0107 0.0231  -0.0002 2    TYR C CD1 
497 C CD2 . TYR C 2  ? 0.1000 0.0918 0.1618 -0.0172 0.0359  -0.0211 2    TYR C CD2 
498 C CE1 . TYR C 2  ? 0.1077 0.0812 0.1591 -0.0049 0.0320  -0.0076 2    TYR C CE1 
499 C CE2 . TYR C 2  ? 0.1230 0.0998 0.1726 -0.0218 0.0307  -0.0336 2    TYR C CE2 
500 C CZ  . TYR C 2  ? 0.1173 0.0830 0.1771 0.0001  0.0269  -0.0195 2    TYR C CZ  
501 O OH  . TYR C 2  ? 0.1584 0.1103 0.2090 -0.0070 0.0390  -0.0448 2    TYR C OH  
502 N N   . ILE C 3  ? 0.0908 0.1094 0.1059 0.0022  0.0298  -0.0036 3    ILE C N   
503 C CA  . ILE C 3  ? 0.0869 0.1168 0.1016 0.0062  0.0270  -0.0093 3    ILE C CA  
504 C C   . ILE C 3  ? 0.0840 0.1047 0.1101 -0.0022 0.0249  -0.0138 3    ILE C C   
505 O O   . ILE C 3  ? 0.0766 0.1071 0.1225 0.0097  0.0101  -0.0179 3    ILE C O   
506 C CB  . ILE C 3  ? 0.0843 0.1277 0.1097 0.0068  0.0195  -0.0208 3    ILE C CB  
507 C CG1 . ILE C 3  ? 0.0884 0.1406 0.1092 -0.0014 0.0221  -0.0313 3    ILE C CG1 
508 C CG2 . ILE C 3  ? 0.1128 0.1506 0.1311 0.0263  0.0019  -0.0131 3    ILE C CG2 
509 C CD1 . ILE C 3  ? 0.0803 0.1458 0.1198 -0.0024 0.0181  -0.0339 3    ILE C CD1 
510 N N   . PRO C 4  ? 0.0923 0.1094 0.1184 0.0022  0.0343  -0.0230 4    PRO C N   
511 C CA  . PRO C 4  ? 0.0887 0.1152 0.1366 -0.0021 0.0392  -0.0193 4    PRO C CA  
512 C C   . PRO C 4  ? 0.0739 0.1087 0.1229 0.0010  0.0287  -0.0250 4    PRO C C   
513 O O   . PRO C 4  ? 0.0826 0.1145 0.1303 -0.0095 0.0238  -0.0287 4    PRO C O   
514 C CB  . PRO C 4  ? 0.1178 0.1292 0.1454 0.0100  0.0561  -0.0133 4    PRO C CB  
515 C CG  . PRO C 4  ? 0.1317 0.1597 0.1457 0.0167  0.0431  -0.0215 4    PRO C CG  
516 C CD  . PRO C 4  ? 0.1193 0.1360 0.1193 0.0040  0.0433  -0.0153 4    PRO C CD  
517 N N   . GLU C 5  ? 0.0799 0.1099 0.1286 -0.0058 0.0244  -0.0176 5    GLU C N   
518 C CA  . GLU C 5  ? 0.0851 0.1152 0.1213 0.0048  0.0129  -0.0116 5    GLU C CA  
519 C C   . GLU C 5  ? 0.0780 0.1077 0.1191 0.0104  0.0159  -0.0083 5    GLU C C   
520 O O   . GLU C 5  ? 0.0918 0.1080 0.1293 0.0007  0.0164  -0.0122 5    GLU C O   
521 C CB  . GLU C 5  ? 0.0774 0.1265 0.1191 0.0077  0.0106  -0.0128 5    GLU C CB  
522 C CG  . GLU C 5  ? 0.0828 0.1359 0.1310 0.0101  0.0043  -0.0094 5    GLU C CG  
523 C CD  . GLU C 5  ? 0.0750 0.1529 0.1189 -0.0028 0.0101  -0.0063 5    GLU C CD  
524 O OE1 . GLU C 5  ? 0.0865 0.2111 0.1352 -0.0034 0.0104  -0.0115 5    GLU C OE1 
525 O OE2 . GLU C 5  ? 0.0707 0.1236 0.1188 0.0019  0.0112  -0.0074 5    GLU C OE2 
526 N N   . ALA C 6  ? 0.0709 0.0982 0.1133 0.0088  0.0085  0.0028  6    ALA C N   
527 C CA  . ALA C 6  ? 0.0831 0.0975 0.1088 0.0120  0.0066  0.0049  6    ALA C CA  
528 C C   . ALA C 6  ? 0.0740 0.0996 0.1073 0.0125  0.0063  0.0040  6    ALA C C   
529 O O   . ALA C 6  ? 0.0747 0.1199 0.1113 0.0103  -0.0001 0.0020  6    ALA C O   
530 C CB  . ALA C 6  ? 0.0589 0.1036 0.1217 0.0137  0.0077  0.0008  6    ALA C CB  
531 N N   . PRO C 7  ? 0.0688 0.1041 0.1080 0.0146  0.0137  0.0084  7    PRO C N   
532 C CA  . PRO C 7  ? 0.0771 0.1092 0.1025 0.0208  0.0135  -0.0031 7    PRO C CA  
533 C C   . PRO C 7  ? 0.0770 0.1109 0.1001 0.0321  0.0116  -0.0087 7    PRO C C   
534 O O   . PRO C 7  ? 0.0924 0.1009 0.1027 0.0420  0.0201  0.0001  7    PRO C O   
535 C CB  . PRO C 7  ? 0.0808 0.1124 0.1015 0.0167  0.0169  -0.0033 7    PRO C CB  
536 C CG  . PRO C 7  ? 0.0831 0.1180 0.1110 0.0101  0.0107  0.0104  7    PRO C CG  
537 C CD  . PRO C 7  ? 0.0714 0.1062 0.1104 0.0155  0.0147  0.0105  7    PRO C CD  
538 N N   . ARG C 8  ? 0.0887 0.1112 0.0995 0.0424  0.0053  -0.0120 8    ARG C N   
539 C CA  . ARG C 8  ? 0.0983 0.1270 0.1172 0.0495  -0.0025 -0.0093 8    ARG C CA  
540 C C   . ARG C 8  ? 0.1021 0.1313 0.1366 0.0464  -0.0027 -0.0029 8    ARG C C   
541 O O   . ARG C 8  ? 0.1291 0.1406 0.1754 0.0506  -0.0227 0.0158  8    ARG C O   
542 C CB  . ARG C 8  ? 0.1190 0.1241 0.1261 0.0373  -0.0256 -0.0146 8    ARG C CB  
543 C CG  . ARG C 8  ? 0.1480 0.1352 0.1361 0.0254  -0.0313 -0.0125 8    ARG C CG  
544 C CD  . ARG C 8  ? 0.1569 0.1295 0.1443 0.0174  -0.0460 -0.0066 8    ARG C CD  
545 N NE  . ARG C 8  ? 0.1784 0.1436 0.1372 0.0047  -0.0369 -0.0006 8    ARG C NE  
546 C CZ  . ARG C 8  ? 0.1764 0.1284 0.1392 0.0019  -0.0341 -0.0117 8    ARG C CZ  
547 N NH1 . ARG C 8  ? 0.1726 0.1343 0.1294 0.0093  -0.0415 -0.0184 8    ARG C NH1 
548 N NH2 . ARG C 8  ? 0.1845 0.1637 0.1375 -0.0052 -0.0301 -0.0094 8    ARG C NH2 
549 N N   . ASP C 9  ? 0.0817 0.1262 0.1320 0.0551  0.0022  -0.0127 9    ASP C N   
550 C CA  . ASP C 9  ? 0.0885 0.1241 0.1348 0.0535  0.0197  -0.0175 9    ASP C CA  
551 C C   . ASP C 9  ? 0.1067 0.1071 0.1361 0.0533  0.0092  -0.0167 9    ASP C C   
552 O O   . ASP C 9  ? 0.1441 0.1081 0.1904 0.0462  0.0233  -0.0267 9    ASP C O   
553 C CB  . ASP C 9  ? 0.1060 0.1478 0.1278 0.0323  0.0244  -0.0245 9    ASP C CB  
554 C CG  . ASP C 9  ? 0.1092 0.1767 0.1163 0.0127  0.0083  -0.0154 9    ASP C CG  
555 O OD1 . ASP C 9  ? 0.0895 0.1092 0.1279 0.0361  0.0036  -0.0027 9    ASP C OD1 
556 O OD2 . ASP C 9  ? 0.1571 0.2812 0.1238 -0.0128 0.0161  -0.0185 9    ASP C OD2 
557 N N   . DAL C 10 ? 0.0950 0.1036 0.1226 0.0484  0.0009  -0.0023 10   DAL C N   
558 C CA  . DAL C 10 ? 0.1071 0.0976 0.1173 0.0508  -0.0076 0.0025  10   DAL C CA  
559 C CB  . DAL C 10 ? 0.1151 0.1060 0.1246 0.0499  -0.0070 0.0030  10   DAL C CB  
560 C C   . DAL C 10 ? 0.0983 0.0895 0.1052 0.0410  -0.0035 0.0057  10   DAL C C   
561 O O   . DAL C 10 ? 0.1111 0.1167 0.1256 0.0289  -0.0101 0.0277  10   DAL C O   
562 N N   . GLN C 11 ? 0.0913 0.0805 0.1059 0.0407  0.0015  -0.0010 11   GLN C N   
563 C CA  . GLN C 11 ? 0.0779 0.0693 0.1105 0.0340  -0.0060 -0.0022 11   GLN C CA  
564 C C   . GLN C 11 ? 0.0698 0.0708 0.1016 0.0220  0.0029  0.0060  11   GLN C C   
565 O O   . GLN C 11 ? 0.0648 0.0836 0.1314 0.0218  -0.0018 -0.0119 11   GLN C O   
566 C CB  . GLN C 11 ? 0.0852 0.0690 0.1103 0.0302  0.0011  -0.0030 11   GLN C CB  
567 C CG  . GLN C 11 ? 0.1147 0.0757 0.1195 0.0327  -0.0048 -0.0051 11   GLN C CG  
568 C CD  . GLN C 11 ? 0.1180 0.0777 0.1314 0.0433  -0.0071 -0.0184 11   GLN C CD  
569 O OE1 . GLN C 11 ? 0.1397 0.0983 0.1488 0.0320  -0.0229 -0.0144 11   GLN C OE1 
570 N NE2 . GLN C 11 ? 0.1388 0.1048 0.1258 0.0427  0.0002  -0.0164 11   GLN C NE2 
571 N N   . ALA C 12 ? 0.0715 0.0605 0.1003 0.0169  0.0015  -0.0004 12   ALA C N   
572 C CA  . ALA C 12 ? 0.0673 0.0646 0.0954 0.0174  0.0070  0.0021  12   ALA C CA  
573 C C   . ALA C 12 ? 0.0557 0.0593 0.0956 0.0153  0.0103  0.0019  12   ALA C C   
574 O O   . ALA C 12 ? 0.0712 0.0581 0.0965 0.0134  -0.0029 -0.0003 12   ALA C O   
575 C CB  . ALA C 12 ? 0.0792 0.0735 0.0935 0.0199  0.0165  0.0083  12   ALA C CB  
576 N N   . TYR C 13 ? 0.0657 0.0577 0.0865 0.0154  0.0034  -0.0037 13   TYR C N   
577 C CA  A TYR C 13 ? 0.0571 0.0668 0.0843 0.0096  0.0084  -0.0006 13   TYR C CA  
578 C CA  B TYR C 13 ? 0.0576 0.0598 0.0858 0.0101  0.0089  -0.0009 13   TYR C CA  
579 C C   . TYR C 13 ? 0.0635 0.0488 0.0851 0.0070  0.0088  0.0018  13   TYR C C   
580 O O   . TYR C 13 ? 0.0654 0.0685 0.0837 0.0147  0.0115  -0.0045 13   TYR C O   
581 C CB  A TYR C 13 ? 0.0584 0.0669 0.0903 0.0156  0.0065  0.0008  13   TYR C CB  
582 C CB  B TYR C 13 ? 0.0609 0.0496 0.0931 0.0164  0.0078  -0.0002 13   TYR C CB  
583 C CG  A TYR C 13 ? 0.0555 0.0772 0.0870 0.0161  0.0067  -0.0036 13   TYR C CG  
584 C CG  B TYR C 13 ? 0.0602 0.0444 0.1009 0.0170  0.0100  -0.0026 13   TYR C CG  
585 C CD1 A TYR C 13 ? 0.0634 0.0853 0.0906 0.0164  0.0040  -0.0038 13   TYR C CD1 
586 C CD1 B TYR C 13 ? 0.0669 0.0376 0.0972 0.0123  0.0095  -0.0032 13   TYR C CD1 
587 C CD2 A TYR C 13 ? 0.0605 0.0817 0.0927 0.0121  0.0018  -0.0032 13   TYR C CD2 
588 C CD2 B TYR C 13 ? 0.0742 0.0601 0.0998 0.0161  0.0069  -0.0044 13   TYR C CD2 
589 C CE1 A TYR C 13 ? 0.0703 0.0941 0.0862 0.0220  0.0060  -0.0023 13   TYR C CE1 
590 C CE1 B TYR C 13 ? 0.0680 0.0559 0.0945 0.0140  0.0118  -0.0060 13   TYR C CE1 
591 C CE2 A TYR C 13 ? 0.0583 0.0924 0.0829 0.0189  0.0022  -0.0070 13   TYR C CE2 
592 C CE2 B TYR C 13 ? 0.0646 0.0570 0.1015 0.0213  0.0050  -0.0005 13   TYR C CE2 
593 C CZ  A TYR C 13 ? 0.0604 0.0966 0.0858 0.0228  0.0077  -0.0034 13   TYR C CZ  
594 C CZ  B TYR C 13 ? 0.0703 0.0572 0.1002 0.0184  0.0078  -0.0096 13   TYR C CZ  
595 O OH  A TYR C 13 ? 0.0918 0.1109 0.0811 0.0283  0.0064  -0.0016 13   TYR C OH  
596 O OH  B TYR C 13 ? 0.0721 0.0845 0.1178 0.0371  0.0115  -0.0176 13   TYR C OH  
597 N N   . VAL C 14 ? 0.0625 0.0648 0.0837 0.0146  0.0092  0.0001  14   VAL C N   
598 C CA  . VAL C 14 ? 0.0618 0.0504 0.0924 0.0092  0.0069  -0.0025 14   VAL C CA  
599 C C   . VAL C 14 ? 0.0534 0.0529 0.0861 0.0149  0.0081  -0.0054 14   VAL C C   
600 O O   . VAL C 14 ? 0.0753 0.0578 0.0920 0.0148  0.0218  -0.0046 14   VAL C O   
601 C CB  . VAL C 14 ? 0.0646 0.0678 0.1019 0.0145  0.0138  -0.0056 14   VAL C CB  
602 C CG1 . VAL C 14 ? 0.0770 0.0838 0.1311 0.0021  0.0255  0.0083  14   VAL C CG1 
603 C CG2 . VAL C 14 ? 0.0594 0.0928 0.1264 0.0152  -0.0004 -0.0178 14   VAL C CG2 
604 N N   . ARG C 15 ? 0.0616 0.0598 0.0849 0.0128  0.0159  -0.0054 15   ARG C N   
605 C CA  . ARG C 15 ? 0.0656 0.0628 0.0818 0.0186  0.0180  0.0000  15   ARG C CA  
606 C C   . ARG C 15 ? 0.0730 0.0619 0.0961 0.0180  0.0128  -0.0033 15   ARG C C   
607 O O   . ARG C 15 ? 0.0729 0.0848 0.0914 0.0174  0.0163  0.0034  15   ARG C O   
608 C CB  . ARG C 15 ? 0.0797 0.0662 0.0842 0.0230  0.0121  -0.0035 15   ARG C CB  
609 C CG  . ARG C 15 ? 0.0805 0.0622 0.0945 0.0165  0.0162  -0.0077 15   ARG C CG  
610 C CD  . ARG C 15 ? 0.0861 0.0736 0.0959 0.0075  0.0128  -0.0062 15   ARG C CD  
611 N NE  . ARG C 15 ? 0.0848 0.0685 0.0966 0.0057  0.0154  -0.0040 15   ARG C NE  
612 C CZ  . ARG C 15 ? 0.0743 0.0899 0.0983 0.0119  0.0141  -0.0123 15   ARG C CZ  
613 N NH1 . ARG C 15 ? 0.0799 0.0880 0.1095 0.0103  0.0182  0.0024  15   ARG C NH1 
614 N NH2 . ARG C 15 ? 0.0834 0.1006 0.1123 0.0024  0.0244  0.0015  15   ARG C NH2 
615 N N   . LYS C 16 ? 0.0740 0.0715 0.0891 0.0235  0.0143  -0.0031 16   LYS C N   
616 C CA  . LYS C 16 ? 0.0870 0.0731 0.0978 0.0223  -0.0015 0.0009  16   LYS C CA  
617 C C   . LYS C 16 ? 0.0868 0.0774 0.0883 0.0161  0.0084  0.0004  16   LYS C C   
618 O O   . LYS C 16 ? 0.0980 0.0727 0.1007 0.0229  0.0103  0.0060  16   LYS C O   
619 C CB  . LYS C 16 ? 0.1064 0.0792 0.1055 0.0087  -0.0045 0.0046  16   LYS C CB  
620 C CG  . LYS C 16 ? 0.1173 0.1043 0.1126 0.0074  -0.0138 -0.0002 16   LYS C CG  
621 C CD  . LYS C 16 ? 0.1552 0.1291 0.1397 -0.0075 -0.0235 0.0017  16   LYS C CD  
622 C CE  . LYS C 16 ? 0.1657 0.1479 0.1418 -0.0058 -0.0254 0.0037  16   LYS C CE  
623 N NZ  . LYS C 16 ? 0.1875 0.1639 0.1575 -0.0131 -0.0197 0.0150  16   LYS C NZ  
624 N N   . DPN C 17 ? 0.1063 0.0800 0.0896 0.0246  0.0152  0.0094  17   DPN C N   
625 C CA  . DPN C 17 ? 0.1215 0.0916 0.0938 0.0195  0.0249  0.0131  17   DPN C CA  
626 C C   . DPN C 17 ? 0.1243 0.0714 0.0959 0.0225  0.0248  0.0110  17   DPN C C   
627 O O   . DPN C 17 ? 0.1291 0.0928 0.0904 0.0323  0.0319  0.0099  17   DPN C O   
628 C CB  . DPN C 17 ? 0.1293 0.0885 0.1104 0.0283  0.0201  0.0185  17   DPN C CB  
629 C CG  . DPN C 17 ? 0.1625 0.0855 0.1432 0.0205  0.0188  0.0262  17   DPN C CG  
630 C CD1 . DPN C 17 ? 0.1822 0.0971 0.1634 0.0085  0.0273  0.0258  17   DPN C CD1 
631 C CD2 . DPN C 17 ? 0.1841 0.1165 0.1515 0.0096  0.0168  0.0359  17   DPN C CD2 
632 C CE1 . DPN C 17 ? 0.1988 0.0980 0.1817 -0.0033 0.0306  0.0269  17   DPN C CE1 
633 C CE2 . DPN C 17 ? 0.2018 0.1402 0.1593 0.0092  0.0228  0.0350  17   DPN C CE2 
634 C CZ  . DPN C 17 ? 0.2030 0.1137 0.1742 0.0082  0.0329  0.0379  17   DPN C CZ  
635 N N   . GLY C 18 ? 0.1101 0.0818 0.0927 0.0181  0.0287  0.0052  18   GLY C N   
636 C CA  . GLY C 18 ? 0.1159 0.0863 0.1001 0.0039  0.0279  0.0033  18   GLY C CA  
637 C C   . GLY C 18 ? 0.1078 0.0982 0.0910 0.0104  0.0303  0.0052  18   GLY C C   
638 O O   . GLY C 18 ? 0.1123 0.1098 0.1093 0.0038  0.0245  0.0033  18   GLY C O   
639 N N   . GLU C 19 ? 0.0977 0.0925 0.0881 0.0202  0.0238  0.0062  19   GLU C N   
640 C CA  . GLU C 19 ? 0.0924 0.0966 0.0923 0.0277  0.0286  0.0065  19   GLU C CA  
641 C C   . GLU C 19 ? 0.0765 0.0839 0.0824 0.0190  0.0140  -0.0030 19   GLU C C   
642 O O   . GLU C 19 ? 0.0795 0.0889 0.0983 0.0282  0.0281  0.0100  19   GLU C O   
643 C CB  . GLU C 19 ? 0.1364 0.1165 0.0982 0.0264  0.0168  0.0006  19   GLU C CB  
644 C CG  . GLU C 19 ? 0.1588 0.1490 0.1135 0.0148  0.0326  -0.0059 19   GLU C CG  
645 C CD  . GLU C 19 ? 0.1728 0.1923 0.1311 0.0068  0.0497  -0.0031 19   GLU C CD  
646 O OE1 . GLU C 19 ? 0.1611 0.2379 0.2044 0.0080  0.0539  0.0123  19   GLU C OE1 
647 O OE2 . GLU C 19 ? 0.1802 0.2144 0.1679 -0.0153 0.0589  -0.0209 19   GLU C OE2 
648 N N   . TRP C 20 ? 0.0664 0.0790 0.0952 0.0112  0.0147  0.0027  20   TRP C N   
649 C CA  . TRP C 20 ? 0.0666 0.0673 0.0951 0.0108  0.0144  -0.0091 20   TRP C CA  
650 C C   . TRP C 20 ? 0.0697 0.0782 0.0864 0.0126  0.0122  -0.0065 20   TRP C C   
651 O O   . TRP C 20 ? 0.0857 0.0965 0.1103 0.0089  0.0263  -0.0276 20   TRP C O   
652 C CB  . TRP C 20 ? 0.0721 0.0694 0.1099 0.0132  0.0110  -0.0044 20   TRP C CB  
653 C CG  . TRP C 20 ? 0.0764 0.0745 0.1030 0.0091  0.0001  -0.0020 20   TRP C CG  
654 C CD1 . TRP C 20 ? 0.0801 0.0873 0.1118 0.0039  -0.0035 -0.0027 20   TRP C CD1 
655 C CD2 . TRP C 20 ? 0.0874 0.0736 0.1092 0.0108  -0.0053 -0.0017 20   TRP C CD2 
656 N NE1 . TRP C 20 ? 0.0920 0.1012 0.1243 0.0013  -0.0096 -0.0054 20   TRP C NE1 
657 C CE2 . TRP C 20 ? 0.1052 0.0832 0.1136 0.0105  -0.0109 -0.0128 20   TRP C CE2 
658 C CE3 . TRP C 20 ? 0.1025 0.0779 0.1073 0.0203  -0.0018 -0.0129 20   TRP C CE3 
659 C CZ2 . TRP C 20 ? 0.1362 0.1049 0.1332 0.0059  -0.0053 -0.0239 20   TRP C CZ2 
660 C CZ3 . TRP C 20 ? 0.1282 0.1060 0.1157 0.0204  0.0069  -0.0157 20   TRP C CZ3 
661 C CH2 . TRP C 20 ? 0.1497 0.1152 0.1164 0.0169  -0.0016 -0.0241 20   TRP C CH2 
662 N N   . VAL C 21 ? 0.0731 0.0653 0.0841 0.0138  0.0062  -0.0056 21   VAL C N   
663 C CA  A VAL C 21 ? 0.0848 0.0751 0.0936 0.0103  -0.0068 -0.0072 21   VAL C CA  
664 C CA  B VAL C 21 ? 0.0712 0.0613 0.0804 0.0127  0.0008  -0.0049 21   VAL C CA  
665 C C   . VAL C 21 ? 0.0749 0.0633 0.0941 0.0146  -0.0055 -0.0110 21   VAL C C   
666 O O   . VAL C 21 ? 0.0898 0.0586 0.0860 0.0159  0.0094  -0.0089 21   VAL C O   
667 C CB  A VAL C 21 ? 0.1038 0.0864 0.1241 0.0065  -0.0172 0.0105  21   VAL C CB  
668 C CB  B VAL C 21 ? 0.0678 0.0504 0.0714 0.0083  -0.0017 0.0034  21   VAL C CB  
669 C CG1 A VAL C 21 ? 0.1151 0.1200 0.1268 0.0076  -0.0074 0.0257  21   VAL C CG1 
670 C CG1 B VAL C 21 ? 0.0571 0.0376 0.0655 0.0068  -0.0046 0.0110  21   VAL C CG1 
671 C CG2 A VAL C 21 ? 0.1209 0.1034 0.1358 0.0061  -0.0156 0.0046  21   VAL C CG2 
672 C CG2 B VAL C 21 ? 0.0730 0.0505 0.0627 0.0130  -0.0015 0.0052  21   VAL C CG2 
673 N N   . LEU C 22 ? 0.0752 0.0667 0.0853 0.0124  0.0077  -0.0131 22   LEU C N   
674 C CA  . LEU C 22 ? 0.0777 0.0601 0.1031 0.0087  0.0035  -0.0086 22   LEU C CA  
675 C C   . LEU C 22 ? 0.0741 0.0526 0.1066 0.0069  0.0002  -0.0059 22   LEU C C   
676 O O   . LEU C 22 ? 0.0736 0.0831 0.0979 0.0158  -0.0045 -0.0074 22   LEU C O   
677 C CB  . LEU C 22 ? 0.0868 0.0594 0.1014 0.0129  0.0058  -0.0095 22   LEU C CB  
678 C CG  . LEU C 22 ? 0.0910 0.0739 0.1204 0.0164  0.0079  -0.0154 22   LEU C CG  
679 C CD1 . LEU C 22 ? 0.1331 0.0964 0.1356 0.0355  0.0019  -0.0339 22   LEU C CD1 
680 C CD2 . LEU C 22 ? 0.0928 0.0688 0.1311 0.0168  0.0046  -0.0046 22   LEU C CD2 
681 N N   . LEU C 23 ? 0.0666 0.0585 0.1026 0.0068  -0.0039 0.0045  23   LEU C N   
682 C CA  . LEU C 23 ? 0.0677 0.0580 0.1050 0.0026  -0.0014 0.0020  23   LEU C CA  
683 C C   . LEU C 23 ? 0.0781 0.0658 0.0984 -0.0041 -0.0017 0.0054  23   LEU C C   
684 O O   . LEU C 23 ? 0.0668 0.0824 0.0914 -0.0082 0.0020  0.0079  23   LEU C O   
685 C CB  . LEU C 23 ? 0.0656 0.0636 0.1023 0.0084  0.0008  -0.0005 23   LEU C CB  
686 C CG  . LEU C 23 ? 0.0687 0.0626 0.1068 0.0063  0.0029  -0.0030 23   LEU C CG  
687 C CD1 . LEU C 23 ? 0.0795 0.0761 0.1161 0.0140  0.0070  -0.0003 23   LEU C CD1 
688 C CD2 . LEU C 23 ? 0.0854 0.0765 0.1072 0.0136  0.0113  -0.0044 23   LEU C CD2 
689 N N   . SER C 24 ? 0.0815 0.0611 0.1110 -0.0044 -0.0039 -0.0014 24   SER C N   
690 C CA  . SER C 24 ? 0.0996 0.0679 0.1197 -0.0038 0.0014  -0.0017 24   SER C CA  
691 C C   . SER C 24 ? 0.0907 0.0737 0.1111 -0.0022 0.0113  -0.0134 24   SER C C   
692 O O   . SER C 24 ? 0.1064 0.0905 0.1291 -0.0140 -0.0128 -0.0127 24   SER C O   
693 C CB  . SER C 24 ? 0.1271 0.0702 0.1384 0.0036  -0.0165 0.0032  24   SER C CB  
694 O OG  . SER C 24 ? 0.1295 0.0943 0.1595 0.0199  -0.0006 -0.0074 24   SER C OG  
695 N N   . THR C 25 ? 0.0838 0.1118 0.0979 0.0074  0.0122  0.0015  25   THR C N   
696 C CA  A THR C 25 ? 0.1036 0.1234 0.1053 0.0091  0.0082  0.0018  25   THR C CA  
697 C CA  B THR C 25 ? 0.1048 0.1253 0.1040 0.0069  0.0156  0.0020  25   THR C CA  
698 C C   . THR C 25 ? 0.1020 0.1151 0.0894 0.0031  0.0036  -0.0094 25   THR C C   
699 O O   . THR C 25 ? 0.1121 0.1430 0.0972 0.0123  -0.0057 -0.0212 25   THR C O   
700 C CB  A THR C 25 ? 0.1011 0.1308 0.1078 0.0153  0.0109  0.0090  25   THR C CB  
701 C CB  B THR C 25 ? 0.1147 0.1443 0.1124 0.0046  0.0273  0.0127  25   THR C CB  
702 O OG1 A THR C 25 ? 0.0969 0.1138 0.1012 0.0060  0.0090  0.0052  25   THR C OG1 
703 O OG1 B THR C 25 ? 0.1270 0.1604 0.1241 -0.0001 0.0316  0.0084  25   THR C OG1 
704 C CG2 A THR C 25 ? 0.1129 0.1497 0.1376 -0.0004 -0.0066 0.0183  25   THR C CG2 
705 C CG2 B THR C 25 ? 0.1173 0.1512 0.1254 0.0031  0.0359  0.0170  25   THR C CG2 
706 N N   . PHE C 26 ? 0.0740 0.0931 0.0843 0.0017  0.0024  -0.0141 26   PHE C N   
707 C CA  . PHE C 26 ? 0.0801 0.0993 0.0801 -0.0023 -0.0009 -0.0102 26   PHE C CA  
708 C C   . PHE C 26 ? 0.0754 0.1004 0.0987 -0.0055 -0.0003 -0.0093 26   PHE C C   
709 O O   . PHE C 26 ? 0.0762 0.1132 0.1129 -0.0045 -0.0013 -0.0006 26   PHE C O   
710 C CB  . PHE C 26 ? 0.0912 0.0957 0.0768 -0.0026 -0.0006 -0.0116 26   PHE C CB  
711 C CG  . PHE C 26 ? 0.1040 0.0848 0.0768 0.0004  -0.0024 -0.0040 26   PHE C CG  
712 C CD1 . PHE C 26 ? 0.1477 0.1064 0.1058 0.0001  -0.0168 0.0027  26   PHE C CD1 
713 C CD2 . PHE C 26 ? 0.1097 0.0935 0.0993 -0.0113 -0.0030 0.0055  26   PHE C CD2 
714 C CE1 . PHE C 26 ? 0.1811 0.1185 0.1073 0.0010  -0.0079 0.0046  26   PHE C CE1 
715 C CE2 . PHE C 26 ? 0.1353 0.1100 0.1141 -0.0221 0.0124  -0.0080 26   PHE C CE2 
716 C CZ  . PHE C 26 ? 0.1731 0.1085 0.1317 -0.0214 0.0138  0.0021  26   PHE C CZ  
717 N N   . LEU C 27 ? 0.0803 0.0956 0.1173 -0.0088 0.0016  0.0053  27   LEU C N   
718 C CA  . LEU C 27 ? 0.0842 0.1142 0.1444 -0.0164 0.0093  0.0077  27   LEU C CA  
719 C C   . LEU C 27 ? 0.1001 0.1196 0.1745 -0.0217 -0.0052 0.0032  27   LEU C C   
720 O O   . LEU C 27 ? 0.1193 0.1457 0.2065 -0.0286 -0.0054 0.0145  27   LEU C O   
721 C CB  . LEU C 27 ? 0.0905 0.1343 0.1423 -0.0208 0.0085  0.0213  27   LEU C CB  
722 C CG  . LEU C 27 ? 0.0964 0.1419 0.1294 -0.0315 0.0164  0.0329  27   LEU C CG  
723 C CD1 . LEU C 27 ? 0.1229 0.1703 0.1422 -0.0364 0.0004  0.0511  27   LEU C CD1 
724 C CD2 . LEU C 27 ? 0.1256 0.1714 0.1538 -0.0130 0.0236  0.0137  27   LEU C CD2 
725 O OXT . LEU C 27 ? 0.1344 0.1415 0.1897 -0.0245 -0.0032 -0.0065 27   LEU C OXT 
726 O O1  . PG4 D .  ? 0.2995 0.3001 0.2958 0.0090  -0.0034 0.0114  1028 PG4 C O1  
727 C C1  . PG4 D .  ? 0.2739 0.2837 0.2640 0.0140  -0.0038 0.0099  1028 PG4 C C1  
728 C C2  . PG4 D .  ? 0.2551 0.2752 0.2493 0.0206  -0.0060 0.0100  1028 PG4 C C2  
729 O O2  . PG4 D .  ? 0.2311 0.2694 0.2051 0.0187  -0.0176 0.0154  1028 PG4 C O2  
730 C C3  . PG4 D .  ? 0.2494 0.2707 0.2326 0.0118  -0.0136 0.0100  1028 PG4 C C3  
731 C C4  . PG4 D .  ? 0.2515 0.2643 0.2339 0.0082  -0.0213 0.0035  1028 PG4 C C4  
732 O O3  . PG4 D .  ? 0.2523 0.2627 0.2272 0.0102  -0.0246 -0.0033 1028 PG4 C O3  
733 C C5  . PG4 D .  ? 0.2560 0.2656 0.2464 0.0049  -0.0186 -0.0006 1028 PG4 C C5  
734 C C6  . PG4 D .  ? 0.2642 0.2705 0.2594 0.0012  -0.0121 -0.0004 1028 PG4 C C6  
735 O O4  . PG4 D .  ? 0.2758 0.2832 0.2510 -0.0079 -0.0054 -0.0039 1028 PG4 C O4  
736 C C7  . PG4 D .  ? 0.2884 0.2873 0.2534 -0.0101 0.0039  0.0077  1028 PG4 C C7  
737 O O   . HOH E .  ? 0.1830 0.1934 0.2019 -0.0918 -0.0393 0.0355  2001 HOH A O   
738 O O   . HOH E .  ? 0.4251 0.2817 0.3727 -0.1055 0.1213  -0.0167 2002 HOH A O   
739 O O   . HOH E .  ? 0.2151 0.1461 0.2211 -0.0054 -0.0322 -0.0352 2003 HOH A O   
740 O O   . HOH E .  ? 0.3140 0.2514 0.2788 0.0048  0.0097  0.0164  2004 HOH A O   
741 O O   . HOH E .  ? 0.1621 0.1193 0.1557 0.0165  0.0451  -0.0175 2005 HOH A O   
742 O O   . HOH E .  ? 0.8015 0.1953 0.3780 -0.2324 -0.1572 0.1152  2006 HOH A O   
743 O O   . HOH E .  ? 0.2417 0.2568 0.1837 0.0692  0.0091  0.0114  2007 HOH A O   
744 O O   . HOH E .  ? 0.3689 0.2730 0.4457 -0.0998 0.0741  -0.1269 2008 HOH A O   
745 O O   . HOH E .  ? 0.4624 0.3677 0.4745 -0.1315 0.1062  0.0019  2009 HOH A O   
746 O O   . HOH E .  ? 0.4575 0.2774 0.3159 0.0444  0.1000  0.0008  2010 HOH A O   
747 O O   . HOH E .  ? 0.2108 0.2661 0.2364 0.1009  0.0660  0.0702  2011 HOH A O   
748 O O   . HOH E .  ? 0.1562 0.1972 0.4555 0.0017  0.0621  -0.1069 2012 HOH A O   
749 O O   . HOH E .  ? 0.3534 0.1686 0.2388 0.0288  0.0469  -0.0248 2013 HOH A O   
750 O O   . HOH E .  ? 0.3356 0.1075 0.3528 -0.0294 -0.0293 0.0060  2014 HOH A O   
751 O O   . HOH E .  ? 0.5165 0.4736 0.8757 -0.2782 0.5483  -0.0475 2015 HOH A O   
752 O O   . HOH E .  ? 0.1498 0.1402 0.2317 0.0201  -0.0235 -0.0330 2016 HOH A O   
753 O O   . HOH E .  ? 0.1510 0.1112 0.2166 0.0162  0.0297  0.0496  2017 HOH A O   
754 O O   . HOH E .  ? 0.3678 0.1222 0.2856 0.0295  -0.0078 0.0018  2018 HOH A O   
755 O O   . HOH E .  ? 0.2009 0.3679 0.1894 0.1442  -0.0035 -0.1026 2019 HOH A O   
756 O O   . HOH E .  ? 0.0577 0.3622 0.1492 -0.0102 0.0154  0.1320  2020 HOH A O   
757 O O   . HOH E .  ? 0.3997 0.4201 0.2931 0.0893  -0.0534 0.0301  2021 HOH A O   
758 O O   . HOH E .  ? 0.5607 0.2578 0.7169 0.0993  0.2252  0.0154  2022 HOH A O   
759 O O   . HOH E .  ? 0.2031 0.1178 0.2289 0.0620  0.0822  0.0481  2023 HOH A O   
760 O O   . HOH E .  ? 0.3345 0.1644 0.2696 -0.0643 0.0900  -0.0282 2024 HOH A O   
761 O O   . HOH E .  ? 0.1979 0.1484 0.2055 0.0040  0.0364  0.0406  2025 HOH A O   
762 O O   . HOH E .  ? 0.1893 0.2210 0.2727 0.0571  0.0170  -0.0835 2026 HOH A O   
763 O O   . HOH E .  ? 0.4027 0.1499 0.5443 0.0552  0.1314  0.0523  2027 HOH A O   
764 O O   . HOH E .  ? 0.3517 0.4293 0.2191 0.0488  0.0495  -0.0167 2028 HOH A O   
765 O O   . HOH E .  ? 0.2464 0.2688 0.2346 0.0473  0.1049  0.0032  2029 HOH A O   
766 O O   . HOH E .  ? 0.3733 0.4048 0.3258 0.0785  0.0811  -0.1414 2030 HOH A O   
767 O O   . HOH E .  ? 0.2057 0.3788 0.3158 0.0673  -0.0270 -0.1336 2031 HOH A O   
768 O O   . HOH E .  ? 0.3762 0.2060 0.3118 -0.0186 -0.1238 0.1110  2032 HOH A O   
769 O O   . HOH E .  ? 0.1238 0.0969 0.1373 0.0401  -0.0015 -0.0025 2033 HOH A O   
770 O O   . HOH E .  ? 0.5549 0.6029 0.1911 -0.1183 0.0086  0.0246  2034 HOH A O   
771 O O   . HOH E .  ? 0.1951 0.2371 0.2381 -0.0467 -0.0780 -0.0023 2035 HOH A O   
772 O O   . HOH E .  ? 0.0958 0.1091 0.1284 0.0101  -0.0197 -0.0030 2036 HOH A O   
773 O O   . HOH E .  ? 0.1706 0.0893 0.1360 0.0273  0.0275  -0.0258 2037 HOH A O   
774 O O   . HOH E .  ? 0.1708 0.1256 0.2276 0.0426  0.0058  -0.0063 2038 HOH A O   
775 O O   . HOH E .  ? 0.1361 0.1524 0.2531 0.0135  0.0044  -0.0153 2039 HOH A O   
776 O O   . HOH E .  ? 0.2799 0.3450 0.3274 0.0170  0.1368  -0.0620 2040 HOH A O   
777 O O   . HOH E .  ? 0.1005 0.2160 0.2272 0.0323  0.0406  -0.0608 2041 HOH A O   
778 O O   . HOH E .  ? 0.1293 0.5295 0.2051 0.0089  0.0366  -0.0745 2042 HOH A O   
779 O O   . HOH E .  ? 0.1017 0.1656 0.1605 0.0408  0.0267  -0.0377 2043 HOH A O   
780 O O   . HOH E .  ? 0.2238 0.1562 0.2218 -0.0328 -0.0306 -0.0355 2044 HOH A O   
781 O O   . HOH E .  ? 0.1442 0.0960 0.1598 0.0170  0.0271  -0.0209 2045 HOH A O   
782 O O   . HOH E .  ? 0.5679 0.2249 0.3314 -0.0779 0.1344  0.0140  2046 HOH A O   
783 O O   . HOH E .  ? 0.3253 0.2547 0.4534 0.0931  -0.0164 -0.0369 2047 HOH A O   
784 O O   . HOH E .  ? 0.2775 0.1268 0.1279 0.0007  -0.0214 -0.0421 2048 HOH A O   
785 O O   . HOH E .  ? 0.1682 0.2363 0.2077 0.0892  0.0170  -0.0628 2049 HOH A O   
786 O O   . HOH E .  ? 0.1950 0.1577 0.2893 0.0374  -0.0273 -0.0033 2050 HOH A O   
787 O O   . HOH E .  ? 0.1362 0.1329 0.2654 0.0650  -0.0023 -0.0697 2051 HOH A O   
788 O O   . HOH E .  ? 0.1503 0.1399 0.1797 -0.0260 -0.0220 0.0152  2052 HOH A O   
789 O O   . HOH E .  ? 0.1386 0.5846 0.4684 -0.1176 0.1038  -0.1611 2053 HOH A O   
790 O O   . HOH E .  ? 0.2411 0.2754 0.4085 -0.0597 -0.0057 0.0805  2054 HOH A O   
791 O O   . HOH E .  ? 0.4859 0.2509 0.2107 0.1126  0.1605  0.0108  2055 HOH A O   
792 O O   . HOH E .  ? 0.2203 0.2220 0.1771 -0.0370 -0.0136 -0.0295 2056 HOH A O   
793 O O   . HOH E .  ? 0.2703 0.3814 0.2138 -0.0435 -0.0238 0.0033  2057 HOH A O   
794 O O   . HOH E .  ? 0.2906 0.2191 0.1588 -0.0095 0.0546  -0.0363 2058 HOH A O   
795 O O   . HOH F .  ? 0.1814 0.1743 0.5367 0.0246  -0.0636 0.0230  2001 HOH B O   
796 O O   . HOH F .  ? 0.3194 0.2935 0.3275 -0.0479 -0.1197 -0.0334 2002 HOH B O   
797 O O   . HOH F .  ? 0.3804 0.5667 0.3435 -0.1723 -0.0845 0.0474  2003 HOH B O   
798 O O   . HOH F .  ? 0.4666 0.3995 0.3328 -0.1458 0.0047  0.0280  2004 HOH B O   
799 O O   . HOH F .  ? 0.2421 0.2551 0.5950 0.0940  0.0991  0.0258  2005 HOH B O   
800 O O   . HOH F .  ? 0.1609 0.2600 0.2331 0.0367  -0.0218 0.0192  2006 HOH B O   
801 O O   . HOH F .  ? 0.4361 0.2651 0.2857 -0.0483 -0.1672 0.0441  2007 HOH B O   
802 O O   . HOH F .  ? 0.2515 0.4166 0.2290 0.0348  -0.0053 0.0828  2008 HOH B O   
803 O O   . HOH F .  ? 0.2946 0.2295 0.1425 -0.1084 0.0432  0.0059  2009 HOH B O   
804 O O   . HOH F .  ? 0.1542 0.1163 0.2020 0.0094  -0.0566 -0.0164 2010 HOH B O   
805 O O   . HOH F .  ? 0.2010 0.1015 0.1558 0.0375  0.0107  0.0127  2011 HOH B O   
806 O O   . HOH F .  ? 0.2372 0.6316 0.2821 0.0989  0.0103  0.1691  2012 HOH B O   
807 O O   . HOH F .  ? 0.1605 0.3317 0.1549 -0.0607 -0.0007 -0.0050 2013 HOH B O   
808 O O   . HOH F .  ? 0.2094 0.1960 0.2518 -0.0159 -0.0190 0.0302  2014 HOH B O   
809 O O   . HOH F .  ? 0.1375 0.1265 0.1204 -0.0035 0.0178  -0.0243 2015 HOH B O   
810 O O   . HOH F .  ? 0.0899 0.1007 0.1292 0.0175  0.0214  -0.0246 2016 HOH B O   
811 O O   . HOH F .  ? 0.3060 0.5755 0.2598 -0.0379 0.0208  -0.0904 2017 HOH B O   
812 O O   . HOH F .  ? 0.0862 0.1139 0.1213 0.0007  0.0189  -0.0389 2018 HOH B O   
813 O O   . HOH F .  ? 0.3104 0.3276 0.2181 0.0926  0.0086  0.0751  2019 HOH B O   
814 O O   . HOH F .  ? 0.3099 0.5965 0.2882 0.0065  0.0279  0.1673  2020 HOH B O   
815 O O   . HOH F .  ? 0.1691 0.1726 0.1442 0.0303  0.0636  0.0078  2021 HOH B O   
816 O O   . HOH F .  ? 0.2580 0.2605 0.2043 -0.0275 -0.0209 -0.0707 2022 HOH B O   
817 O O   . HOH F .  ? 0.4154 0.1690 0.1518 0.0749  -0.0300 -0.0037 2023 HOH B O   
818 O O   . HOH F .  ? 0.1169 0.2634 0.2644 0.0571  0.0200  -0.0940 2024 HOH B O   
819 O O   . HOH F .  ? 0.2280 0.3365 0.2842 0.0283  -0.0512 -0.0715 2025 HOH B O   
820 O O   . HOH F .  ? 0.3519 0.3114 0.1898 0.0006  0.0297  0.0374  2026 HOH B O   
821 O O   . HOH F .  ? 0.2197 0.2198 0.4457 -0.0167 0.0181  0.0407  2027 HOH B O   
822 O O   . HOH F .  ? 0.6136 0.2448 0.2329 -0.0560 -0.0328 0.0254  2028 HOH B O   
823 O O   . HOH F .  ? 0.2677 0.2518 0.4166 0.0648  0.0453  0.0899  2029 HOH B O   
824 O O   . HOH F .  ? 0.1853 0.2345 0.3576 0.0872  0.0670  0.0688  2030 HOH B O   
825 O O   . HOH F .  ? 0.2039 0.1519 0.3020 0.0018  0.0338  -0.0036 2031 HOH B O   
826 O O   . HOH F .  ? 0.1460 0.0928 0.2214 0.0170  -0.1041 -0.0335 2032 HOH B O   
827 O O   . HOH F .  ? 0.2843 0.6043 0.4944 0.0630  0.1183  -0.1325 2033 HOH B O   
828 O O   . HOH F .  ? 0.0639 0.6822 0.8030 -0.0063 0.1604  0.2405  2034 HOH B O   
829 O O   . HOH F .  ? 0.2781 0.3335 0.2356 -0.0585 0.1138  0.0341  2035 HOH B O   
830 O O   . HOH F .  ? 0.1393 0.1724 0.2317 -0.0724 0.1209  -0.1047 2036 HOH B O   
831 O O   . HOH F .  ? 0.1201 0.2321 0.2001 -0.0524 0.0726  -0.0773 2037 HOH B O   
832 O O   . HOH F .  ? 0.2865 0.4980 0.1710 -0.0917 0.0436  -0.0046 2038 HOH B O   
833 O O   . HOH F .  ? 0.1930 0.4457 0.2050 0.0495  -0.0122 -0.1518 2039 HOH B O   
834 O O   . HOH F .  ? 0.2169 0.2082 0.1944 0.0197  -0.0379 -0.0349 2040 HOH B O   
835 O O   . HOH F .  ? 0.4175 0.4128 0.2675 -0.1263 0.0859  0.0545  2041 HOH B O   
836 O O   . HOH F .  ? 0.2308 0.3461 0.2995 0.0981  0.0538  0.0272  2042 HOH B O   
837 O O   . HOH F .  ? 0.4469 0.2482 0.4657 0.0136  -0.1286 0.0815  2043 HOH B O   
838 O O   . HOH F .  ? 0.1457 0.2113 0.1839 0.0028  0.0019  0.0139  2044 HOH B O   
839 O O   . HOH F .  ? 0.3552 0.1338 0.4353 0.0218  -0.1352 0.0386  2045 HOH B O   
840 O O   . HOH F .  ? 0.4559 0.1562 0.1960 0.0406  0.0417  0.0481  2046 HOH B O   
841 O O   . HOH F .  ? 0.2240 0.1515 0.2002 0.0650  0.0529  0.0264  2047 HOH B O   
842 O O   . HOH F .  ? 0.1984 0.3410 0.2360 -0.0543 -0.0588 -0.0427 2048 HOH B O   
843 O O   . HOH F .  ? 0.3159 0.1637 0.2616 -0.0362 -0.0226 0.0412  2049 HOH B O   
844 O O   . HOH F .  ? 0.2340 0.7223 0.1792 0.0431  -0.0034 0.0035  2050 HOH B O   
845 O O   . HOH F .  ? 0.2006 0.3189 0.1391 0.0330  -0.0287 -0.0940 2051 HOH B O   
846 O O   . HOH F .  ? 0.2591 0.5127 0.2989 0.0918  0.0783  0.1855  2052 HOH B O   
847 O O   . HOH F .  ? 0.3900 0.4662 0.2151 0.1505  0.0673  -0.0506 2053 HOH B O   
848 O O   . HOH F .  ? 0.2212 0.3832 0.1450 0.0442  0.0309  0.0691  2054 HOH B O   
849 O O   . HOH F .  ? 0.2093 0.2771 0.3588 0.0036  0.0951  0.0962  2055 HOH B O   
850 O O   . HOH F .  ? 0.1866 0.4119 0.1980 -0.0611 0.0940  -0.0564 2056 HOH B O   
851 O O   . HOH F .  ? 0.3357 0.2297 0.2968 0.0221  0.1332  0.0489  2057 HOH B O   
852 O O   . HOH F .  ? 0.1770 0.1482 0.2402 0.0200  0.0175  -0.0325 2058 HOH B O   
853 O O   . HOH F .  ? 0.1771 0.2610 0.1653 -0.0271 0.0013  -0.0922 2059 HOH B O   
854 O O   . HOH F .  ? 0.3973 0.2817 0.6371 0.0325  -0.0233 0.1350  2060 HOH B O   
855 O O   . HOH G .  ? 0.4859 0.2605 0.3401 0.1100  -0.0460 0.0807  2001 HOH C O   
856 O O   . HOH G .  ? 0.4521 0.2700 0.3023 -0.0953 -0.0455 0.1345  2002 HOH C O   
857 O O   . HOH G .  ? 0.2848 0.1987 0.3872 0.0356  0.0632  -0.0281 2003 HOH C O   
858 O O   . HOH G .  ? 0.2665 0.1828 0.3523 -0.0869 0.0977  -0.1281 2004 HOH C O   
859 O O   . HOH G .  ? 0.4268 0.7504 0.1977 -0.3008 0.0431  0.2573  2005 HOH C O   
860 O O   . HOH G .  ? 0.3019 0.6406 0.2627 0.0339  0.0098  -0.1430 2006 HOH C O   
861 O O   . HOH G .  ? 0.4097 0.2892 0.3480 0.1039  0.1525  -0.0289 2007 HOH C O   
862 O O   . HOH G .  ? 0.2913 0.2197 0.3371 0.0858  -0.0772 -0.0014 2008 HOH C O   
863 O O   . HOH G .  ? 0.1011 0.0765 0.1203 -0.0003 0.0285  -0.0021 2009 HOH C O   
864 O O   . HOH G .  ? 0.2534 0.3046 0.3235 -0.0785 0.1053  -0.1569 2010 HOH C O   
865 O O   . HOH G .  ? 0.6071 3.5467 0.3821 0.0088  0.1411  0.3275  2011 HOH C O   
866 O O   . HOH G .  ? 0.3309 0.6638 0.8467 0.2685  0.2159  0.0025  2012 HOH C O   
867 O O   . HOH G .  ? 0.1908 0.1479 0.2186 0.0166  0.0774  -0.0909 2013 HOH C O   
868 O O   . HOH G .  ? 0.1732 0.2043 0.1429 -0.0171 0.0108  0.0064  2014 HOH C O   
869 O O   . HOH G .  ? 0.1228 0.1866 0.2461 -0.0091 0.0324  -0.0387 2015 HOH C O   
870 O O   . HOH G .  ? 0.1217 0.2325 0.1763 0.0388  0.0514  0.0620  2016 HOH C O   
871 O O   . HOH G .  ? 0.1106 0.1913 0.1993 0.0369  -0.0206 -0.0361 2017 HOH C O   
872 O O   . HOH G .  ? 0.1100 0.1279 0.0933 0.0170  0.0025  0.0101  2018 HOH C O   
873 O O   . HOH G .  ? 0.1525 0.1195 0.1746 0.0209  0.0243  0.0242  2019 HOH C O   
874 O O   . HOH G .  ? 0.2981 0.6329 0.2027 0.0950  0.0763  0.0003  2020 HOH C O   
875 O O   . HOH G .  ? 0.6273 0.5200 0.3203 -0.2035 0.1848  -0.1143 2021 HOH C O   
876 O O   . HOH G .  ? 0.1116 0.1561 0.2340 0.0234  0.0444  -0.0230 2022 HOH C O   
877 O O   . HOH G .  ? 0.0686 0.0986 0.0966 0.0327  0.0009  -0.0149 2023 HOH C O   
878 O O   . HOH G .  ? 0.1964 0.2914 0.1508 0.0216  0.0054  -0.0534 2024 HOH C O   
879 O O   . HOH G .  ? 0.3832 0.4008 0.2329 0.2313  0.0983  0.0098  2025 HOH C O   
880 O O   . HOH G .  ? 0.1962 0.2561 0.2910 0.0376  0.0615  -0.1324 2026 HOH C O   
881 O O   . HOH G .  ? 0.1250 0.1750 0.1366 0.0641  0.0345  -0.0183 2027 HOH C O   
882 O O   . HOH G .  ? 0.1526 0.1975 0.2047 0.0123  0.0576  -0.0486 2028 HOH C O   
883 O O   . HOH G .  ? 0.1444 0.4239 0.2927 0.0619  0.0288  -0.0845 2029 HOH C O   
884 O O   . HOH G .  ? 0.3183 0.3358 0.4193 0.0602  0.0538  -0.0941 2030 HOH C O   
885 O O   . HOH G .  ? 0.2113 0.2390 0.2258 -0.0447 0.0189  -0.0644 2031 HOH C O   
886 O O   . HOH G .  ? 0.1799 0.1075 0.3477 -0.0094 0.0058  -0.0065 2032 HOH C O   
887 O O   . HOH G .  ? 0.1904 0.1623 0.2820 0.0270  -0.0235 0.0612  2033 HOH C O   
888 O O   . HOH G .  ? 0.2398 0.3317 0.1436 0.1152  -0.0252 -0.0695 2034 HOH C O   
889 O O   . HOH G .  ? 0.1542 0.1342 0.1619 0.0091  -0.0054 -0.0121 2035 HOH C O   
890 O O   . HOH G .  ? 0.1407 0.0799 0.1385 0.0182  -0.0119 -0.0186 2036 HOH C O   
891 O O   . HOH G .  ? 0.1364 0.0875 0.1946 0.0199  0.0045  -0.0013 2037 HOH C O   
892 O O   . HOH G .  ? 0.0941 0.0666 0.1229 0.0072  -0.0115 0.0041  2038 HOH C O   
893 O O   . HOH G .  ? 0.1238 0.0801 0.1608 0.0047  -0.0097 0.0225  2039 HOH C O   
894 O O   . HOH G .  ? 0.3041 0.2064 0.1373 0.1270  0.0497  0.0017  2040 HOH C O   
895 O O   . HOH G .  ? 0.2783 0.2052 0.1486 0.1249  0.0523  0.0113  2041 HOH C O   
896 O O   . HOH G .  ? 0.1412 0.2375 0.2136 0.0332  0.0648  0.0237  2042 HOH C O   
897 O O   . HOH G .  ? 0.2561 0.2225 0.1594 0.0936  -0.0293 -0.0722 2043 HOH C O   
898 O O   . HOH G .  ? 0.7652 1.1431 0.6225 -0.2691 -0.1386 -0.2214 2044 HOH C O   
899 O O   . HOH G .  ? 0.2671 0.1988 0.3060 -0.0919 0.1587  -0.0581 2045 HOH C O   
900 O O   . HOH G .  ? 0.2350 0.4197 0.1958 -0.0305 0.0569  -0.1431 2046 HOH C O   
901 O O   . HOH G .  ? 0.2378 0.2000 0.2348 -0.0554 0.0291  0.0190  2047 HOH C O   
902 O O   . HOH G .  ? 0.1320 0.1034 0.1175 0.0285  0.0252  -0.0122 2048 HOH C O   
903 O O   . HOH G .  ? 0.0916 0.2683 0.1686 0.0283  0.0468  0.0330  2049 HOH C O   
904 O O   . HOH G .  ? 0.2740 0.2831 0.3366 0.0734  0.0498  0.0303  2050 HOH C O   
905 O O   . HOH G .  ? 0.2828 0.3536 0.7061 0.1086  -0.1022 -0.1561 2051 HOH C O   
906 O O   . HOH G .  ? 0.2726 0.2255 0.4773 0.0068  0.1717  0.0626  2052 HOH C O   
907 O O   . HOH G .  ? 0.2569 0.2764 0.1385 0.0685  0.0182  -0.0197 2053 HOH C O   
908 O O   . HOH G .  ? 0.2915 0.3843 0.2523 0.1964  -0.0019 -0.0343 2054 HOH C O   
909 O O   . HOH G .  ? 0.2556 0.1549 0.1067 0.0715  0.0056  -0.0380 2055 HOH C O   
910 O O   . HOH G .  ? 0.6921 0.3282 0.2672 -0.1350 0.1641  -0.0717 2056 HOH C O   
911 O O   . HOH G .  ? 0.1755 0.1888 0.1206 -0.0408 0.0167  -0.0100 2057 HOH C O   
912 O O   . HOH G .  ? 0.1770 0.2077 0.1392 -0.0251 0.0133  0.0133  2058 HOH C O   
913 O O   . HOH G .  ? 0.2233 0.1072 0.1455 0.0055  -0.0658 0.0049  2059 HOH C O   
914 O O   . HOH G .  ? 0.2015 0.1645 0.1529 -0.0023 0.0626  -0.0337 2060 HOH C O   
915 O O   . HOH G .  ? 0.2964 0.2051 0.2204 0.0576  -0.1070 -0.0444 2061 HOH C O   
# 
